data_7CQ5
#
_entry.id   7CQ5
#
_cell.length_a   1.00
_cell.length_b   1.00
_cell.length_c   1.00
_cell.angle_alpha   90.00
_cell.angle_beta   90.00
_cell.angle_gamma   90.00
#
_symmetry.space_group_name_H-M   'P 1'
#
loop_
_entity.id
_entity.type
_entity.pdbx_description
1 polymer 'Osteopetrosis-associated transmembrane protein 1'
2 polymer 'H(+)/Cl(-) exchange transporter 7'
3 branched 2-acetamido-2-deoxy-beta-D-glucopyranose-(1-4)-2-acetamido-2-deoxy-beta-D-glucopyranose
4 non-polymer "ADENOSINE-5'-TRIPHOSPHATE"
5 non-polymer 'CHLORIDE ION'
#
loop_
_entity_poly.entity_id
_entity_poly.type
_entity_poly.pdbx_seq_one_letter_code
_entity_poly.pdbx_strand_id
1 'polypeptide(L)'
;MEPGPTAAQRRCSLPPWLPLGLLLWSGLALGALPFGSSPHRVFHDLLSEQQLLEVEDLSLSLLQGGGLGPLSLPPDLPDL
DPECRELLLDFANSSAELTGCLVRSARPVRLCQTCYPLFQQVVSKMDNISRAAGNTSESQSCARSLLMADRMQIVVILSE
FFNTTWQEANCANCLTNNSEELSNSTVYFLNLFNHTLTCFEHNLQGNAHSLLQTKNYSEVCKNCREAYKTLSSLYSEMQK
MNELENKAEPGTHLCIDVEDAMNITRKLWSRTFNCSVPCSDTVPVIAVSVFILFLPVVFYLSSFLHSEQKKRKLILPKRL
KSSTSFANIQENSNLEHHHHHHHH
;
A,B
2 'polypeptide(L)'
;MASDYKDDDDKASDEVDAGTMANVSKKVSWSGRDRDDEEAAPLLRRTARPGGGTPLLNGAGPGAARQSPRSALFRVGHMS
SVELDDELLDPDMDPPHPFPKEIPHNEKLLSLKYESLDYDNSENQLFLEEERRINHTAFRTVEIKRWVICALIGILTGLV
ACFIDIVVENLAGLKYRVIKGNIDKFTEKGGLSFSLLLWATLNAAFVLVGSVIVAFIEPVAAGSGIPQIKCFLNGVKIPH
VVRLKTLVIKVSGVILSVVGGLAVGKEGPMIHSGSVIAAGISQGRSTSLKRDFKIFEYFRRDTEKRDFVSAGAAAGVSAA
FGAPVGGVLFSLEEGASFWNQFLTWRIFFASMISTFTLNFVLSIYHGNMWDLSSPGLINFGRFDSEKMAYTIHEIPVFIA
MGVVGGVLGAVFNALNYWLTMFRIRYIHRPCLQVIEAVLVAAVTATVAFVLIYSSRDCQPLQGGSMSYPLQLFCADGEYN
SMAAAFFNTPEKSVVSLFHDPPGSYNPLTLGLFTLVYFFLACWTYGLTVSAGVFIPSLLIGAAWGRLFGISLSYLTGAAI
WADPGKYALMGAAAQLGGIVRMTLSLTVIMMEATSNVTYGFPIMLVLMTAKIVGDVFIEGLYDMHIQLQSVPFLHWEAPV
TSHSLTAREVMSTPVTCLRRREKVGVIVDVLSDTASNHNGFPVVEHADDTQPARLQGLILRSQLIVLLKHKVFVERSNLG
LVQRRLRLKDFRDAYPRFPPIQSIHVSQDERECTMDLSEFMNPSPYTVPQEASLPRVFKLFRALGLRHLVVVDNRNQVVG
LVTRKDLARYRLGKRGLEELSLAQT
;
C,D
#
loop_
_chem_comp.id
_chem_comp.type
_chem_comp.name
_chem_comp.formula
ATP non-polymer ADENOSINE-5'-TRIPHOSPHATE 'C10 H16 N5 O13 P3'
CL non-polymer 'CHLORIDE ION' 'Cl -1'
NAG D-saccharide, beta linking 2-acetamido-2-deoxy-beta-D-glucopyranose 'C8 H15 N O6'
#
# COMPACT_ATOMS: atom_id res chain seq x y z
N SER A 72 -25.17 -56.25 19.26
CA SER A 72 -26.10 -55.19 18.89
C SER A 72 -25.42 -53.83 18.93
N LEU A 73 -24.21 -53.76 18.40
CA LEU A 73 -23.59 -52.47 18.12
C LEU A 73 -24.44 -51.71 17.10
N PRO A 74 -24.67 -50.42 17.28
CA PRO A 74 -25.63 -49.68 16.45
C PRO A 74 -25.14 -49.55 15.03
N PRO A 75 -26.03 -49.40 14.05
CA PRO A 75 -25.61 -49.33 12.65
C PRO A 75 -24.78 -48.09 12.36
N ASP A 76 -23.85 -48.25 11.40
CA ASP A 76 -22.92 -47.29 10.82
C ASP A 76 -21.77 -46.95 11.77
N LEU A 77 -21.83 -47.37 13.04
CA LEU A 77 -20.64 -47.08 13.85
C LEU A 77 -19.53 -48.09 13.57
N PRO A 78 -19.67 -49.45 13.79
CA PRO A 78 -18.52 -50.30 13.42
C PRO A 78 -18.47 -50.63 11.93
N ASP A 79 -19.64 -50.81 11.30
CA ASP A 79 -19.73 -51.24 9.91
C ASP A 79 -21.11 -50.91 9.38
N LEU A 80 -21.25 -51.05 8.06
CA LEU A 80 -22.41 -50.57 7.33
C LEU A 80 -23.52 -51.62 7.29
N ASP A 81 -24.76 -51.13 7.10
CA ASP A 81 -25.87 -52.03 6.84
C ASP A 81 -25.85 -52.46 5.37
N PRO A 82 -26.33 -53.68 5.05
CA PRO A 82 -26.18 -54.18 3.67
C PRO A 82 -27.08 -53.51 2.64
N GLU A 83 -28.04 -52.67 3.04
CA GLU A 83 -28.78 -51.90 2.04
C GLU A 83 -27.91 -50.81 1.44
N CYS A 84 -26.96 -50.29 2.22
CA CYS A 84 -26.06 -49.25 1.76
C CYS A 84 -24.70 -49.81 1.36
N ARG A 85 -24.34 -50.98 1.89
CA ARG A 85 -23.09 -51.64 1.53
C ARG A 85 -23.08 -52.03 0.06
N GLU A 86 -24.16 -52.67 -0.41
CA GLU A 86 -24.24 -53.11 -1.81
C GLU A 86 -24.30 -51.93 -2.76
N LEU A 87 -24.85 -50.81 -2.30
CA LEU A 87 -24.85 -49.58 -3.07
C LEU A 87 -23.43 -49.02 -3.19
N LEU A 88 -22.63 -49.15 -2.12
CA LEU A 88 -21.21 -48.83 -2.22
C LEU A 88 -20.50 -49.80 -3.16
N LEU A 89 -20.91 -51.08 -3.18
CA LEU A 89 -20.26 -52.05 -4.05
C LEU A 89 -20.51 -51.74 -5.53
N ASP A 90 -21.73 -51.37 -5.90
CA ASP A 90 -21.92 -51.07 -7.31
C ASP A 90 -21.63 -49.63 -7.67
N PHE A 91 -21.29 -48.76 -6.70
CA PHE A 91 -20.48 -47.61 -7.07
C PHE A 91 -19.03 -48.03 -7.32
N ALA A 92 -18.54 -49.03 -6.59
CA ALA A 92 -17.18 -49.52 -6.80
C ALA A 92 -17.04 -50.30 -8.10
N ASN A 93 -18.14 -50.79 -8.66
CA ASN A 93 -18.07 -51.50 -9.93
C ASN A 93 -17.84 -50.54 -11.08
N SER A 94 -18.75 -49.57 -11.25
CA SER A 94 -18.70 -48.69 -12.42
C SER A 94 -17.62 -47.64 -12.33
N SER A 95 -17.00 -47.45 -11.18
CA SER A 95 -15.88 -46.53 -11.07
C SER A 95 -14.55 -47.18 -11.40
N ALA A 96 -14.45 -48.50 -11.30
CA ALA A 96 -13.23 -49.18 -11.72
C ALA A 96 -13.24 -49.45 -13.22
N GLU A 97 -14.42 -49.57 -13.83
CA GLU A 97 -14.51 -49.69 -15.28
C GLU A 97 -14.12 -48.40 -15.96
N LEU A 98 -14.55 -47.26 -15.41
CA LEU A 98 -14.28 -45.96 -16.00
C LEU A 98 -12.80 -45.62 -15.94
N THR A 99 -12.13 -45.98 -14.85
CA THR A 99 -10.70 -45.69 -14.71
C THR A 99 -9.86 -46.50 -15.69
N GLY A 100 -10.17 -47.80 -15.82
CA GLY A 100 -9.50 -48.62 -16.81
C GLY A 100 -9.77 -48.17 -18.23
N CYS A 101 -10.98 -47.66 -18.50
CA CYS A 101 -11.26 -47.11 -19.81
C CYS A 101 -10.47 -45.83 -20.07
N LEU A 102 -10.32 -44.98 -19.04
CA LEU A 102 -9.53 -43.77 -19.20
C LEU A 102 -8.08 -44.07 -19.48
N VAL A 103 -7.55 -45.17 -18.93
CA VAL A 103 -6.15 -45.49 -19.22
C VAL A 103 -6.01 -46.19 -20.57
N ARG A 104 -6.98 -47.05 -20.93
CA ARG A 104 -6.86 -47.80 -22.19
C ARG A 104 -6.96 -46.88 -23.40
N SER A 105 -8.00 -46.07 -23.47
CA SER A 105 -8.16 -45.13 -24.58
C SER A 105 -7.61 -43.76 -24.20
N ALA A 106 -6.30 -43.72 -23.97
CA ALA A 106 -5.65 -42.52 -23.46
C ALA A 106 -4.72 -41.85 -24.47
N ARG A 107 -3.74 -42.57 -25.02
CA ARG A 107 -2.79 -41.82 -25.84
C ARG A 107 -3.30 -41.59 -27.26
N PRO A 108 -3.83 -42.58 -28.02
CA PRO A 108 -4.71 -42.15 -29.11
C PRO A 108 -6.02 -41.73 -28.48
N VAL A 109 -6.27 -40.42 -28.41
CA VAL A 109 -7.24 -39.94 -27.43
C VAL A 109 -8.64 -40.17 -27.96
N ARG A 110 -9.19 -41.34 -27.63
CA ARG A 110 -10.58 -41.69 -27.89
C ARG A 110 -11.41 -41.58 -26.63
N LEU A 111 -11.02 -40.68 -25.73
CA LEU A 111 -11.55 -40.64 -24.37
C LEU A 111 -13.02 -40.22 -24.33
N CYS A 112 -13.36 -39.14 -25.02
CA CYS A 112 -14.71 -38.62 -24.96
C CYS A 112 -15.69 -39.37 -25.84
N GLN A 113 -15.31 -40.50 -26.45
CA GLN A 113 -16.21 -41.29 -27.25
C GLN A 113 -16.20 -42.78 -26.95
N THR A 114 -15.13 -43.31 -26.37
CA THR A 114 -15.13 -44.73 -26.00
C THR A 114 -16.05 -44.99 -24.83
N CYS A 115 -15.93 -44.20 -23.77
CA CYS A 115 -16.68 -44.41 -22.54
C CYS A 115 -17.27 -43.11 -22.03
N TYR A 116 -17.98 -42.41 -22.89
CA TYR A 116 -19.03 -41.50 -22.43
C TYR A 116 -20.24 -42.19 -21.77
N PRO A 117 -20.67 -43.44 -22.09
CA PRO A 117 -21.71 -44.04 -21.23
C PRO A 117 -21.20 -44.54 -19.90
N LEU A 118 -19.91 -44.85 -19.76
CA LEU A 118 -19.39 -45.29 -18.48
C LEU A 118 -19.26 -44.11 -17.51
N PHE A 119 -19.09 -42.91 -18.02
CA PHE A 119 -19.12 -41.73 -17.16
C PHE A 119 -20.53 -41.44 -16.67
N GLN A 120 -21.53 -41.66 -17.52
CA GLN A 120 -22.89 -41.31 -17.14
C GLN A 120 -23.52 -42.30 -16.20
N GLN A 121 -23.03 -43.55 -16.15
CA GLN A 121 -23.54 -44.46 -15.15
C GLN A 121 -22.95 -44.17 -13.79
N VAL A 122 -21.75 -43.56 -13.73
CA VAL A 122 -21.15 -43.16 -12.47
C VAL A 122 -21.95 -42.03 -11.83
N VAL A 123 -22.43 -41.08 -12.64
CA VAL A 123 -23.23 -39.98 -12.13
C VAL A 123 -24.59 -40.48 -11.63
N SER A 124 -25.10 -41.55 -12.24
CA SER A 124 -26.32 -42.16 -11.73
C SER A 124 -26.09 -42.87 -10.41
N LYS A 125 -24.99 -43.62 -10.30
CA LYS A 125 -24.67 -44.29 -9.04
C LYS A 125 -24.29 -43.30 -7.95
N MET A 126 -23.79 -42.11 -8.33
CA MET A 126 -23.55 -41.03 -7.40
C MET A 126 -24.85 -40.32 -7.00
N ASP A 127 -25.91 -40.47 -7.79
CA ASP A 127 -27.21 -39.92 -7.42
C ASP A 127 -28.03 -40.89 -6.58
N ASN A 128 -27.88 -42.19 -6.80
CA ASN A 128 -28.58 -43.19 -5.99
C ASN A 128 -28.08 -43.28 -4.55
N ILE A 129 -26.95 -42.64 -4.22
CA ILE A 129 -26.49 -42.58 -2.84
C ILE A 129 -26.93 -41.26 -2.18
N SER A 130 -27.92 -40.59 -2.74
CA SER A 130 -28.47 -39.39 -2.15
C SER A 130 -30.00 -39.39 -2.23
N CYS A 142 -28.69 -43.27 1.60
CA CYS A 142 -27.73 -43.27 2.70
C CYS A 142 -26.55 -42.32 2.40
N ALA A 143 -26.86 -41.03 2.34
CA ALA A 143 -25.86 -40.03 2.04
C ALA A 143 -25.00 -39.70 3.25
N ARG A 144 -25.61 -39.52 4.42
CA ARG A 144 -24.83 -39.21 5.62
C ARG A 144 -24.06 -40.43 6.12
N SER A 145 -24.41 -41.62 5.65
CA SER A 145 -23.60 -42.80 5.97
C SER A 145 -22.29 -42.78 5.20
N LEU A 146 -22.37 -42.85 3.86
CA LEU A 146 -21.17 -43.02 3.05
C LEU A 146 -20.45 -41.71 2.79
N LEU A 147 -21.17 -40.66 2.40
CA LEU A 147 -20.53 -39.47 1.86
C LEU A 147 -19.82 -38.67 2.94
N MET A 148 -20.57 -38.17 3.91
CA MET A 148 -20.02 -37.26 4.91
C MET A 148 -19.98 -37.99 6.25
N ALA A 149 -18.91 -38.76 6.46
CA ALA A 149 -18.70 -39.43 7.73
C ALA A 149 -17.23 -39.48 8.14
N ASP A 150 -16.36 -38.74 7.45
CA ASP A 150 -14.92 -38.89 7.64
C ASP A 150 -14.25 -37.66 7.06
N ARG A 151 -13.01 -37.41 7.48
CA ARG A 151 -12.25 -36.31 6.92
C ARG A 151 -11.68 -36.64 5.55
N MET A 152 -11.83 -37.88 5.10
CA MET A 152 -11.33 -38.34 3.80
C MET A 152 -12.49 -39.03 3.10
N GLN A 153 -13.19 -38.29 2.26
CA GLN A 153 -14.44 -38.74 1.67
C GLN A 153 -14.13 -39.29 0.28
N ILE A 154 -13.96 -40.61 0.19
CA ILE A 154 -13.36 -41.24 -0.99
C ILE A 154 -14.28 -41.15 -2.20
N VAL A 155 -15.58 -41.38 -1.98
CA VAL A 155 -16.54 -41.30 -3.07
C VAL A 155 -16.67 -39.85 -3.56
N VAL A 156 -16.60 -38.89 -2.64
CA VAL A 156 -16.71 -37.48 -3.00
C VAL A 156 -15.48 -37.02 -3.77
N ILE A 157 -14.28 -37.40 -3.32
CA ILE A 157 -13.08 -36.93 -4.02
C ILE A 157 -12.90 -37.68 -5.33
N LEU A 158 -13.41 -38.90 -5.43
CA LEU A 158 -13.30 -39.62 -6.70
C LEU A 158 -14.30 -39.10 -7.73
N SER A 159 -15.50 -38.69 -7.28
CA SER A 159 -16.44 -38.04 -8.18
C SER A 159 -15.98 -36.65 -8.58
N GLU A 160 -15.33 -35.92 -7.67
CA GLU A 160 -14.75 -34.63 -8.03
C GLU A 160 -13.62 -34.80 -9.02
N PHE A 161 -12.83 -35.89 -8.89
CA PHE A 161 -11.78 -36.16 -9.87
C PHE A 161 -12.35 -36.50 -11.23
N PHE A 162 -13.41 -37.30 -11.28
CA PHE A 162 -14.01 -37.64 -12.56
C PHE A 162 -14.70 -36.44 -13.21
N ASN A 163 -15.29 -35.55 -12.41
CA ASN A 163 -15.84 -34.33 -12.99
C ASN A 163 -14.75 -33.39 -13.48
N THR A 164 -13.65 -33.27 -12.72
CA THR A 164 -12.56 -32.38 -13.12
C THR A 164 -11.85 -32.91 -14.36
N THR A 165 -11.80 -34.23 -14.53
CA THR A 165 -11.33 -34.80 -15.78
C THR A 165 -12.31 -34.53 -16.91
N TRP A 166 -13.61 -34.65 -16.64
CA TRP A 166 -14.61 -34.56 -17.71
C TRP A 166 -14.80 -33.13 -18.22
N GLN A 167 -14.71 -32.12 -17.34
CA GLN A 167 -14.85 -30.75 -17.86
C GLN A 167 -13.55 -30.18 -18.38
N GLU A 168 -12.41 -30.76 -18.05
CA GLU A 168 -11.15 -30.32 -18.64
C GLU A 168 -10.94 -30.95 -20.01
N ALA A 169 -11.51 -32.14 -20.24
CA ALA A 169 -11.45 -32.76 -21.54
C ALA A 169 -12.49 -32.20 -22.51
N ASN A 170 -13.48 -31.46 -21.99
CA ASN A 170 -14.58 -30.87 -22.75
C ASN A 170 -15.32 -31.91 -23.57
N CYS A 171 -15.72 -32.99 -22.91
CA CYS A 171 -16.39 -34.08 -23.61
C CYS A 171 -17.85 -33.78 -23.92
N ALA A 172 -18.39 -32.67 -23.39
CA ALA A 172 -19.73 -32.24 -23.76
C ALA A 172 -19.80 -31.74 -25.20
N ASN A 173 -18.68 -31.27 -25.75
CA ASN A 173 -18.65 -30.85 -27.14
C ASN A 173 -18.74 -32.03 -28.09
N CYS A 174 -18.22 -33.19 -27.69
CA CYS A 174 -18.35 -34.39 -28.51
C CYS A 174 -19.74 -35.01 -28.44
N LEU A 175 -20.54 -34.66 -27.43
CA LEU A 175 -21.86 -35.23 -27.28
C LEU A 175 -22.92 -34.21 -27.67
N THR A 176 -24.11 -34.70 -28.03
CA THR A 176 -25.05 -33.83 -28.74
C THR A 176 -25.86 -32.93 -27.81
N ASN A 177 -26.80 -33.51 -27.07
CA ASN A 177 -27.63 -32.67 -26.20
C ASN A 177 -27.79 -33.23 -24.80
N ASN A 178 -27.92 -34.55 -24.66
CA ASN A 178 -28.14 -35.19 -23.38
C ASN A 178 -27.32 -36.46 -23.29
N SER A 179 -26.12 -36.43 -23.87
CA SER A 179 -25.10 -37.49 -23.79
C SER A 179 -25.59 -38.83 -24.36
N GLU A 180 -26.51 -38.77 -25.31
CA GLU A 180 -27.04 -40.00 -25.90
C GLU A 180 -26.01 -40.63 -26.83
N GLU A 181 -25.53 -39.87 -27.82
CA GLU A 181 -24.52 -40.35 -28.74
C GLU A 181 -23.70 -39.16 -29.21
N LEU A 182 -22.76 -39.42 -30.12
CA LEU A 182 -21.91 -38.37 -30.65
C LEU A 182 -22.72 -37.45 -31.57
N SER A 183 -22.41 -36.16 -31.52
CA SER A 183 -23.12 -35.19 -32.34
C SER A 183 -22.71 -35.33 -33.80
N ASN A 184 -23.47 -34.65 -34.68
CA ASN A 184 -23.26 -34.78 -36.12
C ASN A 184 -21.96 -34.13 -36.54
N SER A 185 -21.62 -32.99 -35.92
CA SER A 185 -20.42 -32.25 -36.28
C SER A 185 -19.15 -33.04 -35.96
N THR A 186 -19.10 -33.66 -34.78
CA THR A 186 -17.89 -34.37 -34.38
C THR A 186 -17.72 -35.67 -35.15
N VAL A 187 -18.82 -36.37 -35.47
CA VAL A 187 -18.66 -37.58 -36.25
C VAL A 187 -18.33 -37.25 -37.71
N TYR A 188 -18.76 -36.08 -38.20
CA TYR A 188 -18.37 -35.62 -39.51
C TYR A 188 -16.89 -35.27 -39.56
N PHE A 189 -16.39 -34.61 -38.49
CA PHE A 189 -14.96 -34.30 -38.41
C PHE A 189 -14.12 -35.56 -38.30
N LEU A 190 -14.56 -36.54 -37.51
CA LEU A 190 -13.79 -37.78 -37.39
C LEU A 190 -13.83 -38.58 -38.67
N ASN A 191 -14.92 -38.47 -39.43
CA ASN A 191 -14.99 -39.07 -40.76
C ASN A 191 -13.98 -38.43 -41.70
N LEU A 192 -13.89 -37.10 -41.69
CA LEU A 192 -12.90 -36.41 -42.52
C LEU A 192 -11.48 -36.69 -42.09
N PHE A 193 -11.24 -36.84 -40.78
CA PHE A 193 -9.93 -37.21 -40.27
C PHE A 193 -9.53 -38.62 -40.72
N ASN A 194 -10.49 -39.53 -40.75
CA ASN A 194 -10.22 -40.88 -41.24
C ASN A 194 -9.91 -40.87 -42.74
N HIS A 195 -10.68 -40.08 -43.51
CA HIS A 195 -10.38 -39.92 -44.94
C HIS A 195 -9.02 -39.26 -45.18
N THR A 196 -8.64 -38.31 -44.32
CA THR A 196 -7.36 -37.63 -44.48
C THR A 196 -6.19 -38.56 -44.20
N LEU A 197 -6.30 -39.40 -43.17
CA LEU A 197 -5.21 -40.35 -42.93
C LEU A 197 -5.17 -41.45 -43.98
N THR A 198 -6.32 -41.87 -44.52
CA THR A 198 -6.27 -42.86 -45.59
C THR A 198 -5.69 -42.27 -46.88
N CYS A 199 -5.97 -40.99 -47.15
CA CYS A 199 -5.37 -40.35 -48.32
C CYS A 199 -3.88 -40.09 -48.12
N PHE A 200 -3.45 -39.87 -46.88
CA PHE A 200 -2.02 -39.89 -46.57
C PHE A 200 -1.42 -41.26 -46.87
N GLU A 201 -2.11 -42.33 -46.44
CA GLU A 201 -1.59 -43.68 -46.58
C GLU A 201 -1.52 -44.14 -48.04
N HIS A 202 -2.45 -43.68 -48.88
CA HIS A 202 -2.47 -44.09 -50.27
C HIS A 202 -1.27 -43.55 -51.03
N ASN A 203 -0.91 -42.30 -50.80
CA ASN A 203 0.15 -41.64 -51.55
C ASN A 203 1.50 -41.79 -50.83
N LEU A 204 1.87 -43.01 -50.47
CA LEU A 204 3.16 -43.24 -49.82
C LEU A 204 4.09 -44.04 -50.74
N ASN A 216 10.89 -38.83 -49.45
CA ASN A 216 10.45 -38.13 -50.64
C ASN A 216 8.93 -38.13 -50.70
N TYR A 217 8.32 -37.23 -49.94
CA TYR A 217 6.86 -37.14 -49.87
C TYR A 217 6.33 -36.07 -50.81
N SER A 218 6.65 -36.21 -52.10
CA SER A 218 6.14 -35.27 -53.08
C SER A 218 4.73 -35.61 -53.51
N GLU A 219 4.39 -36.90 -53.50
CA GLU A 219 3.04 -37.36 -53.81
C GLU A 219 2.06 -37.08 -52.67
N VAL A 220 2.56 -36.65 -51.51
CA VAL A 220 1.71 -36.31 -50.38
C VAL A 220 1.26 -34.85 -50.44
N CYS A 221 2.19 -33.94 -50.70
CA CYS A 221 1.87 -32.51 -50.70
C CYS A 221 0.94 -32.17 -51.87
N LYS A 222 1.29 -32.64 -53.06
CA LYS A 222 0.35 -32.66 -54.17
C LYS A 222 -0.66 -33.79 -53.94
N ASN A 223 -1.86 -33.65 -54.51
CA ASN A 223 -2.91 -34.66 -54.65
C ASN A 223 -3.61 -34.98 -53.33
N CYS A 224 -3.15 -34.43 -52.21
CA CYS A 224 -3.79 -34.69 -50.92
C CYS A 224 -4.00 -33.39 -50.16
N ARG A 225 -3.73 -32.24 -50.78
CA ARG A 225 -3.80 -30.96 -50.10
C ARG A 225 -5.23 -30.55 -49.80
N GLU A 226 -6.18 -30.88 -50.68
CA GLU A 226 -7.55 -30.42 -50.52
C GLU A 226 -8.24 -31.07 -49.32
N ALA A 227 -7.87 -32.32 -49.00
CA ALA A 227 -8.42 -32.98 -47.81
C ALA A 227 -7.93 -32.30 -46.54
N TYR A 228 -6.63 -31.95 -46.49
CA TYR A 228 -6.09 -31.21 -45.37
C TYR A 228 -6.74 -29.84 -45.24
N LYS A 229 -7.04 -29.18 -46.37
CA LYS A 229 -7.61 -27.84 -46.31
C LYS A 229 -9.06 -27.88 -45.84
N THR A 230 -9.86 -28.83 -46.32
CA THR A 230 -11.23 -28.91 -45.84
C THR A 230 -11.31 -29.40 -44.40
N LEU A 231 -10.32 -30.21 -43.97
CA LEU A 231 -10.25 -30.62 -42.56
C LEU A 231 -9.92 -29.43 -41.67
N SER A 232 -8.94 -28.60 -42.07
CA SER A 232 -8.59 -27.42 -41.28
C SER A 232 -9.70 -26.38 -41.29
N SER A 233 -10.44 -26.27 -42.41
CA SER A 233 -11.55 -25.35 -42.48
C SER A 233 -12.68 -25.78 -41.56
N LEU A 234 -12.97 -27.07 -41.50
CA LEU A 234 -14.00 -27.55 -40.57
C LEU A 234 -13.57 -27.38 -39.12
N TYR A 235 -12.29 -27.60 -38.84
CA TYR A 235 -11.77 -27.40 -37.48
C TYR A 235 -11.89 -25.95 -37.06
N SER A 236 -11.57 -25.02 -37.96
CA SER A 236 -11.71 -23.60 -37.64
C SER A 236 -13.17 -23.20 -37.48
N GLU A 237 -14.06 -23.80 -38.27
CA GLU A 237 -15.48 -23.52 -38.17
C GLU A 237 -16.03 -23.95 -36.81
N MET A 238 -15.67 -25.16 -36.36
CA MET A 238 -16.13 -25.61 -35.05
C MET A 238 -15.45 -24.87 -33.92
N GLN A 239 -14.20 -24.44 -34.11
CA GLN A 239 -13.50 -23.66 -33.09
C GLN A 239 -14.10 -22.28 -32.93
N LYS A 240 -14.65 -21.71 -34.01
CA LYS A 240 -15.38 -20.45 -33.90
C LYS A 240 -16.80 -20.67 -33.39
N MET A 241 -17.39 -21.84 -33.66
CA MET A 241 -18.72 -22.14 -33.17
C MET A 241 -18.73 -22.36 -31.67
N ASN A 242 -17.63 -22.87 -31.12
CA ASN A 242 -17.53 -23.00 -29.67
C ASN A 242 -17.36 -21.63 -29.01
N GLU A 243 -16.52 -20.76 -29.60
CA GLU A 243 -16.20 -19.47 -29.00
C GLU A 243 -17.40 -18.52 -28.99
N LEU A 244 -18.34 -18.71 -29.91
CA LEU A 244 -19.60 -17.97 -29.86
C LEU A 244 -20.41 -18.34 -28.61
N GLU A 245 -20.54 -19.62 -28.33
CA GLU A 245 -21.24 -20.08 -27.13
C GLU A 245 -20.41 -19.82 -25.88
N HIS A 253 -10.80 -24.45 -25.27
CA HIS A 253 -10.49 -25.68 -25.98
C HIS A 253 -11.74 -26.38 -26.50
N LEU A 254 -11.58 -27.12 -27.58
CA LEU A 254 -12.64 -28.00 -28.07
C LEU A 254 -12.62 -29.31 -27.29
N CYS A 255 -13.36 -30.29 -27.79
CA CYS A 255 -13.25 -31.66 -27.30
C CYS A 255 -11.85 -32.19 -27.58
N ILE A 256 -11.27 -32.87 -26.58
CA ILE A 256 -9.90 -33.40 -26.73
C ILE A 256 -9.83 -34.50 -27.79
N ASP A 257 -10.97 -35.16 -28.06
CA ASP A 257 -11.04 -36.21 -29.05
C ASP A 257 -10.77 -35.68 -30.46
N VAL A 258 -11.13 -34.43 -30.75
CA VAL A 258 -10.92 -33.89 -32.08
C VAL A 258 -9.65 -33.05 -32.10
N GLU A 259 -9.26 -32.52 -30.94
CA GLU A 259 -8.03 -31.75 -30.86
C GLU A 259 -6.81 -32.63 -31.00
N ASP A 260 -6.85 -33.84 -30.46
CA ASP A 260 -5.73 -34.74 -30.68
C ASP A 260 -5.66 -35.21 -32.13
N ALA A 261 -6.81 -35.33 -32.80
CA ALA A 261 -6.81 -35.73 -34.21
C ALA A 261 -6.23 -34.64 -35.09
N MET A 262 -6.62 -33.39 -34.85
CA MET A 262 -6.01 -32.27 -35.56
C MET A 262 -4.54 -32.09 -35.19
N ASN A 263 -4.16 -32.41 -33.95
CA ASN A 263 -2.75 -32.31 -33.56
C ASN A 263 -1.89 -33.34 -34.28
N ILE A 264 -2.40 -34.57 -34.41
CA ILE A 264 -1.74 -35.63 -35.19
C ILE A 264 -1.62 -35.21 -36.64
N THR A 265 -2.69 -34.66 -37.22
CA THR A 265 -2.67 -34.29 -38.64
C THR A 265 -1.72 -33.14 -38.92
N ARG A 266 -1.70 -32.13 -38.06
CA ARG A 266 -0.81 -30.99 -38.25
C ARG A 266 0.65 -31.36 -38.00
N LYS A 267 0.91 -32.17 -36.98
CA LYS A 267 2.28 -32.61 -36.71
C LYS A 267 2.76 -33.56 -37.79
N LEU A 268 1.84 -34.24 -38.47
CA LEU A 268 2.20 -35.12 -39.56
C LEU A 268 2.46 -34.33 -40.84
N TRP A 269 1.68 -33.27 -41.08
CA TRP A 269 1.81 -32.45 -42.27
C TRP A 269 3.03 -31.54 -42.22
N SER A 270 3.30 -30.96 -41.04
CA SER A 270 4.38 -29.96 -40.93
C SER A 270 5.74 -30.64 -40.95
N ARG A 271 6.02 -31.49 -39.97
CA ARG A 271 7.24 -32.28 -39.92
C ARG A 271 6.93 -33.71 -40.32
N THR A 272 7.96 -34.38 -40.87
CA THR A 272 8.01 -35.70 -41.52
C THR A 272 7.29 -35.73 -42.87
N PHE A 273 6.59 -34.67 -43.25
CA PHE A 273 6.16 -34.45 -44.62
C PHE A 273 6.79 -33.22 -45.26
N ASN A 274 7.02 -32.16 -44.46
CA ASN A 274 7.68 -30.92 -44.88
C ASN A 274 6.95 -30.23 -46.03
N CYS A 275 5.63 -30.34 -46.05
CA CYS A 275 4.84 -29.57 -47.00
C CYS A 275 4.85 -28.10 -46.60
N SER A 276 4.90 -27.22 -47.59
CA SER A 276 5.12 -25.81 -47.33
C SER A 276 4.65 -24.99 -48.52
N VAL A 277 4.74 -23.68 -48.36
CA VAL A 277 4.36 -22.71 -49.39
C VAL A 277 5.65 -22.01 -49.84
N PRO A 278 5.89 -21.84 -51.15
CA PRO A 278 7.11 -21.16 -51.60
C PRO A 278 7.24 -19.70 -51.17
N CYS A 279 6.24 -18.88 -51.50
CA CYS A 279 6.09 -17.49 -51.03
C CYS A 279 7.30 -16.63 -51.41
N SER A 280 7.42 -16.40 -52.72
CA SER A 280 8.38 -15.42 -53.22
C SER A 280 7.76 -14.04 -53.10
N ASP A 281 7.97 -13.41 -51.94
CA ASP A 281 7.34 -12.13 -51.63
C ASP A 281 8.30 -11.20 -50.91
N THR A 282 9.58 -11.52 -50.85
CA THR A 282 10.55 -10.71 -50.11
C THR A 282 10.86 -9.40 -50.83
N VAL A 283 10.96 -9.44 -52.16
CA VAL A 283 11.42 -8.26 -52.92
C VAL A 283 10.46 -7.07 -52.87
N PRO A 284 9.12 -7.22 -53.03
CA PRO A 284 8.27 -6.04 -52.82
C PRO A 284 8.23 -5.55 -51.39
N VAL A 285 8.39 -6.44 -50.40
CA VAL A 285 8.45 -6.00 -49.01
C VAL A 285 9.71 -5.17 -48.76
N ILE A 286 10.84 -5.60 -49.34
CA ILE A 286 12.08 -4.82 -49.29
C ILE A 286 11.88 -3.46 -49.95
N ALA A 287 11.20 -3.41 -51.10
CA ALA A 287 11.03 -2.16 -51.83
C ALA A 287 10.16 -1.17 -51.05
N VAL A 288 9.00 -1.63 -50.55
CA VAL A 288 8.09 -0.77 -49.80
C VAL A 288 8.69 -0.39 -48.45
N SER A 289 9.50 -1.25 -47.85
CA SER A 289 10.11 -0.92 -46.57
C SER A 289 11.23 0.10 -46.72
N VAL A 290 12.08 -0.05 -47.74
CA VAL A 290 13.16 0.92 -47.94
C VAL A 290 12.60 2.26 -48.41
N PHE A 291 11.45 2.25 -49.12
CA PHE A 291 10.88 3.53 -49.54
C PHE A 291 10.35 4.34 -48.36
N ILE A 292 9.77 3.69 -47.36
CA ILE A 292 9.17 4.44 -46.26
C ILE A 292 10.24 4.86 -45.24
N LEU A 293 11.23 4.01 -44.98
CA LEU A 293 12.30 4.35 -44.05
C LEU A 293 13.24 5.44 -44.59
N PHE A 294 13.14 5.77 -45.87
CA PHE A 294 13.94 6.84 -46.47
C PHE A 294 13.22 8.18 -46.42
N LEU A 295 11.92 8.19 -46.16
CA LEU A 295 11.19 9.44 -45.98
C LEU A 295 11.63 10.30 -44.77
N PRO A 296 11.99 9.76 -43.59
CA PRO A 296 12.46 10.66 -42.52
C PRO A 296 13.74 11.42 -42.82
N VAL A 297 14.70 10.81 -43.53
CA VAL A 297 15.94 11.56 -43.80
C VAL A 297 15.69 12.63 -44.86
N VAL A 298 14.76 12.38 -45.80
CA VAL A 298 14.36 13.40 -46.76
C VAL A 298 13.66 14.56 -46.07
N PHE A 299 12.75 14.24 -45.13
CA PHE A 299 12.04 15.27 -44.39
C PHE A 299 12.99 16.10 -43.52
N TYR A 300 13.93 15.43 -42.84
CA TYR A 300 14.83 16.13 -41.94
C TYR A 300 15.85 16.97 -42.70
N LEU A 301 16.39 16.47 -43.82
CA LEU A 301 17.29 17.29 -44.62
C LEU A 301 16.56 18.44 -45.30
N SER A 302 15.33 18.20 -45.77
CA SER A 302 14.60 19.25 -46.46
C SER A 302 14.11 20.33 -45.50
N SER A 303 13.90 19.98 -44.23
CA SER A 303 13.58 21.01 -43.25
C SER A 303 14.83 21.68 -42.69
N PHE A 304 15.98 21.01 -42.73
CA PHE A 304 17.21 21.63 -42.28
C PHE A 304 17.74 22.65 -43.30
N LEU A 305 17.77 22.26 -44.58
CA LEU A 305 18.44 23.09 -45.58
C LEU A 305 17.61 24.33 -45.90
N HIS A 306 16.30 24.18 -46.09
CA HIS A 306 15.43 25.32 -46.38
C HIS A 306 15.07 26.03 -45.07
N SER A 307 16.06 26.74 -44.54
CA SER A 307 15.91 27.57 -43.34
C SER A 307 17.05 28.57 -43.27
N LEU B 73 2.91 -45.59 -42.75
CA LEU B 73 2.80 -44.65 -41.64
C LEU B 73 4.13 -44.49 -40.91
N PRO B 74 4.32 -43.36 -40.24
CA PRO B 74 5.41 -43.26 -39.29
C PRO B 74 4.98 -43.78 -37.94
N PRO B 75 5.91 -44.22 -37.10
CA PRO B 75 5.54 -44.63 -35.74
C PRO B 75 5.12 -43.44 -34.90
N ASP B 76 4.19 -43.72 -33.99
CA ASP B 76 3.69 -42.90 -32.88
C ASP B 76 2.74 -41.78 -33.34
N LEU B 77 2.59 -41.51 -34.65
CA LEU B 77 1.72 -40.38 -34.97
C LEU B 77 0.24 -40.78 -34.89
N PRO B 78 -0.34 -41.76 -35.67
CA PRO B 78 -1.76 -42.05 -35.43
C PRO B 78 -2.00 -43.20 -34.43
N ASP B 79 -0.97 -43.99 -34.15
CA ASP B 79 -1.10 -45.23 -33.37
C ASP B 79 0.06 -45.30 -32.39
N LEU B 80 0.25 -46.48 -31.80
CA LEU B 80 1.24 -46.71 -30.78
C LEU B 80 2.22 -47.79 -31.21
N ASP B 81 3.47 -47.64 -30.76
CA ASP B 81 4.46 -48.69 -30.91
C ASP B 81 4.04 -49.91 -30.10
N PRO B 82 4.36 -51.12 -30.59
CA PRO B 82 3.89 -52.33 -29.89
C PRO B 82 4.55 -52.57 -28.54
N GLU B 83 5.75 -52.05 -28.31
CA GLU B 83 6.38 -52.07 -27.00
C GLU B 83 5.91 -50.94 -26.10
N CYS B 84 4.88 -50.21 -26.53
CA CYS B 84 4.28 -49.13 -25.76
C CYS B 84 2.81 -49.37 -25.45
N ARG B 85 2.13 -50.18 -26.27
CA ARG B 85 0.75 -50.54 -25.98
C ARG B 85 0.64 -51.51 -24.81
N GLU B 86 1.62 -52.40 -24.65
CA GLU B 86 1.60 -53.35 -23.54
C GLU B 86 1.85 -52.66 -22.21
N LEU B 87 2.65 -51.60 -22.20
CA LEU B 87 2.95 -50.88 -20.98
C LEU B 87 1.86 -49.89 -20.59
N LEU B 88 0.85 -49.72 -21.44
CA LEU B 88 -0.35 -48.97 -21.08
C LEU B 88 -1.46 -49.88 -20.59
N LEU B 89 -1.52 -51.11 -21.07
CA LEU B 89 -2.59 -52.03 -20.73
C LEU B 89 -2.36 -52.77 -19.42
N ASP B 90 -1.14 -52.74 -18.88
CA ASP B 90 -0.92 -53.26 -17.55
C ASP B 90 -1.10 -52.19 -16.48
N PHE B 91 -0.73 -50.94 -16.81
CA PHE B 91 -1.05 -49.82 -15.96
C PHE B 91 -2.56 -49.56 -15.93
N ALA B 92 -3.27 -49.96 -16.98
CA ALA B 92 -4.73 -49.91 -16.94
C ALA B 92 -5.30 -51.00 -16.04
N ASN B 93 -4.57 -52.11 -15.88
CA ASN B 93 -5.08 -53.21 -15.10
C ASN B 93 -4.93 -52.94 -13.60
N SER B 94 -3.79 -52.38 -13.19
CA SER B 94 -3.56 -52.13 -11.78
C SER B 94 -4.24 -50.87 -11.27
N SER B 95 -4.68 -49.99 -12.16
CA SER B 95 -5.31 -48.76 -11.71
C SER B 95 -6.79 -48.96 -11.44
N ALA B 96 -7.43 -49.80 -12.23
CA ALA B 96 -8.80 -50.22 -11.94
C ALA B 96 -8.86 -51.01 -10.65
N GLU B 97 -7.85 -51.85 -10.41
CA GLU B 97 -7.77 -52.60 -9.16
C GLU B 97 -7.61 -51.67 -7.97
N LEU B 98 -6.79 -50.62 -8.11
CA LEU B 98 -6.59 -49.70 -7.00
C LEU B 98 -7.84 -48.86 -6.75
N THR B 99 -8.54 -48.45 -7.80
CA THR B 99 -9.78 -47.69 -7.62
C THR B 99 -10.87 -48.53 -6.97
N GLY B 100 -10.99 -49.79 -7.39
CA GLY B 100 -11.94 -50.69 -6.74
C GLY B 100 -11.58 -50.97 -5.29
N CYS B 101 -10.29 -51.10 -4.99
CA CYS B 101 -9.84 -51.30 -3.61
C CYS B 101 -10.19 -50.10 -2.74
N LEU B 102 -10.01 -48.89 -3.26
CA LEU B 102 -10.34 -47.69 -2.49
C LEU B 102 -11.83 -47.62 -2.18
N VAL B 103 -12.67 -47.83 -3.20
CA VAL B 103 -14.10 -47.66 -2.96
C VAL B 103 -14.68 -48.82 -2.16
N ARG B 104 -14.06 -50.00 -2.24
CA ARG B 104 -14.55 -51.09 -1.40
C ARG B 104 -14.10 -50.94 0.05
N SER B 105 -12.86 -50.53 0.28
CA SER B 105 -12.49 -50.14 1.65
C SER B 105 -12.65 -48.64 1.87
N ALA B 106 -13.79 -48.09 1.45
CA ALA B 106 -14.04 -46.66 1.65
C ALA B 106 -14.58 -46.34 3.04
N ARG B 107 -15.80 -46.79 3.37
CA ARG B 107 -16.38 -46.21 4.57
C ARG B 107 -15.96 -46.87 5.87
N PRO B 108 -15.97 -48.21 6.04
CA PRO B 108 -15.12 -48.73 7.12
C PRO B 108 -13.69 -48.57 6.63
N VAL B 109 -12.97 -47.59 7.19
CA VAL B 109 -11.77 -47.14 6.50
C VAL B 109 -10.65 -48.13 6.80
N ARG B 110 -10.57 -49.14 5.95
CA ARG B 110 -9.49 -50.12 5.94
C ARG B 110 -8.51 -49.83 4.80
N LEU B 111 -8.32 -48.55 4.48
CA LEU B 111 -7.73 -48.15 3.21
C LEU B 111 -6.23 -48.44 3.17
N CYS B 112 -5.48 -47.91 4.14
CA CYS B 112 -4.03 -47.99 4.10
C CYS B 112 -3.51 -49.41 4.35
N GLN B 113 -4.33 -50.30 4.89
CA GLN B 113 -3.89 -51.67 5.14
C GLN B 113 -4.34 -52.65 4.08
N THR B 114 -5.33 -52.33 3.26
CA THR B 114 -5.79 -53.19 2.20
C THR B 114 -5.16 -52.84 0.85
N CYS B 115 -4.97 -51.55 0.58
CA CYS B 115 -4.63 -51.09 -0.76
C CYS B 115 -3.16 -50.76 -0.92
N TYR B 116 -2.31 -51.14 0.02
CA TYR B 116 -0.89 -50.79 -0.15
C TYR B 116 -0.13 -51.58 -1.23
N PRO B 117 -0.35 -52.88 -1.48
CA PRO B 117 0.40 -53.48 -2.61
C PRO B 117 -0.13 -53.06 -3.97
N LEU B 118 -1.43 -52.76 -4.09
CA LEU B 118 -1.95 -52.23 -5.33
C LEU B 118 -1.41 -50.84 -5.62
N PHE B 119 -1.28 -50.01 -4.58
CA PHE B 119 -0.68 -48.69 -4.76
C PHE B 119 0.79 -48.80 -5.14
N GLN B 120 1.55 -49.69 -4.46
CA GLN B 120 2.95 -49.85 -4.79
C GLN B 120 3.14 -50.40 -6.19
N GLN B 121 2.25 -51.27 -6.67
CA GLN B 121 2.43 -51.76 -8.02
C GLN B 121 1.98 -50.75 -9.08
N VAL B 122 1.06 -49.84 -8.74
CA VAL B 122 0.79 -48.72 -9.65
C VAL B 122 1.99 -47.81 -9.77
N VAL B 123 2.66 -47.55 -8.64
CA VAL B 123 3.88 -46.73 -8.65
C VAL B 123 4.99 -47.41 -9.45
N SER B 124 5.08 -48.73 -9.32
CA SER B 124 6.10 -49.47 -10.07
C SER B 124 5.79 -49.51 -11.57
N LYS B 125 4.50 -49.66 -11.94
CA LYS B 125 4.15 -49.67 -13.35
C LYS B 125 4.31 -48.31 -14.00
N MET B 126 4.20 -47.22 -13.23
CA MET B 126 4.57 -45.94 -13.81
C MET B 126 6.09 -45.78 -13.89
N ASP B 127 6.83 -46.35 -12.94
CA ASP B 127 8.29 -46.25 -13.00
C ASP B 127 8.84 -47.09 -14.15
N ASN B 128 8.12 -48.14 -14.55
CA ASN B 128 8.51 -48.93 -15.72
C ASN B 128 8.12 -48.30 -17.05
N ILE B 129 7.41 -47.18 -17.06
CA ILE B 129 7.18 -46.45 -18.29
C ILE B 129 7.89 -45.10 -18.32
N SER B 130 8.30 -44.57 -17.16
CA SER B 130 9.05 -43.32 -17.13
C SER B 130 10.56 -43.54 -17.17
N ARG B 131 11.01 -44.71 -17.59
CA ARG B 131 12.42 -45.05 -17.56
C ARG B 131 12.87 -45.72 -18.86
N CYS B 142 8.59 -46.13 -23.24
CA CYS B 142 8.06 -44.99 -23.99
C CYS B 142 7.60 -43.85 -23.08
N ALA B 143 8.57 -43.19 -22.45
CA ALA B 143 8.27 -42.03 -21.62
C ALA B 143 7.85 -40.84 -22.47
N ARG B 144 8.53 -40.62 -23.60
CA ARG B 144 8.20 -39.53 -24.50
C ARG B 144 6.93 -39.77 -25.30
N SER B 145 6.42 -41.00 -25.32
CA SER B 145 5.28 -41.35 -26.15
C SER B 145 3.99 -41.57 -25.36
N LEU B 146 4.02 -41.45 -24.05
CA LEU B 146 2.80 -41.56 -23.23
C LEU B 146 2.52 -40.31 -22.42
N LEU B 147 3.52 -39.80 -21.71
CA LEU B 147 3.28 -38.74 -20.74
C LEU B 147 3.29 -37.37 -21.39
N MET B 148 4.35 -37.06 -22.13
CA MET B 148 4.53 -35.74 -22.74
C MET B 148 4.11 -35.76 -24.21
N ALA B 149 2.84 -36.06 -24.45
CA ALA B 149 2.38 -36.12 -25.84
C ALA B 149 0.99 -35.53 -26.06
N ASP B 150 0.45 -34.78 -25.11
CA ASP B 150 -0.89 -34.24 -25.20
C ASP B 150 -1.02 -33.15 -24.15
N ARG B 151 -2.00 -32.27 -24.34
CA ARG B 151 -2.27 -31.25 -23.32
C ARG B 151 -2.92 -31.86 -22.08
N MET B 152 -3.53 -33.02 -22.21
CA MET B 152 -4.15 -33.74 -21.11
C MET B 152 -3.39 -35.04 -20.94
N GLN B 153 -2.83 -35.24 -19.76
CA GLN B 153 -1.85 -36.30 -19.51
C GLN B 153 -2.50 -37.28 -18.55
N ILE B 154 -3.25 -38.24 -19.10
CA ILE B 154 -4.13 -39.10 -18.32
C ILE B 154 -3.34 -40.00 -17.38
N VAL B 155 -2.25 -40.58 -17.87
CA VAL B 155 -1.42 -41.43 -17.03
C VAL B 155 -0.71 -40.61 -15.95
N VAL B 156 -0.40 -39.35 -16.24
CA VAL B 156 0.22 -38.48 -15.24
C VAL B 156 -0.80 -38.05 -14.19
N ILE B 157 -1.96 -37.57 -14.62
CA ILE B 157 -2.91 -36.99 -13.66
C ILE B 157 -3.59 -38.04 -12.80
N LEU B 158 -3.62 -39.29 -13.26
CA LEU B 158 -4.21 -40.35 -12.45
C LEU B 158 -3.22 -40.90 -11.44
N SER B 159 -1.94 -40.90 -11.78
CA SER B 159 -0.92 -41.27 -10.80
C SER B 159 -0.75 -40.19 -9.76
N GLU B 160 -0.82 -38.92 -10.18
CA GLU B 160 -0.74 -37.80 -9.25
C GLU B 160 -1.96 -37.76 -8.33
N PHE B 161 -3.13 -38.19 -8.82
CA PHE B 161 -4.30 -38.32 -7.96
C PHE B 161 -4.10 -39.41 -6.92
N PHE B 162 -3.50 -40.53 -7.32
CA PHE B 162 -3.21 -41.61 -6.38
C PHE B 162 -2.19 -41.18 -5.33
N ASN B 163 -1.21 -40.38 -5.73
CA ASN B 163 -0.22 -39.91 -4.77
C ASN B 163 -0.78 -38.85 -3.84
N THR B 164 -1.73 -38.04 -4.30
CA THR B 164 -2.38 -37.08 -3.42
C THR B 164 -3.30 -37.79 -2.43
N THR B 165 -3.98 -38.84 -2.90
CA THR B 165 -4.78 -39.69 -2.03
C THR B 165 -3.91 -40.39 -0.98
N TRP B 166 -2.71 -40.82 -1.38
CA TRP B 166 -1.82 -41.53 -0.46
C TRP B 166 -1.17 -40.60 0.54
N GLN B 167 -0.83 -39.38 0.12
CA GLN B 167 -0.26 -38.41 1.04
C GLN B 167 -1.31 -37.85 2.00
N GLU B 168 -2.54 -37.66 1.54
CA GLU B 168 -3.56 -37.09 2.40
C GLU B 168 -4.06 -38.10 3.42
N ALA B 169 -4.04 -39.38 3.08
CA ALA B 169 -4.38 -40.43 4.06
C ALA B 169 -3.29 -40.62 5.09
N ASN B 170 -2.06 -40.23 4.76
CA ASN B 170 -0.84 -40.55 5.53
C ASN B 170 -0.73 -42.05 5.77
N CYS B 171 -0.80 -42.82 4.69
CA CYS B 171 -0.64 -44.27 4.75
C CYS B 171 0.80 -44.70 5.05
N ALA B 172 1.77 -43.79 4.96
CA ALA B 172 3.14 -44.11 5.33
C ALA B 172 3.30 -44.28 6.83
N ASN B 173 2.39 -43.72 7.63
CA ASN B 173 2.41 -43.98 9.07
C ASN B 173 2.00 -45.41 9.38
N CYS B 174 1.01 -45.94 8.66
CA CYS B 174 0.59 -47.32 8.87
C CYS B 174 1.62 -48.34 8.42
N LEU B 175 2.53 -47.99 7.52
CA LEU B 175 3.52 -48.92 7.00
C LEU B 175 4.86 -48.67 7.66
N THR B 176 5.71 -49.69 7.69
CA THR B 176 6.78 -49.71 8.68
C THR B 176 8.00 -48.87 8.27
N ASN B 177 8.76 -49.33 7.29
CA ASN B 177 9.92 -48.56 6.86
C ASN B 177 10.04 -48.43 5.36
N ASN B 178 9.73 -49.50 4.63
CA ASN B 178 9.87 -49.53 3.17
C ASN B 178 8.57 -49.97 2.51
N SER B 179 7.44 -49.78 3.21
CA SER B 179 6.09 -50.13 2.76
C SER B 179 5.97 -51.62 2.45
N GLU B 180 6.63 -52.46 3.24
CA GLU B 180 6.56 -53.90 3.06
C GLU B 180 5.41 -54.53 3.85
N GLU B 181 5.20 -54.10 5.09
CA GLU B 181 4.10 -54.61 5.90
C GLU B 181 3.68 -53.53 6.89
N LEU B 182 2.60 -53.81 7.61
CA LEU B 182 2.08 -52.88 8.60
C LEU B 182 3.03 -52.77 9.78
N SER B 183 3.18 -51.56 10.30
CA SER B 183 4.13 -51.31 11.38
C SER B 183 3.64 -51.93 12.69
N ASN B 184 4.54 -51.99 13.67
CA ASN B 184 4.20 -52.64 14.94
C ASN B 184 3.25 -51.78 15.76
N SER B 185 3.36 -50.46 15.63
CA SER B 185 2.47 -49.55 16.35
C SER B 185 1.02 -49.72 15.90
N THR B 186 0.81 -49.82 14.59
CA THR B 186 -0.55 -49.89 14.07
C THR B 186 -1.16 -51.27 14.25
N VAL B 187 -0.37 -52.34 14.13
CA VAL B 187 -0.94 -53.68 14.31
C VAL B 187 -1.24 -53.94 15.79
N TYR B 188 -0.50 -53.28 16.68
CA TYR B 188 -0.82 -53.39 18.10
C TYR B 188 -2.02 -52.53 18.46
N PHE B 189 -2.15 -51.36 17.82
CA PHE B 189 -3.32 -50.51 18.07
C PHE B 189 -4.61 -51.14 17.56
N LEU B 190 -4.57 -51.71 16.35
CA LEU B 190 -5.77 -52.28 15.75
C LEU B 190 -6.21 -53.58 16.41
N ASN B 191 -5.38 -54.16 17.27
CA ASN B 191 -5.78 -55.33 18.03
C ASN B 191 -6.50 -54.95 19.32
N LEU B 192 -6.15 -53.80 19.91
CA LEU B 192 -6.88 -53.32 21.08
C LEU B 192 -8.24 -52.77 20.70
N PHE B 193 -8.34 -52.19 19.50
CA PHE B 193 -9.61 -51.72 18.96
C PHE B 193 -10.60 -52.87 18.83
N ASN B 194 -10.11 -54.03 18.43
CA ASN B 194 -10.94 -55.22 18.37
C ASN B 194 -11.33 -55.69 19.77
N HIS B 195 -10.39 -55.64 20.72
CA HIS B 195 -10.69 -56.01 22.10
C HIS B 195 -11.71 -55.07 22.73
N THR B 196 -11.58 -53.77 22.48
CA THR B 196 -12.51 -52.80 23.02
C THR B 196 -13.90 -52.96 22.41
N LEU B 197 -13.98 -53.28 21.12
CA LEU B 197 -15.30 -53.49 20.53
C LEU B 197 -15.92 -54.81 20.97
N THR B 198 -15.12 -55.85 21.20
CA THR B 198 -15.67 -57.09 21.73
C THR B 198 -16.16 -56.92 23.17
N CYS B 199 -15.48 -56.07 23.96
CA CYS B 199 -15.97 -55.80 25.31
C CYS B 199 -17.24 -54.95 25.27
N PHE B 200 -17.31 -53.98 24.34
CA PHE B 200 -18.55 -53.23 24.09
C PHE B 200 -19.70 -54.15 23.73
N GLU B 201 -19.44 -55.17 22.92
CA GLU B 201 -20.49 -56.10 22.52
C GLU B 201 -20.89 -57.02 23.65
N HIS B 202 -19.92 -57.53 24.42
CA HIS B 202 -20.21 -58.46 25.49
C HIS B 202 -20.90 -57.81 26.67
N ASN B 203 -20.66 -56.52 26.90
CA ASN B 203 -21.21 -55.87 28.09
C ASN B 203 -22.56 -55.23 27.85
N LEU B 204 -23.25 -55.59 26.78
CA LEU B 204 -24.61 -55.08 26.52
C LEU B 204 -25.61 -55.58 27.54
N ASN B 216 -30.26 -49.01 29.18
CA ASN B 216 -29.34 -48.86 30.30
C ASN B 216 -27.91 -49.18 29.86
N TYR B 217 -27.09 -48.14 29.70
CA TYR B 217 -25.67 -48.31 29.45
C TYR B 217 -24.94 -47.95 30.73
N SER B 218 -24.89 -48.90 31.65
CA SER B 218 -24.09 -48.79 32.86
C SER B 218 -23.17 -50.00 33.05
N GLU B 219 -23.63 -51.18 32.64
CA GLU B 219 -22.74 -52.33 32.55
C GLU B 219 -21.72 -52.16 31.43
N VAL B 220 -22.03 -51.30 30.45
CA VAL B 220 -21.04 -50.96 29.43
C VAL B 220 -19.99 -50.02 30.01
N CYS B 221 -20.44 -49.00 30.77
CA CYS B 221 -19.52 -48.01 31.32
C CYS B 221 -18.64 -48.61 32.41
N LYS B 222 -19.23 -49.43 33.28
CA LYS B 222 -18.44 -50.30 34.16
C LYS B 222 -17.76 -51.37 33.32
N ASN B 223 -16.64 -51.89 33.81
CA ASN B 223 -15.90 -53.06 33.31
C ASN B 223 -15.22 -52.79 31.95
N CYS B 224 -15.42 -51.63 31.35
CA CYS B 224 -14.83 -51.34 30.05
C CYS B 224 -14.24 -49.95 29.99
N ARG B 225 -14.31 -49.17 31.07
CA ARG B 225 -13.57 -47.92 31.17
C ARG B 225 -12.07 -48.16 31.19
N GLU B 226 -11.64 -49.34 31.62
CA GLU B 226 -10.22 -49.67 31.68
C GLU B 226 -9.63 -49.96 30.29
N ALA B 227 -10.44 -50.39 29.33
CA ALA B 227 -9.94 -50.64 27.98
C ALA B 227 -9.96 -49.38 27.12
N TYR B 228 -11.00 -48.56 27.28
CA TYR B 228 -11.06 -47.26 26.62
C TYR B 228 -9.92 -46.36 27.05
N LYS B 229 -9.49 -46.47 28.31
CA LYS B 229 -8.44 -45.63 28.85
C LYS B 229 -7.09 -45.97 28.23
N THR B 230 -6.75 -47.26 28.18
CA THR B 230 -5.49 -47.65 27.57
C THR B 230 -5.52 -47.48 26.05
N LEU B 231 -6.71 -47.58 25.43
CA LEU B 231 -6.81 -47.30 23.99
C LEU B 231 -6.56 -45.84 23.69
N SER B 232 -7.15 -44.94 24.48
CA SER B 232 -6.96 -43.51 24.28
C SER B 232 -5.53 -43.08 24.60
N SER B 233 -4.93 -43.72 25.61
CA SER B 233 -3.55 -43.41 25.96
C SER B 233 -2.58 -43.89 24.88
N LEU B 234 -2.85 -45.05 24.28
CA LEU B 234 -2.02 -45.51 23.17
C LEU B 234 -2.18 -44.62 21.94
N TYR B 235 -3.39 -44.11 21.70
CA TYR B 235 -3.60 -43.17 20.61
C TYR B 235 -2.81 -41.89 20.82
N SER B 236 -2.83 -41.35 22.03
CA SER B 236 -2.03 -40.16 22.36
C SER B 236 -0.54 -40.45 22.23
N GLU B 237 -0.12 -41.68 22.59
CA GLU B 237 1.27 -42.10 22.46
C GLU B 237 1.70 -42.11 21.00
N MET B 238 0.87 -42.67 20.12
CA MET B 238 1.20 -42.71 18.69
C MET B 238 1.18 -41.32 18.08
N GLN B 239 0.26 -40.47 18.53
CA GLN B 239 0.13 -39.12 17.99
C GLN B 239 1.35 -38.27 18.34
N LYS B 240 1.80 -38.32 19.60
CA LYS B 240 3.04 -37.63 19.96
C LYS B 240 4.26 -38.30 19.35
N MET B 241 4.21 -39.61 19.12
CA MET B 241 5.32 -40.33 18.50
C MET B 241 5.54 -39.88 17.07
N ASN B 242 4.46 -39.72 16.31
CA ASN B 242 4.59 -39.19 14.96
C ASN B 242 4.74 -37.67 14.94
N GLU B 243 4.43 -36.99 16.04
CA GLU B 243 4.83 -35.60 16.18
C GLU B 243 6.33 -35.47 16.43
N LEU B 244 6.98 -36.52 16.96
CA LEU B 244 8.43 -36.52 17.10
C LEU B 244 9.19 -36.63 15.77
N GLU B 245 8.49 -36.77 14.65
CA GLU B 245 9.09 -36.73 13.31
C GLU B 245 9.00 -35.35 12.69
N ASN B 246 7.90 -34.62 12.93
CA ASN B 246 7.70 -33.28 12.39
C ASN B 246 8.66 -32.28 13.03
N HIS B 253 -1.88 -35.00 11.01
CA HIS B 253 -2.79 -36.14 11.10
C HIS B 253 -2.02 -37.45 11.18
N LEU B 254 -2.64 -38.46 11.77
CA LEU B 254 -2.08 -39.80 11.77
C LEU B 254 -2.55 -40.53 10.52
N CYS B 255 -2.33 -41.84 10.50
CA CYS B 255 -2.90 -42.69 9.45
C CYS B 255 -4.41 -42.70 9.57
N ILE B 256 -5.09 -42.68 8.41
CA ILE B 256 -6.55 -42.66 8.38
C ILE B 256 -7.15 -43.97 8.91
N ASP B 257 -6.36 -45.04 8.91
CA ASP B 257 -6.86 -46.32 9.39
C ASP B 257 -7.04 -46.31 10.90
N VAL B 258 -6.15 -45.63 11.62
CA VAL B 258 -6.27 -45.57 13.08
C VAL B 258 -7.12 -44.39 13.54
N GLU B 259 -7.17 -43.29 12.76
CA GLU B 259 -8.01 -42.17 13.13
C GLU B 259 -9.48 -42.51 12.99
N ASP B 260 -9.83 -43.32 11.99
CA ASP B 260 -11.20 -43.73 11.82
C ASP B 260 -11.64 -44.68 12.94
N ALA B 261 -10.74 -45.55 13.38
CA ALA B 261 -11.04 -46.45 14.49
C ALA B 261 -11.22 -45.69 15.79
N MET B 262 -10.34 -44.73 16.07
CA MET B 262 -10.50 -43.92 17.27
C MET B 262 -11.71 -43.00 17.18
N ASN B 263 -12.07 -42.56 15.97
CA ASN B 263 -13.25 -41.73 15.79
C ASN B 263 -14.52 -42.53 16.06
N ILE B 264 -14.57 -43.78 15.58
CA ILE B 264 -15.68 -44.68 15.87
C ILE B 264 -15.79 -44.97 17.37
N THR B 265 -14.65 -45.20 18.02
CA THR B 265 -14.68 -45.56 19.44
C THR B 265 -15.10 -44.39 20.31
N ARG B 266 -14.56 -43.19 20.05
CA ARG B 266 -14.96 -42.00 20.80
C ARG B 266 -16.40 -41.61 20.52
N LYS B 267 -16.84 -41.76 19.26
CA LYS B 267 -18.22 -41.45 18.89
C LYS B 267 -19.19 -42.48 19.47
N LEU B 268 -18.72 -43.66 19.80
CA LEU B 268 -19.56 -44.67 20.40
C LEU B 268 -19.55 -44.60 21.91
N TRP B 269 -18.48 -44.06 22.50
CA TRP B 269 -18.34 -43.95 23.95
C TRP B 269 -18.94 -42.67 24.52
N SER B 270 -18.70 -41.52 23.88
CA SER B 270 -19.15 -40.25 24.43
C SER B 270 -20.64 -40.04 24.21
N ARG B 271 -21.08 -40.11 22.96
CA ARG B 271 -22.49 -40.25 22.67
C ARG B 271 -22.78 -41.71 22.32
N THR B 272 -24.05 -42.08 22.41
CA THR B 272 -24.67 -43.39 22.15
C THR B 272 -24.34 -44.45 23.20
N PHE B 273 -23.40 -44.16 24.10
CA PHE B 273 -23.27 -44.83 25.40
C PHE B 273 -23.45 -43.87 26.55
N ASN B 274 -23.05 -42.61 26.37
CA ASN B 274 -23.15 -41.54 27.38
C ASN B 274 -22.44 -41.90 28.67
N CYS B 275 -21.29 -42.56 28.56
CA CYS B 275 -20.46 -42.82 29.72
C CYS B 275 -19.80 -41.52 30.16
N SER B 276 -20.24 -40.99 31.29
CA SER B 276 -19.79 -39.69 31.76
C SER B 276 -19.21 -39.81 33.16
N VAL B 277 -18.33 -38.89 33.49
CA VAL B 277 -17.79 -38.73 34.83
C VAL B 277 -18.52 -37.56 35.48
N PRO B 278 -19.06 -37.72 36.70
CA PRO B 278 -19.76 -36.60 37.36
C PRO B 278 -18.87 -35.41 37.70
N CYS B 279 -17.85 -35.65 38.53
CA CYS B 279 -16.84 -34.68 38.95
C CYS B 279 -17.45 -33.38 39.48
N SER B 280 -18.10 -33.50 40.65
CA SER B 280 -18.59 -32.33 41.35
C SER B 280 -17.43 -31.47 41.84
N ASP B 281 -17.20 -30.33 41.17
CA ASP B 281 -16.18 -29.38 41.59
C ASP B 281 -16.69 -27.96 41.40
N THR B 282 -18.00 -27.75 41.46
CA THR B 282 -18.56 -26.42 41.27
C THR B 282 -18.40 -25.56 42.52
N VAL B 283 -18.63 -26.17 43.68
CA VAL B 283 -18.68 -25.38 44.93
C VAL B 283 -17.32 -24.82 45.35
N PRO B 284 -16.19 -25.54 45.28
CA PRO B 284 -14.90 -24.86 45.55
C PRO B 284 -14.50 -23.88 44.47
N VAL B 285 -14.96 -24.03 43.22
CA VAL B 285 -14.61 -23.10 42.17
C VAL B 285 -15.33 -21.77 42.36
N ILE B 286 -16.61 -21.81 42.74
CA ILE B 286 -17.39 -20.59 42.97
C ILE B 286 -16.82 -19.79 44.13
N ALA B 287 -16.41 -20.48 45.21
CA ALA B 287 -15.96 -19.79 46.41
C ALA B 287 -14.63 -19.08 46.23
N VAL B 288 -13.75 -19.62 45.39
CA VAL B 288 -12.50 -18.94 45.08
C VAL B 288 -12.73 -17.86 44.02
N SER B 289 -13.75 -18.04 43.16
CA SER B 289 -14.10 -17.03 42.18
C SER B 289 -14.68 -15.79 42.85
N VAL B 290 -15.59 -15.98 43.82
CA VAL B 290 -16.20 -14.86 44.52
C VAL B 290 -15.18 -14.15 45.41
N PHE B 291 -14.22 -14.89 45.97
CA PHE B 291 -13.22 -14.28 46.85
C PHE B 291 -12.27 -13.37 46.09
N ILE B 292 -11.86 -13.75 44.89
CA ILE B 292 -10.93 -12.91 44.13
C ILE B 292 -11.64 -11.70 43.56
N LEU B 293 -12.88 -11.86 43.11
CA LEU B 293 -13.63 -10.73 42.56
C LEU B 293 -14.06 -9.72 43.61
N PHE B 294 -13.98 -10.07 44.89
CA PHE B 294 -14.30 -9.17 45.98
C PHE B 294 -13.09 -8.39 46.46
N LEU B 295 -11.88 -8.81 46.09
CA LEU B 295 -10.68 -8.01 46.37
C LEU B 295 -10.65 -6.62 45.71
N PRO B 296 -11.08 -6.39 44.45
CA PRO B 296 -11.05 -5.01 43.94
C PRO B 296 -11.99 -4.05 44.64
N VAL B 297 -13.17 -4.48 45.10
CA VAL B 297 -14.05 -3.52 45.76
C VAL B 297 -13.51 -3.19 47.14
N VAL B 298 -12.80 -4.12 47.78
CA VAL B 298 -12.15 -3.83 49.05
C VAL B 298 -11.00 -2.85 48.86
N PHE B 299 -10.18 -3.08 47.82
CA PHE B 299 -9.08 -2.18 47.52
C PHE B 299 -9.54 -0.78 47.13
N TYR B 300 -10.64 -0.69 46.37
CA TYR B 300 -11.12 0.61 45.94
C TYR B 300 -11.87 1.36 47.04
N LEU B 301 -12.56 0.64 47.94
CA LEU B 301 -13.20 1.34 49.05
C LEU B 301 -12.21 1.76 50.12
N SER B 302 -11.27 0.88 50.48
CA SER B 302 -10.34 1.20 51.56
C SER B 302 -9.33 2.26 51.16
N SER B 303 -9.07 2.43 49.87
CA SER B 303 -8.23 3.53 49.44
C SER B 303 -9.03 4.82 49.27
N PHE B 304 -10.34 4.72 49.08
CA PHE B 304 -11.20 5.90 49.00
C PHE B 304 -11.50 6.47 50.38
N LEU B 305 -11.78 5.60 51.36
CA LEU B 305 -12.09 6.08 52.70
C LEU B 305 -10.85 6.64 53.39
N HIS B 306 -9.76 5.88 53.38
CA HIS B 306 -8.48 6.38 53.84
C HIS B 306 -7.90 7.37 52.84
N TYR C 114 5.35 34.47 -18.06
CA TYR C 114 4.73 33.60 -17.07
C TYR C 114 4.44 34.36 -15.78
N GLU C 115 3.26 34.13 -15.22
CA GLU C 115 2.83 34.78 -13.99
C GLU C 115 2.65 33.74 -12.88
N SER C 116 2.44 34.24 -11.67
CA SER C 116 2.29 33.39 -10.50
C SER C 116 0.84 33.30 -10.07
N LEU C 117 0.57 32.36 -9.15
CA LEU C 117 -0.80 32.00 -8.81
C LEU C 117 -1.49 33.07 -7.96
N ASP C 118 -0.76 33.65 -6.99
CA ASP C 118 -1.21 34.39 -5.78
C ASP C 118 -2.08 33.51 -4.86
N TYR C 119 -1.41 32.47 -4.38
CA TYR C 119 -1.99 31.45 -3.52
C TYR C 119 -2.26 31.94 -2.10
N ASP C 120 -1.53 32.95 -1.64
CA ASP C 120 -1.71 33.48 -0.29
C ASP C 120 -2.88 34.45 -0.25
N ASN C 121 -3.82 34.23 0.68
CA ASN C 121 -4.95 35.12 0.85
C ASN C 121 -4.53 36.51 1.33
N SER C 122 -5.29 37.50 0.91
CA SER C 122 -4.96 38.87 1.28
C SER C 122 -5.32 39.16 2.74
N GLU C 123 -6.45 38.62 3.20
CA GLU C 123 -6.98 38.87 4.55
C GLU C 123 -7.15 40.36 4.85
N ASN C 124 -7.62 41.09 3.85
CA ASN C 124 -7.99 42.49 4.02
C ASN C 124 -9.29 42.60 4.84
N GLN C 125 -9.71 43.85 5.07
CA GLN C 125 -10.92 44.09 5.87
C GLN C 125 -12.18 43.58 5.19
N LEU C 126 -12.18 43.47 3.86
CA LEU C 126 -13.29 42.82 3.19
C LEU C 126 -13.29 41.32 3.43
N PHE C 127 -12.12 40.71 3.56
CA PHE C 127 -12.06 39.27 3.87
C PHE C 127 -12.53 38.99 5.29
N LEU C 128 -12.09 39.82 6.23
CA LEU C 128 -12.54 39.67 7.61
C LEU C 128 -14.04 39.92 7.72
N GLU C 129 -14.55 40.89 6.95
CA GLU C 129 -15.98 41.13 6.89
C GLU C 129 -16.73 39.93 6.30
N GLU C 130 -16.16 39.32 5.26
CA GLU C 130 -16.77 38.17 4.59
C GLU C 130 -16.85 36.97 5.53
N GLU C 131 -15.74 36.65 6.21
CA GLU C 131 -15.73 35.51 7.13
C GLU C 131 -16.61 35.76 8.34
N ARG C 132 -16.56 36.97 8.90
CA ARG C 132 -17.40 37.33 10.04
C ARG C 132 -18.87 37.32 9.66
N ARG C 133 -19.20 37.67 8.42
CA ARG C 133 -20.58 37.69 7.99
C ARG C 133 -21.11 36.29 7.70
N ILE C 134 -20.31 35.42 7.07
CA ILE C 134 -20.79 34.05 6.84
C ILE C 134 -20.69 33.20 8.09
N ASN C 135 -20.07 33.71 9.16
CA ASN C 135 -20.02 32.97 10.41
C ASN C 135 -21.22 33.26 11.31
N HIS C 136 -22.01 34.29 11.03
CA HIS C 136 -23.21 34.57 11.81
C HIS C 136 -24.46 33.87 11.29
N THR C 137 -24.35 33.09 10.21
CA THR C 137 -25.51 32.39 9.69
C THR C 137 -25.84 31.17 10.55
N ALA C 138 -26.95 30.52 10.22
CA ALA C 138 -27.43 29.40 11.03
C ALA C 138 -26.53 28.19 10.90
N PHE C 139 -25.90 28.00 9.74
CA PHE C 139 -25.06 26.83 9.51
C PHE C 139 -24.01 27.19 8.46
N ARG C 140 -22.76 26.85 8.75
CA ARG C 140 -21.65 27.15 7.84
C ARG C 140 -21.42 25.96 6.93
N THR C 141 -21.76 26.12 5.65
CA THR C 141 -21.76 25.03 4.69
C THR C 141 -20.46 24.93 3.89
N VAL C 142 -19.50 25.82 4.13
CA VAL C 142 -18.41 25.99 3.16
C VAL C 142 -17.37 24.87 3.26
N GLU C 143 -17.16 24.28 4.43
CA GLU C 143 -16.22 23.17 4.51
C GLU C 143 -16.86 21.89 3.97
N ILE C 144 -18.18 21.78 4.06
CA ILE C 144 -18.89 20.62 3.52
C ILE C 144 -18.91 20.68 2.00
N LYS C 145 -18.91 21.88 1.40
CA LYS C 145 -18.91 22.00 -0.05
C LYS C 145 -17.58 21.55 -0.67
N ARG C 146 -16.48 21.67 0.06
CA ARG C 146 -15.20 21.18 -0.44
C ARG C 146 -15.21 19.66 -0.58
N TRP C 147 -15.92 18.98 0.30
CA TRP C 147 -16.00 17.53 0.24
C TRP C 147 -16.85 17.06 -0.92
N VAL C 148 -17.92 17.78 -1.25
CA VAL C 148 -18.71 17.35 -2.39
C VAL C 148 -18.00 17.73 -3.69
N ILE C 149 -17.21 18.81 -3.70
CA ILE C 149 -16.41 19.11 -4.89
C ILE C 149 -15.34 18.06 -5.10
N CYS C 150 -14.67 17.61 -4.02
CA CYS C 150 -13.64 16.60 -4.17
C CYS C 150 -14.22 15.23 -4.55
N ALA C 151 -15.41 14.90 -4.06
CA ALA C 151 -16.08 13.67 -4.51
C ALA C 151 -16.46 13.74 -5.98
N LEU C 152 -16.89 14.92 -6.46
CA LEU C 152 -17.18 15.05 -7.89
C LEU C 152 -15.92 14.99 -8.72
N ILE C 153 -14.81 15.54 -8.21
CA ILE C 153 -13.53 15.47 -8.90
C ILE C 153 -13.09 14.03 -9.06
N GLY C 154 -13.21 13.23 -8.00
CA GLY C 154 -12.86 11.82 -8.09
C GLY C 154 -13.76 11.03 -9.03
N ILE C 155 -15.08 11.28 -8.96
CA ILE C 155 -16.01 10.57 -9.84
C ILE C 155 -15.77 10.91 -11.30
N LEU C 156 -15.57 12.20 -11.61
CA LEU C 156 -15.40 12.59 -13.01
C LEU C 156 -14.04 12.17 -13.55
N THR C 157 -13.00 12.13 -12.71
CA THR C 157 -11.71 11.61 -13.14
C THR C 157 -11.78 10.11 -13.45
N GLY C 158 -12.47 9.36 -12.58
CA GLY C 158 -12.66 7.93 -12.84
C GLY C 158 -13.47 7.67 -14.10
N LEU C 159 -14.49 8.50 -14.35
CA LEU C 159 -15.30 8.32 -15.56
C LEU C 159 -14.54 8.70 -16.83
N VAL C 160 -13.65 9.69 -16.77
CA VAL C 160 -12.83 10.02 -17.93
C VAL C 160 -11.83 8.91 -18.23
N ALA C 161 -11.26 8.31 -17.17
CA ALA C 161 -10.37 7.17 -17.37
C ALA C 161 -11.12 5.98 -17.98
N CYS C 162 -12.36 5.74 -17.53
CA CYS C 162 -13.13 4.62 -18.07
C CYS C 162 -13.54 4.86 -19.52
N PHE C 163 -13.86 6.11 -19.86
CA PHE C 163 -14.18 6.46 -21.24
C PHE C 163 -12.99 6.23 -22.16
N ILE C 164 -11.80 6.70 -21.74
CA ILE C 164 -10.57 6.50 -22.50
C ILE C 164 -10.29 5.01 -22.68
N ASP C 165 -10.49 4.21 -21.62
CA ASP C 165 -10.22 2.78 -21.68
C ASP C 165 -11.14 2.06 -22.66
N ILE C 166 -12.46 2.32 -22.57
CA ILE C 166 -13.42 1.63 -23.43
C ILE C 166 -13.26 2.07 -24.89
N VAL C 167 -13.02 3.35 -25.14
CA VAL C 167 -12.92 3.82 -26.52
C VAL C 167 -11.62 3.34 -27.17
N VAL C 168 -10.51 3.33 -26.42
CA VAL C 168 -9.26 2.81 -26.95
C VAL C 168 -9.35 1.30 -27.18
N GLU C 169 -10.04 0.58 -26.28
CA GLU C 169 -10.21 -0.86 -26.45
C GLU C 169 -11.04 -1.19 -27.70
N ASN C 170 -12.12 -0.45 -27.94
CA ASN C 170 -12.96 -0.79 -29.08
C ASN C 170 -12.43 -0.26 -30.40
N LEU C 171 -11.71 0.86 -30.41
CA LEU C 171 -11.15 1.35 -31.67
C LEU C 171 -9.93 0.57 -32.10
N ALA C 172 -9.01 0.31 -31.18
CA ALA C 172 -7.84 -0.48 -31.53
C ALA C 172 -8.19 -1.95 -31.72
N GLY C 173 -9.31 -2.40 -31.18
CA GLY C 173 -9.76 -3.75 -31.46
C GLY C 173 -10.19 -3.90 -32.91
N LEU C 174 -10.93 -2.92 -33.42
CA LEU C 174 -11.33 -2.92 -34.82
C LEU C 174 -10.14 -2.76 -35.76
N LYS C 175 -9.08 -2.07 -35.33
CA LYS C 175 -7.99 -1.77 -36.24
C LYS C 175 -7.14 -3.01 -36.51
N TYR C 176 -6.84 -3.78 -35.47
CA TYR C 176 -5.99 -4.96 -35.68
C TYR C 176 -6.73 -6.11 -36.33
N ARG C 177 -8.07 -6.11 -36.31
CA ARG C 177 -8.80 -7.12 -37.07
C ARG C 177 -8.76 -6.85 -38.57
N VAL C 178 -8.77 -5.57 -38.96
CA VAL C 178 -8.64 -5.22 -40.37
C VAL C 178 -7.24 -5.56 -40.87
N ILE C 179 -6.24 -5.43 -40.02
CA ILE C 179 -4.87 -5.74 -40.42
C ILE C 179 -4.63 -7.24 -40.46
N LYS C 180 -5.15 -7.97 -39.46
CA LYS C 180 -5.00 -9.43 -39.44
C LYS C 180 -5.80 -10.09 -40.55
N GLY C 181 -6.94 -9.51 -40.94
CA GLY C 181 -7.75 -10.09 -41.99
C GLY C 181 -7.12 -9.99 -43.37
N ASN C 182 -6.19 -9.06 -43.57
CA ASN C 182 -5.48 -8.96 -44.83
C ASN C 182 -4.09 -9.54 -44.80
N ILE C 183 -3.46 -9.62 -43.63
CA ILE C 183 -2.22 -10.39 -43.54
C ILE C 183 -2.50 -11.88 -43.72
N ASP C 184 -3.59 -12.36 -43.12
CA ASP C 184 -3.99 -13.74 -43.33
C ASP C 184 -4.53 -14.01 -44.73
N LYS C 185 -4.95 -12.97 -45.46
CA LYS C 185 -5.47 -13.19 -46.79
C LYS C 185 -4.36 -13.30 -47.82
N PHE C 186 -3.35 -12.44 -47.73
CA PHE C 186 -2.29 -12.42 -48.72
C PHE C 186 -1.08 -13.28 -48.37
N THR C 187 -1.10 -14.01 -47.25
CA THR C 187 0.10 -14.73 -46.85
C THR C 187 0.32 -16.01 -47.65
N GLU C 188 -0.70 -16.53 -48.33
CA GLU C 188 -0.50 -17.70 -49.17
C GLU C 188 -0.63 -17.40 -50.67
N LYS C 189 -1.31 -16.32 -51.04
CA LYS C 189 -1.47 -15.94 -52.44
C LYS C 189 -0.39 -14.98 -52.92
N GLY C 190 0.37 -14.39 -52.00
CA GLY C 190 1.23 -13.28 -52.32
C GLY C 190 0.53 -11.94 -52.16
N GLY C 191 1.33 -10.90 -52.03
CA GLY C 191 0.82 -9.57 -51.85
C GLY C 191 0.88 -9.02 -50.45
N LEU C 192 1.88 -9.38 -49.66
CA LEU C 192 2.00 -8.90 -48.30
C LEU C 192 2.40 -7.43 -48.21
N SER C 193 2.87 -6.82 -49.31
CA SER C 193 3.22 -5.40 -49.28
C SER C 193 1.99 -4.52 -49.18
N PHE C 194 0.84 -5.00 -49.66
CA PHE C 194 -0.39 -4.23 -49.55
C PHE C 194 -0.89 -4.20 -48.12
N SER C 195 -0.63 -5.25 -47.34
CA SER C 195 -0.99 -5.21 -45.93
C SER C 195 -0.06 -4.28 -45.14
N LEU C 196 1.20 -4.17 -45.56
CA LEU C 196 2.08 -3.15 -44.98
C LEU C 196 1.62 -1.75 -45.33
N LEU C 197 1.18 -1.52 -46.57
CA LEU C 197 0.66 -0.22 -46.96
C LEU C 197 -0.63 0.11 -46.22
N LEU C 198 -1.46 -0.91 -45.97
CA LEU C 198 -2.68 -0.70 -45.21
C LEU C 198 -2.39 -0.32 -43.77
N TRP C 199 -1.43 -0.99 -43.13
CA TRP C 199 -1.15 -0.70 -41.73
C TRP C 199 -0.44 0.65 -41.57
N ALA C 200 0.46 1.00 -42.49
CA ALA C 200 1.07 2.32 -42.46
C ALA C 200 0.05 3.41 -42.75
N THR C 201 -0.91 3.16 -43.64
CA THR C 201 -1.91 4.18 -43.98
C THR C 201 -2.90 4.38 -42.84
N LEU C 202 -3.30 3.30 -42.16
CA LEU C 202 -4.18 3.42 -41.00
C LEU C 202 -3.51 4.18 -39.86
N ASN C 203 -2.23 3.85 -39.57
CA ASN C 203 -1.51 4.58 -38.55
C ASN C 203 -1.35 6.05 -38.90
N ALA C 204 -1.02 6.34 -40.17
CA ALA C 204 -0.88 7.72 -40.62
C ALA C 204 -2.19 8.48 -40.54
N ALA C 205 -3.32 7.82 -40.80
CA ALA C 205 -4.60 8.52 -40.79
C ALA C 205 -5.04 8.88 -39.38
N PHE C 206 -4.95 7.92 -38.45
CA PHE C 206 -5.29 8.22 -37.05
C PHE C 206 -4.36 9.27 -36.45
N VAL C 207 -3.06 9.19 -36.73
CA VAL C 207 -2.13 10.16 -36.15
C VAL C 207 -2.22 11.51 -36.86
N LEU C 208 -2.65 11.53 -38.12
CA LEU C 208 -2.97 12.77 -38.81
C LEU C 208 -4.09 13.53 -38.11
N VAL C 209 -5.20 12.83 -37.83
CA VAL C 209 -6.33 13.47 -37.15
C VAL C 209 -5.94 13.88 -35.73
N GLY C 210 -5.18 13.04 -35.03
CA GLY C 210 -4.80 13.35 -33.66
C GLY C 210 -3.79 14.47 -33.54
N SER C 211 -2.88 14.60 -34.50
CA SER C 211 -1.85 15.62 -34.44
C SER C 211 -2.28 16.94 -35.04
N VAL C 212 -3.29 16.93 -35.91
CA VAL C 212 -3.71 18.19 -36.50
C VAL C 212 -4.53 19.02 -35.49
N ILE C 213 -5.16 18.37 -34.51
CA ILE C 213 -5.93 19.11 -33.51
C ILE C 213 -5.07 19.57 -32.35
N VAL C 214 -3.86 19.07 -32.21
CA VAL C 214 -2.93 19.62 -31.23
C VAL C 214 -2.06 20.70 -31.85
N ALA C 215 -1.57 20.49 -33.07
CA ALA C 215 -0.66 21.46 -33.68
C ALA C 215 -1.37 22.77 -34.04
N PHE C 216 -2.61 22.68 -34.52
CA PHE C 216 -3.31 23.86 -35.00
C PHE C 216 -4.28 24.46 -34.01
N ILE C 217 -4.91 23.68 -33.14
CA ILE C 217 -5.95 24.20 -32.27
C ILE C 217 -5.41 24.56 -30.89
N GLU C 218 -4.69 23.64 -30.25
CA GLU C 218 -4.11 23.94 -28.93
C GLU C 218 -2.80 23.20 -28.73
N PRO C 219 -1.65 23.87 -28.92
CA PRO C 219 -0.35 23.19 -28.82
C PRO C 219 0.10 22.87 -27.42
N VAL C 220 -0.55 23.39 -26.38
CA VAL C 220 -0.11 23.13 -25.01
C VAL C 220 -0.56 21.75 -24.54
N ALA C 221 -1.44 21.09 -25.26
CA ALA C 221 -1.85 19.73 -24.94
C ALA C 221 -0.89 18.67 -25.46
N ALA C 222 0.24 19.08 -26.04
CA ALA C 222 1.20 18.13 -26.59
C ALA C 222 2.02 17.49 -25.48
N GLY C 223 2.41 16.24 -25.72
CA GLY C 223 3.10 15.48 -24.71
C GLY C 223 2.14 15.08 -23.60
N SER C 224 2.71 14.70 -22.47
CA SER C 224 1.90 14.54 -21.28
C SER C 224 1.71 15.90 -20.63
N GLY C 225 0.70 16.02 -19.79
CA GLY C 225 0.48 17.29 -19.14
C GLY C 225 1.27 17.48 -17.86
N ILE C 226 2.16 16.55 -17.54
CA ILE C 226 2.83 16.45 -16.25
C ILE C 226 3.81 17.58 -15.97
N PRO C 227 4.67 18.06 -16.90
CA PRO C 227 5.43 19.28 -16.58
C PRO C 227 4.57 20.51 -16.34
N GLN C 228 3.48 20.66 -17.09
CA GLN C 228 2.58 21.79 -16.89
C GLN C 228 1.84 21.70 -15.56
N ILE C 229 1.47 20.49 -15.14
CA ILE C 229 0.80 20.34 -13.86
C ILE C 229 1.78 20.48 -12.70
N LYS C 230 3.03 20.06 -12.87
CA LYS C 230 4.07 20.36 -11.88
C LYS C 230 4.31 21.86 -11.76
N CYS C 231 4.25 22.59 -12.88
CA CYS C 231 4.41 24.03 -12.81
C CYS C 231 3.20 24.72 -12.18
N PHE C 232 2.00 24.16 -12.37
CA PHE C 232 0.83 24.76 -11.73
C PHE C 232 0.83 24.49 -10.23
N LEU C 233 1.26 23.31 -9.80
CA LEU C 233 1.37 23.04 -8.38
C LEU C 233 2.57 23.72 -7.76
N ASN C 234 3.57 24.09 -8.56
CA ASN C 234 4.68 24.88 -8.06
C ASN C 234 4.30 26.36 -7.94
N GLY C 235 3.34 26.80 -8.74
CA GLY C 235 2.91 28.17 -8.71
C GLY C 235 3.17 28.98 -9.98
N VAL C 236 3.44 28.35 -11.11
CA VAL C 236 3.60 29.03 -12.39
C VAL C 236 2.34 28.80 -13.20
N LYS C 237 1.86 29.85 -13.86
CA LYS C 237 0.73 29.74 -14.78
C LYS C 237 1.26 29.60 -16.20
N ILE C 238 1.14 28.41 -16.76
CA ILE C 238 1.30 28.23 -18.20
C ILE C 238 -0.03 28.63 -18.86
N PRO C 239 -0.03 29.52 -19.86
CA PRO C 239 -1.25 30.30 -20.18
C PRO C 239 -2.51 29.53 -20.58
N HIS C 240 -2.41 28.32 -21.09
CA HIS C 240 -3.57 27.45 -21.20
C HIS C 240 -3.19 26.15 -20.52
N VAL C 241 -3.69 25.88 -19.33
CA VAL C 241 -3.50 24.54 -18.79
C VAL C 241 -4.82 23.95 -18.39
N VAL C 242 -5.62 24.73 -17.69
CA VAL C 242 -6.81 24.24 -17.03
C VAL C 242 -7.99 24.98 -17.66
N ARG C 243 -8.53 24.37 -18.71
CA ARG C 243 -9.38 25.03 -19.68
C ARG C 243 -10.07 23.93 -20.47
N LEU C 244 -11.32 24.21 -20.87
CA LEU C 244 -12.17 23.15 -21.42
C LEU C 244 -11.68 22.68 -22.78
N LYS C 245 -11.19 23.60 -23.62
CA LYS C 245 -10.68 23.19 -24.92
C LYS C 245 -9.38 22.41 -24.79
N THR C 246 -8.58 22.70 -23.76
CA THR C 246 -7.40 21.92 -23.46
C THR C 246 -7.77 20.50 -23.03
N LEU C 247 -8.90 20.33 -22.36
CA LEU C 247 -9.32 19.01 -21.89
C LEU C 247 -9.80 18.13 -23.05
N VAL C 248 -10.64 18.68 -23.93
CA VAL C 248 -11.26 17.85 -24.95
C VAL C 248 -10.28 17.49 -26.06
N ILE C 249 -9.21 18.24 -26.24
CA ILE C 249 -8.20 17.85 -27.22
C ILE C 249 -7.22 16.85 -26.61
N LYS C 250 -6.92 16.98 -25.32
CA LYS C 250 -6.05 15.99 -24.70
C LYS C 250 -6.74 14.66 -24.50
N VAL C 251 -8.04 14.64 -24.25
CA VAL C 251 -8.74 13.36 -24.12
C VAL C 251 -8.86 12.68 -25.49
N SER C 252 -9.30 13.41 -26.50
CA SER C 252 -9.48 12.81 -27.82
C SER C 252 -8.14 12.58 -28.51
N GLY C 253 -7.13 13.39 -28.23
CA GLY C 253 -5.84 13.21 -28.86
C GLY C 253 -5.05 12.03 -28.32
N VAL C 254 -5.30 11.66 -27.06
CA VAL C 254 -4.67 10.47 -26.50
C VAL C 254 -5.19 9.21 -27.18
N ILE C 255 -6.50 9.17 -27.42
CA ILE C 255 -7.12 8.04 -28.10
C ILE C 255 -6.57 7.89 -29.51
N LEU C 256 -6.52 8.99 -30.26
CA LEU C 256 -5.97 8.93 -31.61
C LEU C 256 -4.47 8.74 -31.63
N SER C 257 -3.77 9.06 -30.55
CA SER C 257 -2.34 8.81 -30.49
C SER C 257 -2.04 7.35 -30.18
N VAL C 258 -2.88 6.72 -29.35
CA VAL C 258 -2.67 5.32 -28.96
C VAL C 258 -3.18 4.37 -30.04
N VAL C 259 -4.36 4.64 -30.60
CA VAL C 259 -4.91 3.83 -31.68
C VAL C 259 -4.05 3.95 -32.94
N GLY C 260 -3.42 5.10 -33.16
CA GLY C 260 -2.56 5.27 -34.31
C GLY C 260 -1.21 4.59 -34.26
N GLY C 261 -0.97 3.73 -33.27
CA GLY C 261 0.17 2.85 -33.27
C GLY C 261 1.46 3.43 -32.75
N LEU C 262 1.43 4.63 -32.17
CA LEU C 262 2.65 5.25 -31.66
C LEU C 262 3.14 4.53 -30.41
N ALA C 263 4.46 4.60 -30.17
CA ALA C 263 5.09 3.95 -29.03
C ALA C 263 4.95 4.82 -27.78
N VAL C 264 3.70 5.00 -27.36
CA VAL C 264 3.31 5.90 -26.30
C VAL C 264 2.44 5.14 -25.31
N GLY C 265 2.05 5.82 -24.24
CA GLY C 265 1.11 5.28 -23.29
C GLY C 265 0.03 6.29 -22.98
N LYS C 266 -1.09 5.79 -22.46
CA LYS C 266 -2.25 6.63 -22.17
C LYS C 266 -2.41 6.96 -20.69
N GLU C 267 -1.73 6.22 -19.82
CA GLU C 267 -1.89 6.38 -18.38
C GLU C 267 -1.30 7.70 -17.87
N GLY C 268 -0.24 8.18 -18.50
CA GLY C 268 0.42 9.41 -18.13
C GLY C 268 -0.46 10.66 -18.10
N PRO C 269 -1.11 10.99 -19.22
CA PRO C 269 -2.03 12.13 -19.21
C PRO C 269 -3.41 11.91 -18.61
N MET C 270 -3.50 11.22 -17.47
CA MET C 270 -4.68 11.33 -16.64
C MET C 270 -4.54 12.42 -15.61
N ILE C 271 -3.30 12.81 -15.33
CA ILE C 271 -3.01 13.80 -14.31
C ILE C 271 -3.49 15.18 -14.75
N HIS C 272 -3.19 15.53 -16.01
CA HIS C 272 -3.65 16.79 -16.56
C HIS C 272 -5.17 16.80 -16.72
N SER C 273 -5.76 15.65 -17.05
CA SER C 273 -7.21 15.57 -17.25
C SER C 273 -7.96 15.78 -15.93
N GLY C 274 -7.52 15.09 -14.88
CA GLY C 274 -8.10 15.30 -13.57
C GLY C 274 -7.86 16.70 -13.03
N SER C 275 -6.71 17.30 -13.37
CA SER C 275 -6.43 18.66 -12.96
C SER C 275 -7.35 19.66 -13.65
N VAL C 276 -7.66 19.46 -14.93
CA VAL C 276 -8.56 20.38 -15.63
C VAL C 276 -9.99 20.23 -15.11
N ILE C 277 -10.42 18.98 -14.86
CA ILE C 277 -11.73 18.74 -14.24
C ILE C 277 -11.83 19.43 -12.89
N ALA C 278 -10.77 19.30 -12.08
CA ALA C 278 -10.76 19.87 -10.75
C ALA C 278 -10.74 21.39 -10.75
N ALA C 279 -10.12 22.00 -11.76
CA ALA C 279 -10.14 23.46 -11.83
C ALA C 279 -11.39 23.99 -12.50
N GLY C 280 -12.09 23.18 -13.28
CA GLY C 280 -13.28 23.63 -13.96
C GLY C 280 -14.54 23.54 -13.12
N ILE C 281 -14.76 22.39 -12.48
CA ILE C 281 -16.00 22.27 -11.70
C ILE C 281 -15.92 22.93 -10.34
N SER C 282 -14.73 23.32 -9.89
CA SER C 282 -14.62 23.99 -8.60
C SER C 282 -15.20 25.39 -8.64
N GLN C 283 -15.21 25.99 -9.82
CA GLN C 283 -16.05 27.15 -10.10
C GLN C 283 -17.39 26.66 -10.61
N GLY C 284 -18.44 27.42 -10.32
CA GLY C 284 -19.74 27.10 -10.87
C GLY C 284 -19.99 27.87 -12.16
N ARG C 285 -18.99 27.91 -13.02
CA ARG C 285 -18.95 28.87 -14.11
C ARG C 285 -18.06 28.32 -15.22
N SER C 286 -18.53 28.44 -16.45
CA SER C 286 -17.77 28.06 -17.64
C SER C 286 -17.42 29.34 -18.39
N THR C 287 -16.14 29.71 -18.36
CA THR C 287 -15.69 30.91 -19.07
C THR C 287 -15.57 30.71 -20.58
N SER C 288 -15.69 29.47 -21.06
CA SER C 288 -15.65 29.20 -22.49
C SER C 288 -17.04 29.18 -23.10
N LEU C 289 -17.97 28.44 -22.49
CA LEU C 289 -19.36 28.40 -22.92
C LEU C 289 -20.20 29.55 -22.35
N LYS C 290 -19.56 30.47 -21.60
CA LYS C 290 -20.13 31.75 -21.16
C LYS C 290 -21.35 31.59 -20.24
N ARG C 291 -21.49 30.43 -19.59
CA ARG C 291 -22.59 30.21 -18.66
C ARG C 291 -22.13 30.45 -17.22
N ASP C 292 -23.11 30.55 -16.33
CA ASP C 292 -22.86 30.79 -14.91
C ASP C 292 -24.01 30.17 -14.13
N PHE C 293 -23.77 29.03 -13.50
CA PHE C 293 -24.71 28.40 -12.59
C PHE C 293 -24.12 28.61 -11.20
N LYS C 294 -24.44 29.74 -10.59
CA LYS C 294 -23.71 30.25 -9.43
C LYS C 294 -24.05 29.39 -8.19
N ILE C 295 -23.13 28.48 -7.86
CA ILE C 295 -23.24 27.67 -6.67
C ILE C 295 -21.94 27.70 -5.88
N PHE C 296 -20.83 27.98 -6.56
CA PHE C 296 -19.51 27.83 -5.98
C PHE C 296 -18.75 29.14 -6.05
N GLU C 297 -19.40 30.23 -5.66
CA GLU C 297 -18.83 31.56 -5.82
C GLU C 297 -17.66 31.79 -4.87
N TYR C 298 -17.72 31.18 -3.68
CA TYR C 298 -16.68 31.37 -2.66
C TYR C 298 -15.33 30.85 -3.11
N PHE C 299 -15.32 29.84 -3.98
CA PHE C 299 -14.10 29.13 -4.33
C PHE C 299 -13.39 29.74 -5.54
N ARG C 300 -13.75 30.96 -5.92
CA ARG C 300 -13.13 31.62 -7.06
C ARG C 300 -11.97 32.52 -6.64
N ARG C 301 -11.01 31.98 -5.88
CA ARG C 301 -10.04 32.83 -5.19
C ARG C 301 -8.60 32.35 -5.26
N ASP C 302 -8.31 31.24 -5.94
CA ASP C 302 -6.99 30.72 -6.32
C ASP C 302 -6.19 30.13 -5.17
N THR C 303 -6.61 30.36 -3.94
CA THR C 303 -6.14 29.55 -2.82
C THR C 303 -6.88 28.22 -2.84
N GLU C 304 -8.17 28.28 -3.15
CA GLU C 304 -8.97 27.07 -3.31
C GLU C 304 -8.60 26.32 -4.58
N LYS C 305 -8.34 27.07 -5.65
CA LYS C 305 -8.14 26.49 -6.98
C LYS C 305 -6.89 25.63 -7.05
N ARG C 306 -5.79 26.08 -6.44
CA ARG C 306 -4.59 25.25 -6.39
C ARG C 306 -4.80 24.06 -5.47
N ASP C 307 -5.60 24.21 -4.42
CA ASP C 307 -5.90 23.07 -3.54
C ASP C 307 -6.82 22.07 -4.21
N PHE C 308 -7.67 22.50 -5.14
CA PHE C 308 -8.52 21.53 -5.82
C PHE C 308 -7.76 20.81 -6.94
N VAL C 309 -6.86 21.52 -7.63
CA VAL C 309 -6.06 20.92 -8.70
C VAL C 309 -5.12 19.85 -8.14
N SER C 310 -4.66 20.03 -6.90
CA SER C 310 -3.84 19.01 -6.24
C SER C 310 -4.61 17.71 -6.06
N ALA C 311 -5.90 17.81 -5.71
CA ALA C 311 -6.75 16.63 -5.58
C ALA C 311 -7.05 16.00 -6.94
N GLY C 312 -7.21 16.82 -7.97
CA GLY C 312 -7.46 16.30 -9.30
C GLY C 312 -6.25 15.59 -9.90
N ALA C 313 -5.06 16.14 -9.67
CA ALA C 313 -3.83 15.47 -10.05
C ALA C 313 -3.66 14.15 -9.31
N ALA C 314 -3.97 14.12 -8.01
CA ALA C 314 -3.86 12.88 -7.24
C ALA C 314 -4.86 11.84 -7.72
N ALA C 315 -6.07 12.27 -8.07
CA ALA C 315 -7.07 11.38 -8.61
C ALA C 315 -6.67 10.85 -9.97
N GLY C 316 -6.00 11.69 -10.78
CA GLY C 316 -5.47 11.21 -12.05
C GLY C 316 -4.40 10.16 -11.87
N VAL C 317 -3.53 10.32 -10.87
CA VAL C 317 -2.51 9.32 -10.57
C VAL C 317 -3.14 8.00 -10.12
N SER C 318 -4.16 8.09 -9.25
CA SER C 318 -4.80 6.87 -8.75
C SER C 318 -5.63 6.17 -9.82
N ALA C 319 -6.26 6.91 -10.73
CA ALA C 319 -6.96 6.27 -11.83
C ALA C 319 -5.97 5.73 -12.87
N ALA C 320 -4.79 6.31 -12.96
CA ALA C 320 -3.78 5.79 -13.87
C ALA C 320 -3.26 4.45 -13.39
N PHE C 321 -2.79 4.37 -12.15
CA PHE C 321 -2.04 3.20 -11.75
C PHE C 321 -2.71 2.35 -10.69
N GLY C 322 -3.88 2.73 -10.20
CA GLY C 322 -4.44 2.04 -9.06
C GLY C 322 -3.73 2.35 -7.77
N ALA C 323 -3.04 3.48 -7.67
CA ALA C 323 -2.24 3.85 -6.51
C ALA C 323 -2.76 5.15 -5.92
N PRO C 324 -3.64 5.08 -4.93
CA PRO C 324 -4.15 6.31 -4.32
C PRO C 324 -3.17 7.02 -3.40
N VAL C 325 -2.37 6.29 -2.63
CA VAL C 325 -1.43 6.95 -1.74
C VAL C 325 -0.28 7.52 -2.55
N GLY C 326 0.02 6.92 -3.70
CA GLY C 326 0.99 7.49 -4.60
C GLY C 326 0.50 8.77 -5.23
N GLY C 327 -0.81 8.92 -5.38
CA GLY C 327 -1.35 10.18 -5.86
C GLY C 327 -1.22 11.29 -4.83
N VAL C 328 -1.51 10.97 -3.57
CA VAL C 328 -1.39 11.94 -2.49
C VAL C 328 0.07 12.35 -2.31
N LEU C 329 0.99 11.39 -2.36
CA LEU C 329 2.40 11.71 -2.24
C LEU C 329 2.93 12.41 -3.48
N PHE C 330 2.34 12.17 -4.65
CA PHE C 330 2.72 12.94 -5.82
C PHE C 330 2.33 14.40 -5.66
N SER C 331 1.12 14.65 -5.21
CA SER C 331 0.65 16.02 -5.10
C SER C 331 1.06 16.70 -3.79
N LEU C 332 1.77 16.00 -2.91
CA LEU C 332 2.44 16.65 -1.78
C LEU C 332 3.89 17.01 -2.10
N GLU C 333 4.55 16.21 -2.94
CA GLU C 333 5.89 16.56 -3.42
C GLU C 333 5.87 17.82 -4.27
N GLU C 334 5.01 17.84 -5.28
CA GLU C 334 4.77 19.07 -6.01
C GLU C 334 3.75 19.89 -5.24
N GLY C 335 4.03 21.17 -5.05
CA GLY C 335 3.24 21.89 -4.08
C GLY C 335 3.74 21.55 -2.70
N ALA C 336 4.99 21.90 -2.45
CA ALA C 336 5.69 21.51 -1.22
C ALA C 336 5.41 22.58 -0.17
N SER C 337 4.21 22.52 0.39
CA SER C 337 3.76 23.52 1.32
C SER C 337 3.84 23.02 2.76
N PHE C 338 3.36 23.85 3.68
CA PHE C 338 3.13 23.47 5.06
C PHE C 338 2.14 22.30 5.13
N TRP C 339 2.22 21.53 6.20
CA TRP C 339 1.32 20.39 6.37
C TRP C 339 -0.10 20.89 6.62
N ASN C 340 -1.01 20.49 5.74
CA ASN C 340 -2.42 20.83 5.86
C ASN C 340 -3.16 19.50 5.98
N GLN C 341 -3.62 19.20 7.21
CA GLN C 341 -4.17 17.89 7.52
C GLN C 341 -5.48 17.62 6.78
N PHE C 342 -6.35 18.61 6.73
CA PHE C 342 -7.66 18.36 6.16
C PHE C 342 -7.65 18.48 4.66
N LEU C 343 -6.72 19.26 4.10
CA LEU C 343 -6.50 19.24 2.65
C LEU C 343 -5.97 17.89 2.20
N THR C 344 -4.99 17.34 2.92
CA THR C 344 -4.43 16.04 2.58
C THR C 344 -5.47 14.93 2.72
N TRP C 345 -6.38 15.09 3.67
CA TRP C 345 -7.46 14.13 3.86
C TRP C 345 -8.52 14.25 2.76
N ARG C 346 -8.81 15.46 2.28
CA ARG C 346 -9.69 15.62 1.11
C ARG C 346 -9.05 15.11 -0.18
N ILE C 347 -7.74 15.27 -0.32
CA ILE C 347 -7.03 14.74 -1.48
C ILE C 347 -7.05 13.21 -1.48
N PHE C 348 -6.87 12.61 -0.31
CA PHE C 348 -6.97 11.15 -0.19
C PHE C 348 -8.39 10.66 -0.50
N PHE C 349 -9.39 11.45 -0.11
CA PHE C 349 -10.79 11.14 -0.41
C PHE C 349 -11.06 11.13 -1.91
N ALA C 350 -10.62 12.19 -2.61
CA ALA C 350 -10.81 12.28 -4.05
C ALA C 350 -10.06 11.17 -4.79
N SER C 351 -8.89 10.81 -4.28
CA SER C 351 -8.06 9.79 -4.90
C SER C 351 -8.69 8.39 -4.78
N MET C 352 -9.21 8.07 -3.58
CA MET C 352 -9.89 6.80 -3.38
C MET C 352 -11.17 6.70 -4.21
N ILE C 353 -11.95 7.78 -4.28
CA ILE C 353 -13.16 7.76 -5.10
C ILE C 353 -12.84 7.59 -6.58
N SER C 354 -11.73 8.16 -7.04
CA SER C 354 -11.33 7.99 -8.44
C SER C 354 -11.02 6.54 -8.77
N THR C 355 -10.19 5.89 -7.93
CA THR C 355 -9.83 4.50 -8.25
C THR C 355 -11.03 3.56 -8.08
N PHE C 356 -11.94 3.87 -7.13
CA PHE C 356 -13.13 3.05 -6.95
C PHE C 356 -14.11 3.23 -8.10
N THR C 357 -14.25 4.45 -8.62
CA THR C 357 -15.17 4.71 -9.73
C THR C 357 -14.72 4.01 -11.00
N LEU C 358 -13.41 4.07 -11.27
CA LEU C 358 -12.86 3.34 -12.42
C LEU C 358 -13.08 1.84 -12.29
N ASN C 359 -12.81 1.30 -11.09
CA ASN C 359 -12.93 -0.14 -10.89
C ASN C 359 -14.37 -0.61 -10.99
N PHE C 360 -15.32 0.19 -10.48
CA PHE C 360 -16.72 -0.20 -10.48
C PHE C 360 -17.32 -0.13 -11.87
N VAL C 361 -17.05 0.94 -12.63
CA VAL C 361 -17.67 1.03 -13.96
C VAL C 361 -17.00 0.06 -14.93
N LEU C 362 -15.70 -0.23 -14.76
CA LEU C 362 -15.12 -1.25 -15.63
C LEU C 362 -15.59 -2.66 -15.27
N SER C 363 -15.90 -2.92 -14.00
CA SER C 363 -16.48 -4.21 -13.66
C SER C 363 -17.89 -4.36 -14.20
N ILE C 364 -18.65 -3.26 -14.28
CA ILE C 364 -19.95 -3.33 -14.94
C ILE C 364 -19.79 -3.58 -16.44
N TYR C 365 -18.80 -2.92 -17.06
CA TYR C 365 -18.60 -3.07 -18.51
C TYR C 365 -18.12 -4.47 -18.88
N HIS C 366 -17.24 -5.05 -18.07
CA HIS C 366 -16.70 -6.36 -18.39
C HIS C 366 -17.62 -7.51 -18.01
N GLY C 367 -18.75 -7.24 -17.37
CA GLY C 367 -19.51 -8.27 -16.70
C GLY C 367 -18.87 -8.65 -15.37
N ASN C 368 -19.60 -9.44 -14.59
CA ASN C 368 -19.23 -9.83 -13.22
C ASN C 368 -19.00 -8.58 -12.36
N MET C 369 -20.14 -7.91 -12.10
CA MET C 369 -20.20 -6.65 -11.36
C MET C 369 -19.48 -6.71 -10.02
N TRP C 370 -19.56 -7.84 -9.32
CA TRP C 370 -18.91 -7.97 -8.02
C TRP C 370 -17.51 -8.57 -8.11
N ASP C 371 -16.83 -8.42 -9.24
CA ASP C 371 -15.44 -8.82 -9.40
C ASP C 371 -14.63 -7.56 -9.67
N LEU C 372 -14.20 -6.91 -8.60
CA LEU C 372 -13.49 -5.63 -8.70
C LEU C 372 -12.00 -5.92 -8.90
N SER C 373 -11.61 -6.06 -10.17
CA SER C 373 -10.26 -6.50 -10.50
C SER C 373 -9.54 -5.54 -11.43
N SER C 374 -10.00 -4.30 -11.53
CA SER C 374 -9.35 -3.30 -12.38
C SER C 374 -9.28 -1.96 -11.66
N PRO C 375 -8.38 -1.82 -10.67
CA PRO C 375 -8.30 -0.52 -9.96
C PRO C 375 -7.78 0.62 -10.81
N GLY C 376 -6.75 0.37 -11.63
CA GLY C 376 -6.18 1.38 -12.49
C GLY C 376 -6.31 1.00 -13.95
N LEU C 377 -5.79 1.89 -14.79
CA LEU C 377 -5.74 1.62 -16.22
C LEU C 377 -4.67 0.58 -16.56
N ILE C 378 -3.64 0.44 -15.74
CA ILE C 378 -2.69 -0.66 -15.83
C ILE C 378 -2.69 -1.40 -14.50
N ASN C 379 -2.72 -2.73 -14.57
CA ASN C 379 -2.87 -3.59 -13.39
C ASN C 379 -1.76 -4.61 -13.41
N PHE C 380 -0.79 -4.48 -12.51
CA PHE C 380 0.43 -5.29 -12.56
C PHE C 380 0.19 -6.76 -12.21
N GLY C 381 -0.97 -7.12 -11.67
CA GLY C 381 -1.17 -8.45 -11.18
C GLY C 381 -0.82 -8.55 -9.70
N ARG C 382 -0.60 -9.78 -9.24
CA ARG C 382 -0.30 -10.01 -7.84
C ARG C 382 0.97 -10.85 -7.74
N PHE C 383 1.79 -10.54 -6.74
CA PHE C 383 3.17 -11.00 -6.66
C PHE C 383 3.41 -11.84 -5.41
N ASP C 384 2.51 -12.77 -5.13
CA ASP C 384 2.62 -13.65 -3.96
C ASP C 384 2.73 -15.11 -4.38
N SER C 385 3.32 -15.37 -5.54
CA SER C 385 3.30 -16.70 -6.15
C SER C 385 4.37 -17.62 -5.61
N GLU C 386 5.21 -17.15 -4.67
CA GLU C 386 6.30 -17.84 -3.99
C GLU C 386 7.48 -18.22 -4.89
N LYS C 387 7.38 -18.00 -6.20
CA LYS C 387 8.53 -17.91 -7.08
C LYS C 387 8.97 -16.48 -7.26
N MET C 388 8.25 -15.55 -6.65
CA MET C 388 8.47 -14.12 -6.74
C MET C 388 9.22 -13.58 -5.53
N ALA C 389 9.50 -14.42 -4.54
CA ALA C 389 10.12 -13.96 -3.31
C ALA C 389 11.59 -13.64 -3.52
N TYR C 390 12.07 -12.60 -2.86
CA TYR C 390 13.46 -12.21 -2.95
C TYR C 390 14.19 -12.53 -1.66
N THR C 391 15.51 -12.51 -1.73
CA THR C 391 16.39 -12.81 -0.62
C THR C 391 17.28 -11.60 -0.35
N ILE C 392 18.24 -11.78 0.55
CA ILE C 392 19.13 -10.69 0.93
C ILE C 392 20.43 -10.70 0.12
N HIS C 393 20.79 -11.82 -0.51
CA HIS C 393 22.05 -11.84 -1.25
C HIS C 393 21.90 -11.29 -2.66
N GLU C 394 20.68 -11.19 -3.18
CA GLU C 394 20.45 -10.53 -4.45
C GLU C 394 20.06 -9.07 -4.27
N ILE C 395 20.24 -8.53 -3.07
CA ILE C 395 20.20 -7.08 -2.89
C ILE C 395 21.26 -6.35 -3.70
N PRO C 396 22.55 -6.76 -3.75
CA PRO C 396 23.47 -6.07 -4.66
C PRO C 396 23.27 -6.40 -6.14
N VAL C 397 22.54 -7.46 -6.48
CA VAL C 397 22.16 -7.67 -7.88
C VAL C 397 21.11 -6.63 -8.28
N PHE C 398 20.27 -6.22 -7.33
CA PHE C 398 19.30 -5.18 -7.58
C PHE C 398 19.94 -3.80 -7.69
N ILE C 399 21.01 -3.55 -6.92
CA ILE C 399 21.71 -2.27 -7.01
C ILE C 399 22.40 -2.14 -8.37
N ALA C 400 22.89 -3.25 -8.91
CA ALA C 400 23.54 -3.25 -10.22
C ALA C 400 22.55 -2.94 -11.33
N MET C 401 21.30 -3.33 -11.19
CA MET C 401 20.30 -3.00 -12.21
C MET C 401 19.92 -1.52 -12.17
N GLY C 402 19.99 -0.89 -11.00
CA GLY C 402 19.76 0.54 -10.91
C GLY C 402 20.85 1.36 -11.60
N VAL C 403 22.08 0.86 -11.62
CA VAL C 403 23.15 1.50 -12.38
C VAL C 403 22.84 1.45 -13.87
N VAL C 404 22.37 0.29 -14.34
CA VAL C 404 22.01 0.11 -15.75
C VAL C 404 20.84 1.00 -16.12
N GLY C 405 19.86 1.13 -15.22
CA GLY C 405 18.71 1.99 -15.48
C GLY C 405 19.09 3.46 -15.51
N GLY C 406 19.98 3.88 -14.62
CA GLY C 406 20.46 5.26 -14.63
C GLY C 406 21.26 5.60 -15.88
N VAL C 407 22.11 4.67 -16.33
CA VAL C 407 22.91 4.91 -17.54
C VAL C 407 22.01 4.92 -18.77
N LEU C 408 21.07 3.98 -18.89
CA LEU C 408 20.21 3.95 -20.07
C LEU C 408 19.21 5.09 -20.08
N GLY C 409 18.73 5.52 -18.91
CA GLY C 409 17.88 6.70 -18.86
C GLY C 409 18.62 7.97 -19.19
N ALA C 410 19.91 8.03 -18.85
CA ALA C 410 20.71 9.19 -19.25
C ALA C 410 20.94 9.23 -20.75
N VAL C 411 21.14 8.05 -21.36
CA VAL C 411 21.25 7.94 -22.82
C VAL C 411 19.95 8.37 -23.49
N PHE C 412 18.82 7.89 -22.96
CA PHE C 412 17.49 8.24 -23.46
C PHE C 412 17.25 9.74 -23.39
N ASN C 413 17.57 10.35 -22.24
CA ASN C 413 17.35 11.78 -22.08
C ASN C 413 18.30 12.62 -22.92
N ALA C 414 19.53 12.15 -23.16
CA ALA C 414 20.44 12.90 -24.01
C ALA C 414 19.99 12.90 -25.46
N LEU C 415 19.57 11.73 -25.97
CA LEU C 415 19.06 11.65 -27.34
C LEU C 415 17.79 12.47 -27.50
N ASN C 416 16.90 12.41 -26.51
CA ASN C 416 15.67 13.18 -26.60
C ASN C 416 15.94 14.68 -26.47
N TYR C 417 16.96 15.06 -25.71
CA TYR C 417 17.35 16.46 -25.59
C TYR C 417 17.84 17.00 -26.93
N TRP C 418 18.71 16.26 -27.60
CA TRP C 418 19.24 16.78 -28.86
C TRP C 418 18.20 16.74 -29.96
N LEU C 419 17.29 15.76 -29.94
CA LEU C 419 16.17 15.77 -30.87
C LEU C 419 15.23 16.95 -30.63
N THR C 420 14.99 17.29 -29.36
CA THR C 420 14.12 18.41 -29.03
C THR C 420 14.76 19.74 -29.42
N MET C 421 16.07 19.87 -29.20
CA MET C 421 16.80 21.05 -29.65
C MET C 421 16.84 21.15 -31.17
N PHE C 422 16.80 20.03 -31.88
CA PHE C 422 16.66 20.11 -33.33
C PHE C 422 15.26 20.57 -33.72
N ARG C 423 14.24 20.15 -32.98
CA ARG C 423 12.87 20.49 -33.33
C ARG C 423 12.49 21.93 -32.97
N ILE C 424 13.13 22.56 -31.99
CA ILE C 424 12.82 23.95 -31.68
C ILE C 424 13.27 24.87 -32.81
N ARG C 425 14.43 24.59 -33.39
CA ARG C 425 14.96 25.49 -34.40
C ARG C 425 14.37 25.25 -35.78
N TYR C 426 14.02 24.02 -36.12
CA TYR C 426 13.65 23.74 -37.51
C TYR C 426 12.23 23.24 -37.70
N ILE C 427 11.69 22.43 -36.79
CA ILE C 427 10.35 21.94 -37.01
C ILE C 427 9.44 22.61 -35.99
N HIS C 428 8.96 23.81 -36.32
CA HIS C 428 8.13 24.57 -35.39
C HIS C 428 6.88 25.15 -36.05
N ARG C 429 6.80 25.15 -37.37
CA ARG C 429 5.54 25.42 -38.02
C ARG C 429 4.58 24.25 -37.75
N PRO C 430 3.28 24.52 -37.63
CA PRO C 430 2.34 23.43 -37.33
C PRO C 430 2.21 22.38 -38.42
N CYS C 431 2.35 22.77 -39.70
CA CYS C 431 2.21 21.79 -40.78
C CYS C 431 3.39 20.82 -40.81
N LEU C 432 4.61 21.33 -40.57
CA LEU C 432 5.77 20.44 -40.50
C LEU C 432 5.71 19.53 -39.30
N GLN C 433 5.10 19.99 -38.20
CA GLN C 433 4.91 19.13 -37.04
C GLN C 433 3.89 18.03 -37.32
N VAL C 434 2.85 18.35 -38.09
CA VAL C 434 1.88 17.34 -38.51
C VAL C 434 2.54 16.29 -39.41
N ILE C 435 3.36 16.74 -40.35
CA ILE C 435 4.05 15.81 -41.26
C ILE C 435 5.03 14.93 -40.48
N GLU C 436 5.72 15.51 -39.49
CA GLU C 436 6.64 14.74 -38.66
C GLU C 436 5.90 13.70 -37.82
N ALA C 437 4.72 14.05 -37.30
CA ALA C 437 3.94 13.07 -36.56
C ALA C 437 3.42 11.96 -37.47
N VAL C 438 3.08 12.28 -38.72
CA VAL C 438 2.60 11.26 -39.64
C VAL C 438 3.73 10.30 -40.04
N LEU C 439 4.94 10.84 -40.26
CA LEU C 439 6.05 10.00 -40.71
C LEU C 439 6.57 9.09 -39.60
N VAL C 440 6.46 9.48 -38.34
CA VAL C 440 6.83 8.57 -37.25
C VAL C 440 5.85 7.41 -37.16
N ALA C 441 4.55 7.69 -37.34
CA ALA C 441 3.53 6.64 -37.26
C ALA C 441 3.62 5.68 -38.43
N ALA C 442 4.05 6.16 -39.60
CA ALA C 442 4.24 5.27 -40.74
C ALA C 442 5.48 4.39 -40.57
N VAL C 443 6.54 4.96 -40.01
CA VAL C 443 7.79 4.21 -39.85
C VAL C 443 7.66 3.16 -38.76
N THR C 444 6.89 3.45 -37.71
CA THR C 444 6.66 2.49 -36.62
C THR C 444 5.98 1.22 -37.14
N ALA C 445 5.01 1.38 -38.04
CA ALA C 445 4.35 0.25 -38.68
C ALA C 445 5.34 -0.59 -39.50
N THR C 446 6.22 0.07 -40.25
CA THR C 446 7.12 -0.67 -41.13
C THR C 446 8.23 -1.35 -40.36
N VAL C 447 8.75 -0.72 -39.31
CA VAL C 447 9.76 -1.34 -38.45
C VAL C 447 9.18 -2.57 -37.76
N ALA C 448 7.95 -2.44 -37.23
CA ALA C 448 7.26 -3.58 -36.66
C ALA C 448 7.04 -4.68 -37.69
N PHE C 449 6.63 -4.32 -38.90
CA PHE C 449 6.31 -5.32 -39.92
C PHE C 449 7.56 -6.03 -40.42
N VAL C 450 8.67 -5.31 -40.54
CA VAL C 450 9.91 -5.92 -40.99
C VAL C 450 10.44 -6.88 -39.94
N LEU C 451 10.29 -6.54 -38.66
CA LEU C 451 10.70 -7.51 -37.64
C LEU C 451 9.75 -8.70 -37.54
N ILE C 452 8.46 -8.51 -37.85
CA ILE C 452 7.54 -9.64 -37.84
C ILE C 452 7.79 -10.56 -39.03
N TYR C 453 8.07 -9.97 -40.19
CA TYR C 453 8.21 -10.73 -41.43
C TYR C 453 9.47 -11.58 -41.44
N SER C 454 10.56 -11.03 -40.93
CA SER C 454 11.85 -11.71 -40.99
C SER C 454 12.10 -12.65 -39.82
N SER C 455 11.17 -12.76 -38.88
CA SER C 455 11.38 -13.55 -37.68
C SER C 455 11.03 -15.00 -37.91
N ARG C 456 11.83 -15.89 -37.31
CA ARG C 456 11.68 -17.33 -37.44
C ARG C 456 11.33 -17.97 -36.10
N ASP C 457 10.53 -17.27 -35.30
CA ASP C 457 10.13 -17.74 -33.99
C ASP C 457 8.63 -18.03 -34.02
N CYS C 458 8.25 -19.25 -33.69
CA CYS C 458 6.86 -19.66 -33.64
C CYS C 458 6.61 -20.41 -32.35
N GLN C 459 5.40 -20.27 -31.80
CA GLN C 459 5.03 -20.98 -30.59
C GLN C 459 3.51 -21.12 -30.55
N PRO C 460 2.99 -22.19 -29.98
CA PRO C 460 1.54 -22.35 -29.89
C PRO C 460 0.95 -21.50 -28.78
N LEU C 461 -0.35 -21.25 -28.87
CA LEU C 461 -1.03 -20.46 -27.86
C LEU C 461 -1.37 -21.32 -26.66
N GLN C 462 -1.16 -20.77 -25.46
CA GLN C 462 -1.52 -21.46 -24.23
C GLN C 462 -2.96 -21.15 -23.81
N GLY C 463 -3.25 -19.88 -23.57
CA GLY C 463 -4.59 -19.45 -23.20
C GLY C 463 -4.92 -18.15 -23.89
N GLY C 464 -5.30 -17.14 -23.11
CA GLY C 464 -5.34 -15.79 -23.63
C GLY C 464 -3.98 -15.16 -23.49
N SER C 465 -3.18 -15.23 -24.55
CA SER C 465 -1.78 -14.83 -24.50
C SER C 465 -1.33 -13.95 -25.66
N MET C 466 -2.05 -13.94 -26.78
CA MET C 466 -1.64 -13.18 -27.96
C MET C 466 -2.70 -12.21 -28.43
N SER C 467 -3.99 -12.53 -28.25
CA SER C 467 -5.17 -11.68 -28.41
C SER C 467 -5.47 -11.21 -29.83
N TYR C 468 -4.51 -11.36 -30.76
CA TYR C 468 -4.61 -11.25 -32.21
C TYR C 468 -3.45 -12.03 -32.82
N PRO C 469 -3.47 -13.36 -32.78
CA PRO C 469 -2.29 -14.11 -33.24
C PRO C 469 -2.20 -14.17 -34.76
N LEU C 470 -0.96 -14.19 -35.24
CA LEU C 470 -0.69 -14.29 -36.68
C LEU C 470 0.04 -15.60 -36.95
N GLN C 471 -0.62 -16.49 -37.69
CA GLN C 471 0.04 -17.65 -38.28
C GLN C 471 0.56 -17.24 -39.64
N LEU C 472 1.61 -16.44 -39.62
CA LEU C 472 2.14 -15.87 -40.86
C LEU C 472 2.85 -16.93 -41.67
N PHE C 473 3.98 -17.43 -41.15
CA PHE C 473 4.78 -18.45 -41.81
C PHE C 473 4.96 -19.66 -40.90
N CYS C 474 4.15 -19.76 -39.84
CA CYS C 474 4.27 -20.81 -38.86
C CYS C 474 3.51 -22.06 -39.33
N ALA C 475 3.62 -23.14 -38.55
CA ALA C 475 3.19 -24.46 -38.99
C ALA C 475 1.80 -24.81 -38.48
N ASP C 476 0.83 -23.97 -38.84
CA ASP C 476 -0.62 -24.24 -38.80
C ASP C 476 -1.23 -24.44 -37.42
N GLY C 477 -0.44 -24.47 -36.36
CA GLY C 477 -0.98 -24.53 -35.02
C GLY C 477 -0.17 -23.60 -34.14
N GLU C 478 0.86 -23.04 -34.74
CA GLU C 478 1.80 -22.13 -34.09
C GLU C 478 1.57 -20.72 -34.59
N TYR C 479 2.07 -19.75 -33.84
CA TYR C 479 1.85 -18.34 -34.17
C TYR C 479 3.14 -17.56 -33.94
N ASN C 480 3.25 -16.44 -34.65
CA ASN C 480 4.48 -15.65 -34.65
C ASN C 480 4.56 -14.85 -33.37
N SER C 481 5.71 -14.93 -32.70
CA SER C 481 5.87 -14.32 -31.38
C SER C 481 6.42 -12.91 -31.42
N MET C 482 7.08 -12.51 -32.51
CA MET C 482 7.36 -11.10 -32.71
C MET C 482 6.08 -10.34 -33.03
N ALA C 483 5.13 -11.01 -33.69
CA ALA C 483 3.81 -10.42 -33.95
C ALA C 483 2.99 -10.26 -32.68
N ALA C 484 3.38 -10.93 -31.58
CA ALA C 484 2.71 -10.76 -30.31
C ALA C 484 3.39 -9.73 -29.42
N ALA C 485 4.63 -9.34 -29.72
CA ALA C 485 5.23 -8.19 -29.04
C ALA C 485 4.60 -6.90 -29.52
N PHE C 486 4.37 -6.79 -30.83
CA PHE C 486 3.46 -5.82 -31.41
C PHE C 486 2.06 -6.41 -31.36
N PHE C 487 1.06 -5.69 -31.87
CA PHE C 487 -0.35 -6.13 -31.95
C PHE C 487 -1.03 -6.35 -30.60
N ASN C 488 -0.31 -6.20 -29.50
CA ASN C 488 -0.86 -6.19 -28.15
C ASN C 488 -0.77 -4.79 -27.59
N THR C 489 -1.54 -4.56 -26.53
CA THR C 489 -1.36 -3.35 -25.77
C THR C 489 -0.06 -3.44 -24.96
N PRO C 490 0.64 -2.33 -24.78
CA PRO C 490 1.86 -2.36 -23.97
C PRO C 490 1.63 -2.73 -22.51
N GLU C 491 0.41 -2.47 -22.00
CA GLU C 491 0.04 -2.95 -20.67
C GLU C 491 0.05 -4.47 -20.61
N LYS C 492 -0.47 -5.14 -21.65
CA LYS C 492 -0.47 -6.59 -21.69
C LYS C 492 0.94 -7.15 -21.86
N SER C 493 1.81 -6.43 -22.58
CA SER C 493 3.20 -6.87 -22.71
C SER C 493 3.95 -6.75 -21.40
N VAL C 494 3.69 -5.68 -20.64
CA VAL C 494 4.31 -5.51 -19.32
C VAL C 494 3.82 -6.60 -18.36
N VAL C 495 2.51 -6.87 -18.35
CA VAL C 495 1.95 -7.85 -17.43
C VAL C 495 2.40 -9.27 -17.78
N SER C 496 2.53 -9.58 -19.08
CA SER C 496 3.04 -10.88 -19.47
C SER C 496 4.54 -11.01 -19.16
N LEU C 497 5.30 -9.92 -19.25
CA LEU C 497 6.72 -9.98 -18.89
C LEU C 497 6.95 -10.19 -17.40
N PHE C 498 5.94 -9.96 -16.57
CA PHE C 498 6.10 -10.15 -15.12
C PHE C 498 5.71 -11.54 -14.67
N HIS C 499 4.74 -12.17 -15.32
CA HIS C 499 4.09 -13.35 -14.75
C HIS C 499 4.17 -14.58 -15.66
N ASP C 500 4.90 -14.51 -16.77
CA ASP C 500 5.08 -15.73 -17.54
C ASP C 500 6.16 -16.60 -16.89
N PRO C 501 6.03 -17.91 -16.97
CA PRO C 501 7.05 -18.82 -16.43
C PRO C 501 8.32 -18.77 -17.28
N PRO C 502 9.46 -19.24 -16.75
CA PRO C 502 10.70 -19.21 -17.53
C PRO C 502 10.64 -20.12 -18.74
N GLY C 503 11.39 -19.74 -19.77
CA GLY C 503 11.37 -20.42 -21.05
C GLY C 503 10.33 -19.92 -22.01
N SER C 504 9.61 -18.85 -21.66
CA SER C 504 8.51 -18.35 -22.46
C SER C 504 8.92 -17.27 -23.44
N TYR C 505 10.19 -16.86 -23.44
CA TYR C 505 10.66 -15.77 -24.28
C TYR C 505 11.98 -16.17 -24.94
N ASN C 506 12.02 -16.09 -26.25
CA ASN C 506 13.27 -16.25 -26.99
C ASN C 506 14.12 -15.01 -26.73
N PRO C 507 15.40 -15.17 -26.34
CA PRO C 507 16.24 -13.99 -26.07
C PRO C 507 16.50 -13.09 -27.26
N LEU C 508 16.60 -13.63 -28.47
CA LEU C 508 16.82 -12.79 -29.65
C LEU C 508 15.59 -11.94 -29.97
N THR C 509 14.40 -12.48 -29.73
CA THR C 509 13.16 -11.75 -30.01
C THR C 509 13.01 -10.56 -29.08
N LEU C 510 13.16 -10.78 -27.76
CA LEU C 510 13.16 -9.67 -26.82
C LEU C 510 14.32 -8.72 -27.04
N GLY C 511 15.47 -9.21 -27.48
CA GLY C 511 16.59 -8.33 -27.75
C GLY C 511 16.32 -7.35 -28.87
N LEU C 512 15.76 -7.86 -29.98
CA LEU C 512 15.45 -6.97 -31.11
C LEU C 512 14.29 -6.05 -30.80
N PHE C 513 13.28 -6.55 -30.07
CA PHE C 513 12.17 -5.69 -29.68
C PHE C 513 12.61 -4.59 -28.71
N THR C 514 13.48 -4.93 -27.75
CA THR C 514 13.95 -3.96 -26.79
C THR C 514 14.86 -2.93 -27.45
N LEU C 515 15.63 -3.36 -28.44
CA LEU C 515 16.50 -2.43 -29.14
C LEU C 515 15.71 -1.47 -30.02
N VAL C 516 14.68 -1.95 -30.72
CA VAL C 516 14.00 -1.00 -31.61
C VAL C 516 12.96 -0.18 -30.85
N TYR C 517 12.37 -0.72 -29.78
CA TYR C 517 11.34 0.01 -29.05
C TYR C 517 11.94 1.10 -28.18
N PHE C 518 13.21 0.96 -27.81
CA PHE C 518 13.92 2.01 -27.09
C PHE C 518 14.07 3.26 -27.94
N PHE C 519 14.46 3.08 -29.20
CA PHE C 519 14.63 4.19 -30.11
C PHE C 519 13.31 4.70 -30.69
N LEU C 520 12.28 3.86 -30.75
CA LEU C 520 10.98 4.36 -31.20
C LEU C 520 10.31 5.20 -30.14
N ALA C 521 10.49 4.85 -28.86
CA ALA C 521 9.91 5.62 -27.78
C ALA C 521 10.63 6.95 -27.59
N CYS C 522 11.93 6.99 -27.85
CA CYS C 522 12.71 8.22 -27.68
C CYS C 522 12.41 9.21 -28.80
N TRP C 523 12.07 8.71 -29.97
CA TRP C 523 11.78 9.53 -31.14
C TRP C 523 10.34 10.03 -31.14
N THR C 524 9.47 9.42 -30.34
CA THR C 524 8.05 9.73 -30.33
C THR C 524 7.68 10.72 -29.23
N TYR C 525 8.56 10.96 -28.26
CA TYR C 525 8.13 11.69 -27.06
C TYR C 525 7.93 13.17 -27.32
N GLY C 526 8.80 13.80 -28.09
CA GLY C 526 8.60 15.22 -28.28
C GLY C 526 7.61 15.62 -29.35
N LEU C 527 6.87 14.68 -29.93
CA LEU C 527 5.89 14.96 -30.97
C LEU C 527 4.73 15.79 -30.42
N THR C 528 4.03 16.45 -31.34
CA THR C 528 2.90 17.31 -30.99
C THR C 528 1.63 16.47 -30.94
N VAL C 529 1.62 15.56 -29.98
CA VAL C 529 0.48 14.70 -29.68
C VAL C 529 0.36 14.66 -28.16
N SER C 530 -0.83 14.37 -27.67
CA SER C 530 -1.00 14.11 -26.25
C SER C 530 -0.74 12.64 -25.99
N ALA C 531 0.23 12.35 -25.12
CA ALA C 531 0.82 11.02 -25.00
C ALA C 531 1.73 10.98 -23.78
N GLY C 532 1.72 9.84 -23.10
CA GLY C 532 2.57 9.64 -21.94
C GLY C 532 3.83 8.87 -22.27
N VAL C 533 4.71 8.76 -21.27
CA VAL C 533 5.98 8.09 -21.41
C VAL C 533 6.26 7.10 -20.28
N PHE C 534 5.34 6.96 -19.32
CA PHE C 534 5.48 5.96 -18.25
C PHE C 534 5.45 4.54 -18.79
N ILE C 535 4.42 4.24 -19.58
CA ILE C 535 4.26 2.87 -20.08
C ILE C 535 5.36 2.45 -21.06
N PRO C 536 5.86 3.30 -21.98
CA PRO C 536 7.06 2.89 -22.72
C PRO C 536 8.29 2.71 -21.86
N SER C 537 8.45 3.47 -20.78
CA SER C 537 9.60 3.30 -19.91
C SER C 537 9.53 1.99 -19.14
N LEU C 538 8.36 1.67 -18.59
CA LEU C 538 8.14 0.39 -17.92
C LEU C 538 8.30 -0.78 -18.86
N LEU C 539 7.90 -0.62 -20.14
CA LEU C 539 8.04 -1.72 -21.08
C LEU C 539 9.49 -1.92 -21.51
N ILE C 540 10.23 -0.82 -21.72
CA ILE C 540 11.66 -0.89 -21.99
C ILE C 540 12.40 -1.58 -20.86
N GLY C 541 12.09 -1.19 -19.62
CA GLY C 541 12.77 -1.78 -18.49
C GLY C 541 12.38 -3.20 -18.16
N ALA C 542 11.10 -3.54 -18.31
CA ALA C 542 10.68 -4.92 -18.12
C ALA C 542 11.22 -5.81 -19.23
N ALA C 543 11.51 -5.24 -20.39
CA ALA C 543 12.07 -6.03 -21.48
C ALA C 543 13.53 -6.43 -21.19
N TRP C 544 14.40 -5.46 -20.88
CA TRP C 544 15.77 -5.86 -20.56
C TRP C 544 15.89 -6.44 -19.16
N GLY C 545 14.91 -6.21 -18.29
CA GLY C 545 14.90 -6.89 -17.02
C GLY C 545 14.59 -8.36 -17.14
N ARG C 546 13.76 -8.74 -18.12
CA ARG C 546 13.48 -10.15 -18.36
C ARG C 546 14.65 -10.84 -19.05
N LEU C 547 15.38 -10.10 -19.91
CA LEU C 547 16.60 -10.64 -20.51
C LEU C 547 17.68 -10.87 -19.47
N PHE C 548 17.77 -9.98 -18.48
CA PHE C 548 18.76 -10.15 -17.42
C PHE C 548 18.39 -11.29 -16.49
N GLY C 549 17.10 -11.63 -16.39
CA GLY C 549 16.72 -12.82 -15.66
C GLY C 549 16.92 -14.09 -16.44
N ILE C 550 16.82 -14.02 -17.78
CA ILE C 550 17.17 -15.16 -18.61
C ILE C 550 18.67 -15.44 -18.52
N SER C 551 19.48 -14.39 -18.40
CA SER C 551 20.91 -14.60 -18.29
C SER C 551 21.31 -15.15 -16.92
N LEU C 552 20.64 -14.70 -15.86
CA LEU C 552 20.94 -15.26 -14.53
C LEU C 552 20.41 -16.68 -14.38
N SER C 553 19.34 -17.02 -15.09
CA SER C 553 18.83 -18.38 -15.03
C SER C 553 19.68 -19.35 -15.84
N TYR C 554 20.54 -18.85 -16.71
CA TYR C 554 21.43 -19.67 -17.51
C TYR C 554 22.75 -19.95 -16.80
N LEU C 555 23.28 -18.94 -16.10
CA LEU C 555 24.55 -19.11 -15.40
C LEU C 555 24.38 -19.98 -14.16
N THR C 556 23.26 -19.86 -13.48
CA THR C 556 23.02 -20.60 -12.25
C THR C 556 22.37 -21.96 -12.50
N GLY C 557 22.08 -22.30 -13.75
CA GLY C 557 21.45 -23.56 -14.08
C GLY C 557 20.02 -23.65 -13.59
N ALA C 558 19.22 -22.62 -13.89
CA ALA C 558 17.80 -22.52 -13.54
C ALA C 558 17.58 -22.61 -12.03
N ALA C 559 18.17 -21.66 -11.31
CA ALA C 559 17.93 -21.55 -9.89
C ALA C 559 16.54 -20.98 -9.63
N ILE C 560 15.98 -21.32 -8.47
CA ILE C 560 14.64 -20.85 -8.12
C ILE C 560 14.65 -19.36 -7.80
N TRP C 561 15.73 -18.87 -7.17
CA TRP C 561 15.82 -17.45 -6.86
C TRP C 561 16.00 -16.60 -8.10
N ALA C 562 16.56 -17.17 -9.16
CA ALA C 562 16.75 -16.43 -10.42
C ALA C 562 15.53 -16.56 -11.33
N ASP C 563 14.36 -16.23 -10.79
CA ASP C 563 13.14 -16.20 -11.58
C ASP C 563 13.11 -14.94 -12.42
N PRO C 564 13.01 -15.04 -13.75
CA PRO C 564 13.19 -13.86 -14.60
C PRO C 564 12.01 -12.89 -14.58
N GLY C 565 10.82 -13.33 -14.17
CA GLY C 565 9.71 -12.40 -14.02
C GLY C 565 9.92 -11.40 -12.90
N LYS C 566 10.61 -11.80 -11.84
CA LYS C 566 10.95 -10.88 -10.75
C LYS C 566 11.93 -9.82 -11.22
N TYR C 567 12.88 -10.17 -12.08
CA TYR C 567 13.84 -9.21 -12.58
C TYR C 567 13.28 -8.30 -13.65
N ALA C 568 12.18 -8.69 -14.30
CA ALA C 568 11.46 -7.78 -15.18
C ALA C 568 10.86 -6.62 -14.39
N LEU C 569 10.40 -6.90 -13.17
CA LEU C 569 9.82 -5.86 -12.32
C LEU C 569 10.87 -4.86 -11.85
N MET C 570 12.06 -5.36 -11.49
CA MET C 570 13.11 -4.46 -10.99
C MET C 570 13.71 -3.64 -12.11
N GLY C 571 13.82 -4.21 -13.31
CA GLY C 571 14.32 -3.45 -14.44
C GLY C 571 13.35 -2.40 -14.93
N ALA C 572 12.04 -2.68 -14.85
CA ALA C 572 11.04 -1.70 -15.23
C ALA C 572 11.08 -0.49 -14.31
N ALA C 573 11.21 -0.73 -13.00
CA ALA C 573 11.36 0.35 -12.05
C ALA C 573 12.68 1.07 -12.24
N ALA C 574 13.74 0.34 -12.60
CA ALA C 574 15.05 0.95 -12.85
C ALA C 574 15.02 1.88 -14.06
N GLN C 575 14.35 1.48 -15.13
CA GLN C 575 14.31 2.33 -16.31
C GLN C 575 13.39 3.52 -16.11
N LEU C 576 12.27 3.31 -15.42
CA LEU C 576 11.40 4.44 -15.11
C LEU C 576 12.04 5.40 -14.12
N GLY C 577 12.92 4.91 -13.24
CA GLY C 577 13.67 5.82 -12.40
C GLY C 577 14.76 6.55 -13.14
N GLY C 578 15.41 5.88 -14.10
CA GLY C 578 16.48 6.51 -14.84
C GLY C 578 16.02 7.55 -15.84
N ILE C 579 14.79 7.41 -16.36
CA ILE C 579 14.29 8.39 -17.32
C ILE C 579 13.69 9.59 -16.61
N VAL C 580 12.69 9.37 -15.77
CA VAL C 580 12.16 10.41 -14.90
C VAL C 580 12.63 10.13 -13.48
N ARG C 581 13.30 11.10 -12.89
CA ARG C 581 14.07 10.82 -11.68
C ARG C 581 13.26 11.18 -10.43
N MET C 582 12.09 10.57 -10.31
CA MET C 582 11.23 10.76 -9.16
C MET C 582 11.36 9.58 -8.20
N THR C 583 11.53 9.89 -6.93
CA THR C 583 11.48 8.92 -5.85
C THR C 583 10.32 9.31 -4.94
N LEU C 584 9.97 8.39 -4.04
CA LEU C 584 9.03 8.48 -2.92
C LEU C 584 7.56 8.57 -3.35
N SER C 585 7.31 8.95 -4.58
CA SER C 585 5.98 8.83 -5.15
C SER C 585 5.92 7.67 -6.10
N LEU C 586 6.97 7.51 -6.90
CA LEU C 586 7.13 6.33 -7.74
C LEU C 586 7.30 5.06 -6.92
N THR C 587 7.95 5.16 -5.75
CA THR C 587 8.18 3.97 -4.94
C THR C 587 6.88 3.43 -4.37
N VAL C 588 5.99 4.32 -3.95
CA VAL C 588 4.74 3.89 -3.35
C VAL C 588 3.74 3.43 -4.41
N ILE C 589 3.79 4.01 -5.62
CA ILE C 589 2.99 3.52 -6.74
C ILE C 589 3.36 2.09 -7.09
N MET C 590 4.66 1.76 -7.08
CA MET C 590 5.09 0.41 -7.40
C MET C 590 4.73 -0.57 -6.29
N MET C 591 4.80 -0.14 -5.03
CA MET C 591 4.39 -1.00 -3.91
C MET C 591 2.91 -1.30 -3.97
N GLU C 592 2.11 -0.32 -4.38
CA GLU C 592 0.67 -0.42 -4.28
C GLU C 592 0.06 -1.04 -5.51
N ALA C 593 0.80 -1.07 -6.62
CA ALA C 593 0.36 -1.81 -7.79
C ALA C 593 0.75 -3.27 -7.75
N THR C 594 1.90 -3.59 -7.17
CA THR C 594 2.29 -4.98 -6.99
C THR C 594 1.64 -5.62 -5.77
N SER C 595 0.96 -4.82 -4.94
CA SER C 595 0.22 -5.26 -3.74
C SER C 595 1.12 -6.00 -2.75
N ASN C 596 2.36 -5.57 -2.63
CA ASN C 596 3.35 -6.29 -1.84
C ASN C 596 4.16 -5.27 -1.05
N VAL C 597 4.14 -5.42 0.27
CA VAL C 597 4.82 -4.48 1.14
C VAL C 597 6.32 -4.72 1.15
N THR C 598 6.73 -6.00 1.06
CA THR C 598 8.14 -6.34 1.17
C THR C 598 8.93 -5.94 -0.05
N TYR C 599 8.29 -5.77 -1.21
CA TYR C 599 8.97 -5.29 -2.41
C TYR C 599 9.37 -3.84 -2.33
N GLY C 600 8.89 -3.07 -1.36
CA GLY C 600 9.28 -1.68 -1.32
C GLY C 600 10.69 -1.43 -0.86
N PHE C 601 11.37 -2.45 -0.37
CA PHE C 601 12.77 -2.30 -0.02
C PHE C 601 13.67 -2.40 -1.25
N PRO C 602 13.60 -3.44 -2.11
CA PRO C 602 14.42 -3.40 -3.34
C PRO C 602 14.01 -2.31 -4.32
N ILE C 603 12.72 -1.98 -4.42
CA ILE C 603 12.28 -0.94 -5.35
C ILE C 603 12.82 0.42 -4.93
N MET C 604 12.83 0.69 -3.61
CA MET C 604 13.44 1.92 -3.10
C MET C 604 14.94 1.95 -3.35
N LEU C 605 15.63 0.82 -3.16
CA LEU C 605 17.06 0.76 -3.42
C LEU C 605 17.38 1.00 -4.89
N VAL C 606 16.58 0.42 -5.78
CA VAL C 606 16.78 0.55 -7.22
C VAL C 606 16.48 1.97 -7.67
N LEU C 607 15.47 2.62 -7.10
CA LEU C 607 15.16 3.99 -7.49
C LEU C 607 16.18 4.99 -6.96
N MET C 608 16.71 4.74 -5.75
CA MET C 608 17.85 5.52 -5.25
C MET C 608 19.04 5.41 -6.20
N THR C 609 19.40 4.18 -6.57
CA THR C 609 20.56 3.96 -7.41
C THR C 609 20.38 4.57 -8.81
N ALA C 610 19.17 4.44 -9.36
CA ALA C 610 18.88 4.98 -10.68
C ALA C 610 18.93 6.51 -10.69
N LYS C 611 18.37 7.15 -9.65
CA LYS C 611 18.39 8.61 -9.59
C LYS C 611 19.81 9.14 -9.39
N ILE C 612 20.60 8.49 -8.53
CA ILE C 612 21.97 8.96 -8.27
C ILE C 612 22.85 8.77 -9.49
N VAL C 613 22.74 7.62 -10.17
CA VAL C 613 23.54 7.40 -11.38
C VAL C 613 23.08 8.31 -12.52
N GLY C 614 21.78 8.54 -12.64
CA GLY C 614 21.29 9.38 -13.72
C GLY C 614 21.57 10.86 -13.55
N ASP C 615 21.60 11.35 -12.31
CA ASP C 615 21.79 12.79 -12.08
C ASP C 615 23.17 13.29 -12.45
N VAL C 616 24.19 12.41 -12.51
CA VAL C 616 25.53 12.90 -12.83
C VAL C 616 25.73 13.16 -14.31
N PHE C 617 24.77 12.78 -15.16
CA PHE C 617 24.89 12.99 -16.60
C PHE C 617 23.99 14.09 -17.11
N ILE C 618 22.70 14.08 -16.75
CA ILE C 618 21.71 14.96 -17.36
C ILE C 618 20.51 15.02 -16.43
N GLU C 619 19.70 16.06 -16.57
CA GLU C 619 18.50 16.21 -15.76
C GLU C 619 17.42 15.22 -16.17
N GLY C 620 16.40 15.09 -15.32
CA GLY C 620 15.26 14.25 -15.64
C GLY C 620 14.46 14.80 -16.80
N LEU C 621 13.60 13.94 -17.36
CA LEU C 621 12.90 14.27 -18.60
C LEU C 621 11.89 15.39 -18.39
N TYR C 622 11.13 15.34 -17.31
CA TYR C 622 10.15 16.38 -17.02
C TYR C 622 10.84 17.69 -16.64
N ASP C 623 11.96 17.60 -15.91
CA ASP C 623 12.75 18.78 -15.57
C ASP C 623 13.36 19.41 -16.81
N MET C 624 13.88 18.57 -17.72
CA MET C 624 14.44 19.04 -18.98
C MET C 624 13.41 19.74 -19.84
N HIS C 625 12.21 19.19 -19.93
CA HIS C 625 11.17 19.84 -20.70
C HIS C 625 10.56 21.05 -19.99
N ILE C 626 10.75 21.19 -18.68
CA ILE C 626 10.44 22.46 -18.04
C ILE C 626 11.48 23.51 -18.41
N GLN C 627 12.77 23.19 -18.24
CA GLN C 627 13.79 24.21 -18.42
C GLN C 627 14.11 24.52 -19.88
N LEU C 628 13.69 23.67 -20.83
CA LEU C 628 13.83 24.03 -22.23
C LEU C 628 12.87 25.11 -22.68
N GLN C 629 11.82 25.39 -21.91
CA GLN C 629 10.86 26.42 -22.28
C GLN C 629 10.84 27.57 -21.28
N SER C 630 11.93 27.76 -20.53
CA SER C 630 12.25 28.99 -19.79
C SER C 630 11.26 29.28 -18.66
N VAL C 631 10.68 28.24 -18.08
CA VAL C 631 9.70 28.41 -17.00
C VAL C 631 10.46 28.70 -15.70
N PRO C 632 10.11 29.77 -14.96
CA PRO C 632 10.76 30.05 -13.67
C PRO C 632 10.30 29.10 -12.57
N PHE C 633 10.97 27.96 -12.50
CA PHE C 633 10.59 26.83 -11.67
C PHE C 633 11.44 26.83 -10.41
N LEU C 634 10.81 26.54 -9.27
CA LEU C 634 11.50 26.51 -7.97
C LEU C 634 11.66 25.09 -7.48
N HIS C 635 12.89 24.73 -7.15
CA HIS C 635 13.20 23.40 -6.65
C HIS C 635 12.92 23.33 -5.16
N TRP C 636 13.26 22.20 -4.53
CA TRP C 636 12.84 22.01 -3.15
C TRP C 636 13.64 22.86 -2.17
N GLU C 637 14.88 23.20 -2.48
CA GLU C 637 15.69 23.98 -1.56
C GLU C 637 16.69 24.83 -2.34
N ALA C 638 17.45 25.61 -1.59
CA ALA C 638 18.53 26.42 -2.13
C ALA C 638 19.62 25.52 -2.71
N PRO C 639 20.27 25.93 -3.84
CA PRO C 639 21.01 24.97 -4.67
C PRO C 639 22.21 24.25 -4.08
N VAL C 640 23.24 24.95 -3.59
CA VAL C 640 24.44 24.21 -3.22
C VAL C 640 24.81 24.42 -1.76
N THR C 641 25.26 25.62 -1.42
CA THR C 641 25.53 25.97 -0.03
C THR C 641 24.65 27.12 0.45
N SER C 642 24.74 28.28 -0.20
CA SER C 642 23.78 29.38 -0.15
C SER C 642 23.61 30.06 1.21
N HIS C 643 24.33 29.61 2.25
CA HIS C 643 24.42 30.41 3.46
C HIS C 643 25.43 31.53 3.30
N SER C 644 26.27 31.48 2.27
CA SER C 644 27.16 32.58 1.94
C SER C 644 26.44 33.70 1.18
N LEU C 645 25.22 33.46 0.74
CA LEU C 645 24.45 34.42 -0.03
C LEU C 645 23.27 34.89 0.80
N THR C 646 23.12 36.19 0.93
CA THR C 646 22.15 36.78 1.85
C THR C 646 20.95 37.31 1.09
N ALA C 647 19.95 37.75 1.85
CA ALA C 647 18.73 38.31 1.26
C ALA C 647 18.99 39.63 0.55
N ARG C 648 20.01 40.37 0.98
CA ARG C 648 20.39 41.66 0.38
C ARG C 648 20.84 41.51 -1.07
N GLU C 649 21.40 40.37 -1.43
CA GLU C 649 22.04 40.19 -2.71
C GLU C 649 21.16 39.43 -3.70
N VAL C 650 19.93 39.11 -3.31
CA VAL C 650 19.01 38.34 -4.12
C VAL C 650 17.96 39.24 -4.77
N MET C 651 17.49 40.24 -4.03
CA MET C 651 16.23 40.90 -4.34
C MET C 651 16.44 42.14 -5.21
N SER C 652 15.32 42.65 -5.75
CA SER C 652 15.31 43.86 -6.55
C SER C 652 15.47 45.07 -5.64
N THR C 653 16.53 45.84 -5.85
CA THR C 653 16.94 46.88 -4.91
C THR C 653 16.12 48.16 -5.03
N PRO C 654 15.82 48.73 -6.25
CA PRO C 654 14.83 49.81 -6.26
C PRO C 654 13.40 49.26 -6.37
N VAL C 655 12.55 49.61 -5.41
CA VAL C 655 11.19 49.10 -5.33
C VAL C 655 10.23 50.25 -5.59
N THR C 656 9.28 50.03 -6.48
CA THR C 656 8.24 51.02 -6.76
C THR C 656 7.08 50.77 -5.81
N CYS C 657 6.85 51.73 -4.91
CA CYS C 657 5.83 51.63 -3.88
C CYS C 657 4.69 52.59 -4.18
N LEU C 658 3.65 52.49 -3.37
CA LEU C 658 2.52 53.39 -3.41
C LEU C 658 2.28 53.89 -1.99
N ARG C 659 1.63 55.02 -1.86
CA ARG C 659 1.26 55.48 -0.52
C ARG C 659 -0.14 54.96 -0.17
N ARG C 660 -0.49 55.06 1.12
CA ARG C 660 -1.80 54.60 1.58
C ARG C 660 -2.92 55.42 0.96
N ARG C 661 -2.71 56.72 0.85
CA ARG C 661 -3.74 57.65 0.41
C ARG C 661 -3.05 58.57 -0.59
N GLU C 662 -3.04 58.17 -1.86
CA GLU C 662 -2.37 58.96 -2.87
C GLU C 662 -3.25 59.07 -4.11
N LYS C 663 -2.84 59.98 -4.98
CA LYS C 663 -3.63 60.33 -6.15
C LYS C 663 -3.60 59.20 -7.18
N VAL C 664 -4.68 59.10 -7.95
CA VAL C 664 -4.79 57.98 -8.87
C VAL C 664 -4.03 58.21 -10.16
N GLY C 665 -3.58 59.44 -10.41
CA GLY C 665 -2.66 59.66 -11.50
C GLY C 665 -1.32 59.01 -11.26
N VAL C 666 -0.91 58.89 -10.00
CA VAL C 666 0.26 58.08 -9.65
C VAL C 666 -0.04 56.61 -9.89
N ILE C 667 -1.27 56.18 -9.56
CA ILE C 667 -1.68 54.80 -9.76
C ILE C 667 -1.68 54.43 -11.24
N VAL C 668 -2.27 55.29 -12.07
CA VAL C 668 -2.38 55.02 -13.51
C VAL C 668 -0.99 55.06 -14.16
N ASP C 669 -0.13 55.97 -13.72
CA ASP C 669 1.23 56.04 -14.28
C ASP C 669 2.08 54.85 -13.87
N VAL C 670 1.91 54.36 -12.63
CA VAL C 670 2.63 53.16 -12.21
C VAL C 670 2.11 51.93 -12.94
N LEU C 671 0.80 51.83 -13.14
CA LEU C 671 0.24 50.64 -13.78
C LEU C 671 0.42 50.63 -15.30
N SER C 672 0.58 51.78 -15.93
CA SER C 672 0.71 51.87 -17.38
C SER C 672 2.13 52.25 -17.80
N ASP C 673 3.13 51.69 -17.11
CA ASP C 673 4.51 52.01 -17.44
C ASP C 673 4.95 51.37 -18.75
N THR C 674 4.41 50.18 -19.06
CA THR C 674 4.63 49.43 -20.31
C THR C 674 6.09 49.07 -20.55
N ALA C 675 6.91 49.05 -19.50
CA ALA C 675 8.29 48.63 -19.58
C ALA C 675 8.71 47.70 -18.47
N SER C 676 7.88 47.56 -17.42
CA SER C 676 8.21 46.74 -16.26
C SER C 676 7.23 45.60 -16.05
N ASN C 677 5.93 45.91 -16.01
CA ASN C 677 4.82 44.97 -15.80
C ASN C 677 4.98 44.19 -14.49
N HIS C 678 4.98 44.91 -13.38
CA HIS C 678 4.99 44.28 -12.07
C HIS C 678 3.56 44.10 -11.57
N ASN C 679 3.37 43.13 -10.69
CA ASN C 679 2.04 42.81 -10.18
C ASN C 679 1.89 43.02 -8.69
N GLY C 680 2.96 43.38 -7.99
CA GLY C 680 2.89 43.53 -6.56
C GLY C 680 3.51 44.83 -6.14
N PHE C 681 2.82 45.56 -5.29
CA PHE C 681 3.27 46.88 -4.90
C PHE C 681 3.12 47.01 -3.40
N PRO C 682 4.21 47.08 -2.64
CA PRO C 682 4.08 47.38 -1.22
C PRO C 682 3.62 48.82 -1.03
N VAL C 683 2.67 48.98 -0.12
CA VAL C 683 2.09 50.29 0.16
C VAL C 683 2.70 50.84 1.45
N VAL C 684 3.19 52.08 1.39
CA VAL C 684 4.08 52.65 2.40
C VAL C 684 3.55 53.97 2.90
N GLU C 685 4.32 54.63 3.75
CA GLU C 685 4.03 56.01 4.15
C GLU C 685 4.77 57.01 3.27
N ALA C 693 8.82 56.08 4.73
CA ALA C 693 8.61 54.98 3.78
C ALA C 693 8.51 53.65 4.52
N ARG C 694 7.88 53.67 5.69
CA ARG C 694 7.66 52.45 6.44
C ARG C 694 6.60 51.58 5.79
N LEU C 695 6.82 50.27 5.81
CA LEU C 695 5.91 49.33 5.19
C LEU C 695 4.59 49.28 5.93
N GLN C 696 3.49 49.40 5.19
CA GLN C 696 2.15 49.28 5.73
C GLN C 696 1.41 48.04 5.24
N GLY C 697 1.67 47.61 4.01
CA GLY C 697 1.04 46.41 3.50
C GLY C 697 1.47 46.12 2.08
N LEU C 698 0.63 45.37 1.37
CA LEU C 698 0.93 44.97 0.00
C LEU C 698 -0.35 45.00 -0.83
N ILE C 699 -0.28 45.65 -2.00
CA ILE C 699 -1.43 45.74 -2.90
C ILE C 699 -1.03 45.13 -4.25
N LEU C 700 -1.98 44.47 -4.89
CA LEU C 700 -1.75 43.80 -6.16
C LEU C 700 -2.13 44.70 -7.33
N ARG C 701 -1.84 44.22 -8.54
CA ARG C 701 -2.30 44.93 -9.74
C ARG C 701 -3.79 44.72 -9.96
N SER C 702 -4.27 43.48 -9.78
CA SER C 702 -5.66 43.13 -10.09
C SER C 702 -6.64 43.83 -9.17
N GLN C 703 -6.33 43.84 -7.87
CA GLN C 703 -7.13 44.56 -6.88
C GLN C 703 -7.18 46.04 -7.20
N LEU C 704 -6.05 46.58 -7.66
CA LEU C 704 -5.97 48.00 -7.96
C LEU C 704 -6.76 48.34 -9.22
N ILE C 705 -6.84 47.41 -10.17
CA ILE C 705 -7.71 47.56 -11.34
C ILE C 705 -9.18 47.56 -10.94
N VAL C 706 -9.58 46.66 -10.03
CA VAL C 706 -10.96 46.64 -9.53
C VAL C 706 -11.26 47.94 -8.77
N LEU C 707 -10.29 48.44 -8.02
CA LEU C 707 -10.42 49.73 -7.35
C LEU C 707 -10.50 50.90 -8.32
N LEU C 708 -9.96 50.75 -9.52
CA LEU C 708 -10.06 51.83 -10.51
C LEU C 708 -11.30 51.74 -11.39
N LYS C 709 -11.76 50.52 -11.71
CA LYS C 709 -12.93 50.37 -12.57
C LYS C 709 -14.19 50.90 -11.91
N HIS C 710 -14.51 50.40 -10.72
CA HIS C 710 -15.39 51.12 -9.83
C HIS C 710 -14.70 52.40 -9.39
N LYS C 711 -15.47 53.46 -9.19
CA LYS C 711 -14.87 54.76 -8.90
C LYS C 711 -14.73 54.95 -7.38
N VAL C 712 -13.94 54.07 -6.77
CA VAL C 712 -13.76 54.10 -5.32
C VAL C 712 -12.69 55.14 -5.03
N PHE C 713 -13.11 56.39 -4.93
CA PHE C 713 -12.23 57.55 -4.79
C PHE C 713 -12.62 58.33 -3.54
N VAL C 714 -11.67 59.05 -2.98
CA VAL C 714 -11.95 59.82 -1.78
C VAL C 714 -12.46 61.22 -2.14
N ARG C 724 -17.87 51.54 1.20
CA ARG C 724 -18.38 50.38 1.95
C ARG C 724 -19.40 49.60 1.13
N ARG C 725 -19.64 50.05 -0.10
CA ARG C 725 -20.54 49.37 -1.02
C ARG C 725 -19.72 48.54 -2.03
N LEU C 726 -18.59 48.03 -1.59
CA LEU C 726 -17.71 47.27 -2.48
C LEU C 726 -17.26 46.05 -1.69
N ARG C 727 -18.04 44.97 -1.78
CA ARG C 727 -17.79 43.76 -1.00
C ARG C 727 -16.75 42.89 -1.70
N LEU C 728 -16.42 41.76 -1.09
CA LEU C 728 -15.34 40.92 -1.58
C LEU C 728 -15.76 40.07 -2.78
N LYS C 729 -17.06 39.96 -3.05
CA LYS C 729 -17.56 39.33 -4.27
C LYS C 729 -17.30 40.15 -5.52
N ASP C 730 -16.97 41.44 -5.37
CA ASP C 730 -16.71 42.30 -6.51
C ASP C 730 -15.32 42.11 -7.09
N PHE C 731 -14.42 41.49 -6.34
CA PHE C 731 -13.11 41.13 -6.85
C PHE C 731 -13.09 39.78 -7.55
N ARG C 732 -14.09 38.95 -7.28
CA ARG C 732 -14.21 37.63 -7.89
C ARG C 732 -15.05 37.65 -9.16
N ASP C 733 -15.44 38.82 -9.65
CA ASP C 733 -16.29 38.89 -10.82
C ASP C 733 -15.52 38.61 -12.10
N ALA C 734 -14.34 39.21 -12.24
CA ALA C 734 -13.50 39.05 -13.40
C ALA C 734 -12.24 38.25 -13.06
N TYR C 735 -12.41 37.15 -12.31
CA TYR C 735 -11.27 36.59 -11.59
C TYR C 735 -10.21 35.93 -12.47
N PRO C 736 -10.53 35.05 -13.46
CA PRO C 736 -9.42 34.55 -14.29
C PRO C 736 -8.87 35.65 -15.18
N ARG C 737 -9.77 36.39 -15.83
CA ARG C 737 -9.41 37.37 -16.85
C ARG C 737 -9.56 38.76 -16.25
N PHE C 738 -8.51 39.26 -15.63
CA PHE C 738 -8.62 40.65 -15.20
C PHE C 738 -8.31 41.58 -16.38
N PRO C 739 -9.03 42.69 -16.50
CA PRO C 739 -8.82 43.59 -17.62
C PRO C 739 -7.53 44.37 -17.45
N PRO C 740 -6.93 44.84 -18.55
CA PRO C 740 -5.70 45.63 -18.44
C PRO C 740 -5.99 47.06 -18.01
N ILE C 741 -4.91 47.81 -17.81
CA ILE C 741 -5.00 49.23 -17.48
C ILE C 741 -5.49 50.04 -18.69
N GLN C 742 -5.37 49.49 -19.90
CA GLN C 742 -5.86 50.11 -21.12
C GLN C 742 -7.39 50.19 -21.19
N SER C 743 -8.11 49.45 -20.35
CA SER C 743 -9.56 49.48 -20.35
C SER C 743 -10.14 50.48 -19.38
N ILE C 744 -9.31 51.09 -18.52
CA ILE C 744 -9.75 52.07 -17.54
C ILE C 744 -9.44 53.45 -18.08
N HIS C 745 -10.46 54.32 -18.12
CA HIS C 745 -10.34 55.68 -18.62
C HIS C 745 -10.68 56.64 -17.49
N VAL C 746 -9.71 57.41 -17.04
CA VAL C 746 -9.89 58.43 -16.02
C VAL C 746 -9.65 59.81 -16.64
N SER C 747 -10.47 60.77 -16.26
CA SER C 747 -10.39 62.10 -16.83
C SER C 747 -9.25 62.88 -16.17
N GLN C 748 -9.06 64.13 -16.62
CA GLN C 748 -8.07 64.99 -15.97
C GLN C 748 -8.48 65.36 -14.55
N ASP C 749 -9.78 65.39 -14.27
CA ASP C 749 -10.24 65.73 -12.93
C ASP C 749 -10.23 64.53 -12.00
N GLU C 750 -10.46 63.33 -12.52
CA GLU C 750 -10.38 62.13 -11.69
C GLU C 750 -8.95 61.81 -11.30
N ARG C 751 -7.95 62.24 -12.09
CA ARG C 751 -6.56 61.97 -11.75
C ARG C 751 -6.07 62.74 -10.54
N GLU C 752 -6.76 63.79 -10.13
CA GLU C 752 -6.30 64.63 -9.03
C GLU C 752 -6.93 64.25 -7.70
N CYS C 753 -7.86 63.29 -7.67
CA CYS C 753 -8.38 62.81 -6.40
C CYS C 753 -7.65 61.53 -5.99
N THR C 754 -7.84 61.15 -4.72
CA THR C 754 -7.05 60.11 -4.10
C THR C 754 -7.88 58.85 -3.88
N MET C 755 -7.19 57.80 -3.45
CA MET C 755 -7.81 56.49 -3.28
C MET C 755 -7.16 55.82 -2.08
N ASP C 756 -7.88 55.76 -0.96
CA ASP C 756 -7.38 55.25 0.31
C ASP C 756 -7.32 53.72 0.26
N LEU C 757 -6.12 53.18 0.22
CA LEU C 757 -5.90 51.74 0.10
C LEU C 757 -5.76 51.05 1.44
N SER C 758 -6.70 51.27 2.35
CA SER C 758 -6.63 50.69 3.69
C SER C 758 -7.47 49.44 3.84
N GLU C 759 -8.70 49.45 3.31
CA GLU C 759 -9.58 48.30 3.41
C GLU C 759 -9.22 47.20 2.43
N PHE C 760 -8.30 47.45 1.51
CA PHE C 760 -8.10 46.59 0.37
C PHE C 760 -6.72 45.94 0.32
N MET C 761 -5.72 46.54 0.97
CA MET C 761 -4.38 45.97 0.99
C MET C 761 -4.31 44.77 1.92
N ASN C 762 -3.29 43.94 1.71
CA ASN C 762 -2.90 42.91 2.67
C ASN C 762 -2.24 43.60 3.85
N PRO C 763 -2.88 43.66 5.03
CA PRO C 763 -2.31 44.44 6.13
C PRO C 763 -1.10 43.81 6.78
N SER C 764 -0.74 42.57 6.42
CA SER C 764 0.42 41.90 6.99
C SER C 764 1.04 40.97 5.96
N PRO C 765 1.85 41.50 5.04
CA PRO C 765 2.63 40.64 4.16
C PRO C 765 3.81 40.03 4.90
N TYR C 766 4.28 38.90 4.39
CA TYR C 766 5.47 38.26 4.95
C TYR C 766 6.72 39.04 4.57
N THR C 767 7.69 39.03 5.47
CA THR C 767 8.79 39.98 5.42
C THR C 767 10.03 39.34 6.03
N VAL C 768 11.17 39.48 5.35
CA VAL C 768 12.45 39.04 5.91
C VAL C 768 13.35 40.26 6.07
N PRO C 769 14.30 40.26 7.00
CA PRO C 769 15.32 41.30 7.01
C PRO C 769 16.37 41.06 5.94
N GLN C 770 17.14 42.10 5.65
CA GLN C 770 18.07 42.05 4.54
C GLN C 770 19.34 41.27 4.85
N GLU C 771 19.54 40.84 6.10
CA GLU C 771 20.67 40.01 6.47
C GLU C 771 20.32 38.53 6.52
N ALA C 772 19.14 38.14 6.08
CA ALA C 772 18.69 36.76 6.18
C ALA C 772 19.41 35.88 5.16
N SER C 773 19.66 34.63 5.55
CA SER C 773 20.27 33.66 4.67
C SER C 773 19.33 33.28 3.53
N LEU C 774 19.92 32.89 2.40
CA LEU C 774 19.12 32.40 1.28
C LEU C 774 18.31 31.13 1.58
N PRO C 775 18.78 30.13 2.35
CA PRO C 775 17.85 29.04 2.70
C PRO C 775 16.71 29.47 3.60
N ARG C 776 16.90 30.48 4.44
CA ARG C 776 15.80 30.96 5.27
C ARG C 776 14.82 31.78 4.43
N VAL C 777 15.29 32.43 3.36
CA VAL C 777 14.38 33.11 2.43
C VAL C 777 13.65 32.10 1.55
N PHE C 778 14.38 31.11 1.03
CA PHE C 778 13.82 30.17 0.06
C PHE C 778 12.79 29.25 0.71
N LYS C 779 13.02 28.86 1.96
CA LYS C 779 12.11 27.95 2.66
C LYS C 779 10.78 28.65 2.99
N LEU C 780 10.86 29.91 3.38
CA LEU C 780 9.65 30.66 3.70
C LEU C 780 8.78 30.90 2.47
N PHE C 781 9.42 31.27 1.35
CA PHE C 781 8.72 31.57 0.10
C PHE C 781 8.04 30.33 -0.46
N ARG C 782 8.72 29.18 -0.41
CA ARG C 782 8.25 27.98 -1.07
C ARG C 782 7.12 27.32 -0.29
N ALA C 783 7.24 27.26 1.04
CA ALA C 783 6.27 26.58 1.87
C ALA C 783 4.96 27.34 2.04
N LEU C 784 4.94 28.64 1.73
CA LEU C 784 3.73 29.43 1.86
C LEU C 784 3.06 29.73 0.53
N GLY C 785 3.67 29.33 -0.59
CA GLY C 785 3.11 29.62 -1.90
C GLY C 785 3.12 31.10 -2.23
N LEU C 786 4.14 31.81 -1.78
CA LEU C 786 4.17 33.26 -1.94
C LEU C 786 4.49 33.63 -3.38
N ARG C 787 4.11 34.84 -3.75
CA ARG C 787 4.67 35.46 -4.94
C ARG C 787 5.31 36.80 -4.68
N HIS C 788 5.19 37.37 -3.49
CA HIS C 788 5.94 38.58 -3.14
C HIS C 788 6.44 38.47 -1.71
N LEU C 789 7.71 38.77 -1.50
CA LEU C 789 8.33 38.77 -0.19
C LEU C 789 9.11 40.07 -0.02
N VAL C 790 8.68 40.89 0.92
CA VAL C 790 9.23 42.23 1.10
C VAL C 790 10.46 42.16 1.99
N VAL C 791 11.57 42.73 1.52
CA VAL C 791 12.84 42.78 2.25
C VAL C 791 12.92 44.15 2.90
N VAL C 792 13.37 44.19 4.16
CA VAL C 792 13.14 45.35 5.00
C VAL C 792 14.43 45.72 5.73
N ASP C 793 14.43 46.91 6.32
CA ASP C 793 15.57 47.54 6.94
C ASP C 793 15.69 47.09 8.39
N ASN C 794 16.58 47.72 9.17
CA ASN C 794 16.53 47.59 10.62
C ASN C 794 15.30 48.30 11.17
N ARG C 795 14.88 49.37 10.52
CA ARG C 795 13.55 49.94 10.72
C ARG C 795 12.55 49.09 9.92
N ASN C 796 11.32 49.58 9.76
CA ASN C 796 10.35 48.86 8.95
C ASN C 796 10.28 49.47 7.55
N GLN C 797 11.43 49.90 7.02
CA GLN C 797 11.49 50.56 5.73
C GLN C 797 11.82 49.56 4.62
N VAL C 798 11.04 49.59 3.56
CA VAL C 798 11.16 48.59 2.48
C VAL C 798 12.41 48.90 1.65
N VAL C 799 13.30 47.92 1.57
CA VAL C 799 14.52 48.05 0.78
C VAL C 799 14.57 47.11 -0.41
N GLY C 800 13.71 46.09 -0.45
CA GLY C 800 13.74 45.18 -1.58
C GLY C 800 12.48 44.35 -1.72
N LEU C 801 12.51 43.45 -2.72
CA LEU C 801 11.37 42.59 -3.01
C LEU C 801 11.83 41.31 -3.68
N VAL C 802 11.32 40.18 -3.23
CA VAL C 802 11.65 38.86 -3.78
C VAL C 802 10.41 38.32 -4.49
N THR C 803 10.53 38.06 -5.80
CA THR C 803 9.38 37.78 -6.66
C THR C 803 9.70 36.63 -7.64
N ARG C 804 10.19 35.52 -7.11
CA ARG C 804 10.19 34.17 -7.71
C ARG C 804 11.16 33.95 -8.87
N LYS C 805 11.61 35.02 -9.54
CA LYS C 805 12.61 34.82 -10.58
C LYS C 805 14.00 35.08 -10.03
N ASP C 806 14.07 35.86 -8.96
CA ASP C 806 15.34 36.06 -8.28
C ASP C 806 15.64 34.92 -7.31
N LEU C 807 14.67 34.05 -7.06
CA LEU C 807 14.98 32.80 -6.38
C LEU C 807 15.27 31.69 -7.39
N ALA C 808 14.88 31.88 -8.64
CA ALA C 808 15.07 30.85 -9.64
C ALA C 808 16.27 31.11 -10.54
N ARG C 809 16.89 32.30 -10.45
CA ARG C 809 18.07 32.59 -11.26
C ARG C 809 19.28 31.75 -10.86
N TYR C 810 19.30 31.20 -9.65
CA TYR C 810 20.42 30.39 -9.20
C TYR C 810 20.16 28.91 -9.42
N TYR D 114 7.04 21.93 31.71
CA TYR D 114 7.19 21.51 30.32
C TYR D 114 7.85 22.59 29.48
N GLU D 115 8.93 22.24 28.83
CA GLU D 115 9.68 23.15 27.97
C GLU D 115 9.54 22.74 26.51
N SER D 116 9.74 23.70 25.63
CA SER D 116 9.77 23.40 24.20
C SER D 116 11.19 23.10 23.77
N LEU D 117 11.32 22.33 22.70
CA LEU D 117 12.61 22.15 22.07
C LEU D 117 12.79 23.20 21.00
N ASP D 118 14.02 23.72 20.88
CA ASP D 118 14.29 24.86 20.00
C ASP D 118 14.71 24.34 18.62
N TYR D 119 13.69 23.96 17.85
CA TYR D 119 13.81 23.34 16.54
C TYR D 119 14.24 24.31 15.45
N ASP D 120 14.10 25.61 15.66
CA ASP D 120 14.55 26.59 14.68
C ASP D 120 15.99 26.96 15.00
N ASN D 121 16.88 26.79 14.01
CA ASN D 121 18.30 27.10 14.18
C ASN D 121 18.51 28.59 14.36
N SER D 122 19.63 28.92 15.00
CA SER D 122 19.94 30.31 15.30
C SER D 122 20.49 31.05 14.08
N GLU D 123 21.23 30.35 13.21
CA GLU D 123 21.90 30.93 12.03
C GLU D 123 22.76 32.13 12.40
N ASN D 124 23.47 32.03 13.53
CA ASN D 124 24.30 33.11 14.03
C ASN D 124 25.63 33.12 13.28
N GLN D 125 26.58 33.94 13.77
CA GLN D 125 27.88 34.01 13.13
C GLN D 125 28.68 32.74 13.32
N LEU D 126 28.45 32.03 14.42
CA LEU D 126 29.13 30.76 14.63
C LEU D 126 28.55 29.67 13.75
N PHE D 127 27.24 29.74 13.44
CA PHE D 127 26.66 28.80 12.50
C PHE D 127 27.17 29.05 11.09
N LEU D 128 27.28 30.32 10.70
CA LEU D 128 27.73 30.62 9.34
C LEU D 128 29.22 30.36 9.19
N GLU D 129 29.99 30.53 10.26
CA GLU D 129 31.42 30.28 10.20
C GLU D 129 31.73 28.78 10.12
N GLU D 130 30.91 27.95 10.75
CA GLU D 130 31.17 26.51 10.71
C GLU D 130 30.70 25.90 9.38
N GLU D 131 29.55 26.34 8.86
CA GLU D 131 29.07 25.85 7.58
C GLU D 131 29.97 26.28 6.42
N ARG D 132 30.79 27.32 6.59
CA ARG D 132 31.84 27.60 5.63
C ARG D 132 33.03 26.68 5.81
N ARG D 133 33.38 26.37 7.07
CA ARG D 133 34.49 25.45 7.34
C ARG D 133 34.17 24.03 6.90
N ILE D 134 32.90 23.63 6.95
CA ILE D 134 32.55 22.27 6.54
C ILE D 134 32.50 22.16 5.02
N ASN D 135 32.07 23.21 4.31
CA ASN D 135 32.13 23.19 2.85
C ASN D 135 33.44 23.74 2.30
N HIS D 136 34.58 23.35 2.89
CA HIS D 136 35.90 23.64 2.37
C HIS D 136 36.70 22.34 2.35
N THR D 137 36.39 21.46 3.30
CA THR D 137 36.88 20.08 3.24
C THR D 137 36.12 19.37 2.13
N ALA D 138 36.85 18.89 1.13
CA ALA D 138 36.24 18.32 -0.06
C ALA D 138 35.49 17.03 0.26
N PHE D 139 34.41 16.78 -0.48
CA PHE D 139 33.45 15.70 -0.24
C PHE D 139 32.86 15.81 1.17
N ARG D 140 32.04 16.84 1.33
CA ARG D 140 31.35 17.11 2.59
C ARG D 140 30.40 15.97 2.97
N THR D 141 30.53 15.47 4.20
CA THR D 141 29.98 14.17 4.59
C THR D 141 28.95 14.21 5.71
N VAL D 142 28.35 15.37 6.03
CA VAL D 142 27.36 15.33 7.12
C VAL D 142 26.02 14.82 6.64
N GLU D 143 25.82 14.74 5.32
CA GLU D 143 24.57 14.25 4.76
C GLU D 143 24.54 12.73 4.65
N ILE D 144 25.68 12.09 4.40
CA ILE D 144 25.73 10.64 4.34
C ILE D 144 25.65 10.03 5.75
N LYS D 145 26.15 10.77 6.75
CA LYS D 145 26.00 10.37 8.15
C LYS D 145 24.54 10.24 8.56
N ARG D 146 23.66 11.09 8.01
CA ARG D 146 22.23 10.99 8.28
C ARG D 146 21.64 9.71 7.71
N TRP D 147 22.13 9.28 6.54
CA TRP D 147 21.63 8.05 5.94
C TRP D 147 22.11 6.83 6.71
N VAL D 148 23.36 6.88 7.19
CA VAL D 148 23.88 5.82 8.06
C VAL D 148 23.07 5.73 9.35
N ILE D 149 22.72 6.89 9.93
CA ILE D 149 21.96 6.91 11.17
C ILE D 149 20.53 6.43 10.96
N CYS D 150 19.90 6.78 9.84
CA CYS D 150 18.55 6.30 9.57
C CYS D 150 18.52 4.79 9.32
N ALA D 151 19.56 4.27 8.65
CA ALA D 151 19.68 2.82 8.48
C ALA D 151 19.86 2.11 9.81
N LEU D 152 20.72 2.64 10.68
CA LEU D 152 20.93 2.03 12.00
C LEU D 152 19.68 2.12 12.87
N ILE D 153 18.94 3.22 12.80
CA ILE D 153 17.67 3.36 13.52
C ILE D 153 16.69 2.28 13.10
N GLY D 154 16.53 2.08 11.79
CA GLY D 154 15.65 1.03 11.31
C GLY D 154 16.08 -0.37 11.71
N ILE D 155 17.38 -0.66 11.58
CA ILE D 155 17.90 -2.00 11.93
C ILE D 155 17.70 -2.29 13.41
N LEU D 156 18.00 -1.32 14.28
CA LEU D 156 17.88 -1.56 15.71
C LEU D 156 16.43 -1.62 16.17
N THR D 157 15.54 -0.86 15.52
CA THR D 157 14.13 -0.95 15.85
C THR D 157 13.55 -2.32 15.47
N GLY D 158 13.93 -2.81 14.29
CA GLY D 158 13.55 -4.16 13.90
C GLY D 158 14.11 -5.24 14.80
N LEU D 159 15.35 -5.06 15.27
CA LEU D 159 15.95 -6.04 16.18
C LEU D 159 15.27 -6.04 17.55
N VAL D 160 14.86 -4.88 18.05
CA VAL D 160 14.17 -4.82 19.33
C VAL D 160 12.78 -5.44 19.20
N ALA D 161 12.12 -5.26 18.05
CA ALA D 161 10.84 -5.92 17.81
C ALA D 161 10.99 -7.43 17.75
N CYS D 162 12.10 -7.91 17.14
CA CYS D 162 12.37 -9.35 17.12
C CYS D 162 12.62 -9.91 18.52
N PHE D 163 13.38 -9.19 19.33
CA PHE D 163 13.67 -9.61 20.69
C PHE D 163 12.39 -9.72 21.52
N ILE D 164 11.52 -8.70 21.42
CA ILE D 164 10.25 -8.72 22.13
C ILE D 164 9.36 -9.88 21.67
N ASP D 165 9.29 -10.11 20.35
CA ASP D 165 8.43 -11.16 19.82
C ASP D 165 8.90 -12.55 20.23
N ILE D 166 10.21 -12.80 20.18
CA ILE D 166 10.75 -14.12 20.51
C ILE D 166 10.63 -14.39 22.01
N VAL D 167 10.99 -13.40 22.85
CA VAL D 167 10.91 -13.58 24.29
C VAL D 167 9.47 -13.74 24.76
N VAL D 168 8.54 -12.98 24.17
CA VAL D 168 7.15 -13.08 24.57
C VAL D 168 6.55 -14.42 24.16
N GLU D 169 6.89 -14.92 22.96
CA GLU D 169 6.28 -16.20 22.59
C GLU D 169 6.89 -17.37 23.36
N ASN D 170 8.17 -17.31 23.74
CA ASN D 170 8.73 -18.38 24.54
C ASN D 170 8.19 -18.36 25.97
N LEU D 171 8.11 -17.18 26.60
CA LEU D 171 7.65 -17.13 27.98
C LEU D 171 6.16 -17.41 28.10
N ALA D 172 5.35 -16.89 27.16
CA ALA D 172 3.93 -17.23 27.16
C ALA D 172 3.72 -18.71 26.84
N GLY D 173 4.55 -19.30 25.98
CA GLY D 173 4.48 -20.73 25.75
C GLY D 173 4.73 -21.54 27.00
N LEU D 174 5.74 -21.16 27.78
CA LEU D 174 6.04 -21.84 29.03
C LEU D 174 4.91 -21.68 30.04
N LYS D 175 4.34 -20.47 30.16
CA LYS D 175 3.29 -20.23 31.14
C LYS D 175 2.01 -20.99 30.79
N TYR D 176 1.58 -20.94 29.53
CA TYR D 176 0.35 -21.63 29.18
C TYR D 176 0.54 -23.14 29.15
N ARG D 177 1.77 -23.62 28.91
CA ARG D 177 2.04 -25.05 29.00
C ARG D 177 1.93 -25.54 30.45
N VAL D 178 2.45 -24.75 31.40
CA VAL D 178 2.33 -25.09 32.82
C VAL D 178 0.87 -25.04 33.28
N ILE D 179 0.11 -24.05 32.83
CA ILE D 179 -1.30 -23.94 33.24
C ILE D 179 -2.15 -25.04 32.61
N LYS D 180 -1.88 -25.38 31.35
CA LYS D 180 -2.61 -26.45 30.68
C LYS D 180 -2.32 -27.80 31.31
N GLY D 181 -1.07 -28.03 31.72
CA GLY D 181 -0.73 -29.28 32.38
C GLY D 181 -1.34 -29.44 33.75
N ASN D 182 -1.79 -28.35 34.36
CA ASN D 182 -2.40 -28.44 35.68
C ASN D 182 -3.91 -28.57 35.61
N ILE D 183 -4.55 -28.00 34.58
CA ILE D 183 -5.98 -28.22 34.37
C ILE D 183 -6.24 -29.66 33.95
N ASP D 184 -5.34 -30.23 33.14
CA ASP D 184 -5.51 -31.60 32.67
C ASP D 184 -5.32 -32.62 33.79
N LYS D 185 -4.47 -32.30 34.77
CA LYS D 185 -4.24 -33.23 35.87
C LYS D 185 -5.44 -33.27 36.82
N PHE D 186 -5.98 -32.12 37.19
CA PHE D 186 -7.08 -32.06 38.13
C PHE D 186 -8.45 -32.10 37.48
N THR D 187 -8.55 -32.47 36.20
CA THR D 187 -9.85 -32.45 35.54
C THR D 187 -10.74 -33.58 36.05
N GLU D 188 -10.32 -34.83 35.90
CA GLU D 188 -11.13 -35.92 36.42
C GLU D 188 -10.81 -36.27 37.86
N LYS D 189 -9.62 -35.90 38.35
CA LYS D 189 -9.32 -36.05 39.77
C LYS D 189 -10.22 -35.16 40.61
N GLY D 190 -10.33 -33.88 40.23
CA GLY D 190 -11.32 -33.01 40.83
C GLY D 190 -10.78 -31.92 41.73
N GLY D 191 -9.62 -31.37 41.41
CA GLY D 191 -9.07 -30.27 42.19
C GLY D 191 -8.89 -28.99 41.41
N LEU D 192 -9.87 -28.63 40.56
CA LEU D 192 -9.76 -27.47 39.69
C LEU D 192 -9.81 -26.14 40.42
N SER D 193 -10.11 -26.13 41.72
CA SER D 193 -9.94 -24.92 42.50
C SER D 193 -8.48 -24.53 42.63
N PHE D 194 -7.60 -25.52 42.80
CA PHE D 194 -6.17 -25.25 42.96
C PHE D 194 -5.52 -24.82 41.65
N SER D 195 -6.16 -25.11 40.53
CA SER D 195 -5.61 -24.70 39.24
C SER D 195 -6.05 -23.29 38.85
N LEU D 196 -7.14 -22.80 39.44
CA LEU D 196 -7.43 -21.37 39.36
C LEU D 196 -6.44 -20.56 40.18
N LEU D 197 -6.00 -21.10 41.32
CA LEU D 197 -5.03 -20.39 42.15
C LEU D 197 -3.66 -20.31 41.52
N LEU D 198 -3.31 -21.26 40.65
CA LEU D 198 -2.01 -21.19 39.99
C LEU D 198 -1.99 -20.09 38.94
N TRP D 199 -2.99 -20.07 38.06
CA TRP D 199 -3.03 -19.10 36.97
C TRP D 199 -3.29 -17.69 37.46
N ALA D 200 -4.02 -17.54 38.58
CA ALA D 200 -4.12 -16.24 39.21
C ALA D 200 -2.77 -15.77 39.75
N THR D 201 -1.99 -16.69 40.32
CA THR D 201 -0.69 -16.35 40.89
C THR D 201 0.36 -16.12 39.81
N LEU D 202 0.35 -16.94 38.76
CA LEU D 202 1.30 -16.78 37.66
C LEU D 202 1.09 -15.48 36.91
N ASN D 203 -0.16 -15.07 36.70
CA ASN D 203 -0.40 -13.74 36.14
C ASN D 203 0.04 -12.65 37.10
N ALA D 204 -0.22 -12.83 38.40
CA ALA D 204 0.10 -11.80 39.38
C ALA D 204 1.60 -11.66 39.60
N ALA D 205 2.37 -12.73 39.38
CA ALA D 205 3.81 -12.67 39.63
C ALA D 205 4.55 -11.96 38.51
N PHE D 206 4.14 -12.15 37.26
CA PHE D 206 4.75 -11.41 36.16
C PHE D 206 4.34 -9.96 36.18
N VAL D 207 3.09 -9.67 36.55
CA VAL D 207 2.63 -8.28 36.58
C VAL D 207 3.24 -7.54 37.77
N LEU D 208 3.56 -8.26 38.86
CA LEU D 208 4.22 -7.63 40.00
C LEU D 208 5.60 -7.10 39.62
N VAL D 209 6.42 -7.93 38.95
CA VAL D 209 7.77 -7.53 38.58
C VAL D 209 7.71 -6.40 37.54
N GLY D 210 6.77 -6.49 36.60
CA GLY D 210 6.64 -5.49 35.57
C GLY D 210 5.96 -4.22 35.97
N SER D 211 5.31 -4.19 37.13
CA SER D 211 4.73 -2.95 37.64
C SER D 211 5.58 -2.28 38.69
N VAL D 212 6.49 -3.00 39.34
CA VAL D 212 7.43 -2.36 40.25
C VAL D 212 8.44 -1.54 39.48
N ILE D 213 8.91 -2.04 38.33
CA ILE D 213 9.93 -1.32 37.57
C ILE D 213 9.35 -0.11 36.86
N VAL D 214 8.04 -0.04 36.67
CA VAL D 214 7.44 1.18 36.13
C VAL D 214 7.06 2.15 37.25
N ALA D 215 6.46 1.66 38.34
CA ALA D 215 5.98 2.58 39.37
C ALA D 215 7.12 3.13 40.22
N PHE D 216 8.16 2.35 40.48
CA PHE D 216 9.20 2.79 41.40
C PHE D 216 10.45 3.32 40.72
N ILE D 217 10.75 2.94 39.49
CA ILE D 217 11.99 3.36 38.85
C ILE D 217 11.75 4.45 37.80
N GLU D 218 10.73 4.30 36.95
CA GLU D 218 10.48 5.28 35.89
C GLU D 218 8.99 5.29 35.50
N PRO D 219 8.20 6.21 36.04
CA PRO D 219 6.77 6.25 35.73
C PRO D 219 6.42 6.84 34.37
N VAL D 220 7.37 7.38 33.61
CA VAL D 220 7.03 7.86 32.27
C VAL D 220 6.91 6.70 31.30
N ALA D 221 7.36 5.51 31.69
CA ALA D 221 7.21 4.30 30.90
C ALA D 221 5.82 3.70 30.99
N ALA D 222 4.89 4.31 31.74
CA ALA D 222 3.57 3.72 31.91
C ALA D 222 2.72 3.89 30.67
N GLY D 223 1.93 2.87 30.36
CA GLY D 223 1.09 2.88 29.19
C GLY D 223 1.92 2.72 27.92
N SER D 224 1.27 3.01 26.81
CA SER D 224 2.02 3.18 25.57
C SER D 224 2.67 4.55 25.60
N GLY D 225 3.75 4.70 24.86
CA GLY D 225 4.44 5.96 24.87
C GLY D 225 4.02 6.86 23.74
N ILE D 226 2.85 6.58 23.17
CA ILE D 226 2.33 7.29 22.01
C ILE D 226 1.85 8.71 22.36
N PRO D 227 1.18 9.00 23.49
CA PRO D 227 1.00 10.42 23.84
C PRO D 227 2.29 11.16 24.07
N GLN D 228 3.33 10.52 24.61
CA GLN D 228 4.57 11.22 24.90
C GLN D 228 5.37 11.51 23.63
N ILE D 229 5.39 10.58 22.69
CA ILE D 229 6.08 10.83 21.42
C ILE D 229 5.24 11.76 20.54
N LYS D 230 3.92 11.67 20.65
CA LYS D 230 3.03 12.62 20.00
C LYS D 230 3.20 14.03 20.55
N CYS D 231 3.58 14.15 21.83
CA CYS D 231 3.93 15.45 22.38
C CYS D 231 5.34 15.89 22.00
N PHE D 232 6.26 14.94 21.78
CA PHE D 232 7.62 15.33 21.44
C PHE D 232 7.70 15.87 20.01
N LEU D 233 7.00 15.23 19.08
CA LEU D 233 6.97 15.70 17.71
C LEU D 233 6.16 16.98 17.55
N ASN D 234 5.24 17.25 18.47
CA ASN D 234 4.67 18.58 18.56
C ASN D 234 5.72 19.59 18.98
N GLY D 235 6.52 19.27 19.99
CA GLY D 235 7.61 20.13 20.38
C GLY D 235 7.82 20.32 21.86
N VAL D 236 6.97 19.82 22.75
CA VAL D 236 7.28 19.82 24.19
C VAL D 236 8.11 18.60 24.53
N LYS D 237 8.97 18.75 25.53
CA LYS D 237 9.76 17.65 26.05
C LYS D 237 9.18 17.21 27.40
N ILE D 238 8.56 16.03 27.40
CA ILE D 238 8.32 15.30 28.65
C ILE D 238 9.68 14.95 29.24
N PRO D 239 9.90 15.08 30.56
CA PRO D 239 11.27 15.11 31.10
C PRO D 239 12.16 13.88 30.87
N HIS D 240 11.66 12.65 30.98
CA HIS D 240 12.52 11.49 30.84
C HIS D 240 12.10 10.61 29.67
N VAL D 241 11.68 11.23 28.56
CA VAL D 241 11.00 10.47 27.52
C VAL D 241 11.98 9.66 26.65
N VAL D 242 13.20 10.15 26.43
CA VAL D 242 14.12 9.49 25.49
C VAL D 242 15.42 9.07 26.15
N ARG D 243 15.36 8.73 27.44
CA ARG D 243 16.51 8.20 28.14
C ARG D 243 16.64 6.69 27.94
N LEU D 244 17.84 6.18 28.18
CA LEU D 244 18.12 4.75 28.02
C LEU D 244 17.38 3.91 29.04
N LYS D 245 17.24 4.44 30.26
CA LYS D 245 16.54 3.74 31.32
C LYS D 245 15.06 3.54 30.97
N THR D 246 14.48 4.53 30.29
CA THR D 246 13.09 4.44 29.83
C THR D 246 12.93 3.32 28.81
N LEU D 247 13.88 3.20 27.88
CA LEU D 247 13.86 2.14 26.87
C LEU D 247 13.94 0.77 27.51
N VAL D 248 14.90 0.58 28.43
CA VAL D 248 15.10 -0.71 29.08
C VAL D 248 13.86 -1.11 29.88
N ILE D 249 13.30 -0.16 30.64
CA ILE D 249 12.13 -0.44 31.46
C ILE D 249 10.89 -0.70 30.61
N LYS D 250 10.72 0.06 29.53
CA LYS D 250 9.53 -0.13 28.70
C LYS D 250 9.57 -1.45 27.94
N VAL D 251 10.73 -1.86 27.44
CA VAL D 251 10.81 -3.14 26.74
C VAL D 251 10.58 -4.31 27.71
N SER D 252 11.28 -4.29 28.85
CA SER D 252 11.10 -5.38 29.82
C SER D 252 9.69 -5.37 30.44
N GLY D 253 9.09 -4.20 30.59
CA GLY D 253 7.75 -4.08 31.13
C GLY D 253 6.66 -4.50 30.17
N VAL D 254 6.80 -4.21 28.88
CA VAL D 254 5.78 -4.66 27.95
C VAL D 254 5.86 -6.17 27.78
N ILE D 255 7.07 -6.75 27.88
CA ILE D 255 7.19 -8.20 27.89
C ILE D 255 6.51 -8.80 29.13
N LEU D 256 6.81 -8.25 30.31
CA LEU D 256 6.21 -8.77 31.53
C LEU D 256 4.72 -8.50 31.66
N SER D 257 4.17 -7.54 30.93
CA SER D 257 2.72 -7.32 31.00
C SER D 257 1.95 -8.10 29.96
N VAL D 258 2.58 -8.43 28.82
CA VAL D 258 1.92 -9.37 27.90
C VAL D 258 2.00 -10.80 28.45
N VAL D 259 3.13 -11.16 29.07
CA VAL D 259 3.22 -12.49 29.69
C VAL D 259 2.36 -12.55 30.96
N GLY D 260 2.18 -11.43 31.64
CA GLY D 260 1.32 -11.43 32.81
C GLY D 260 -0.16 -11.49 32.56
N GLY D 261 -0.60 -11.60 31.30
CA GLY D 261 -1.97 -11.92 30.99
C GLY D 261 -2.95 -10.76 30.93
N LEU D 262 -2.48 -9.52 30.92
CA LEU D 262 -3.37 -8.38 30.87
C LEU D 262 -3.97 -8.21 29.47
N ALA D 263 -5.11 -7.52 29.40
CA ALA D 263 -5.80 -7.27 28.14
C ALA D 263 -5.14 -6.11 27.40
N VAL D 264 -3.93 -6.37 26.92
CA VAL D 264 -3.04 -5.37 26.36
C VAL D 264 -2.43 -5.94 25.09
N GLY D 265 -1.58 -5.13 24.43
CA GLY D 265 -0.82 -5.58 23.30
C GLY D 265 0.61 -5.07 23.40
N LYS D 266 1.40 -5.37 22.38
CA LYS D 266 2.82 -5.01 22.39
C LYS D 266 3.25 -4.25 21.14
N GLU D 267 2.31 -3.81 20.31
CA GLU D 267 2.63 -3.09 19.08
C GLU D 267 2.73 -1.59 19.30
N GLY D 268 1.84 -1.04 20.11
CA GLY D 268 1.88 0.35 20.53
C GLY D 268 3.17 0.86 21.16
N PRO D 269 3.75 0.13 22.13
CA PRO D 269 5.06 0.54 22.67
C PRO D 269 6.24 0.45 21.71
N MET D 270 6.10 -0.06 20.49
CA MET D 270 7.23 -0.04 19.57
C MET D 270 7.50 1.32 18.97
N ILE D 271 6.55 2.24 19.02
CA ILE D 271 6.76 3.60 18.51
C ILE D 271 7.72 4.36 19.43
N HIS D 272 7.47 4.27 20.74
CA HIS D 272 8.31 4.94 21.72
C HIS D 272 9.69 4.32 21.80
N SER D 273 9.81 3.00 21.59
CA SER D 273 11.10 2.33 21.64
C SER D 273 11.98 2.76 20.47
N GLY D 274 11.42 2.83 19.27
CA GLY D 274 12.16 3.29 18.11
C GLY D 274 12.54 4.75 18.21
N SER D 275 11.67 5.57 18.81
CA SER D 275 12.03 6.97 19.02
C SER D 275 13.14 7.15 20.06
N VAL D 276 13.19 6.29 21.08
CA VAL D 276 14.28 6.39 22.06
C VAL D 276 15.59 5.93 21.44
N ILE D 277 15.56 4.85 20.65
CA ILE D 277 16.75 4.41 19.92
C ILE D 277 17.23 5.49 18.96
N ALA D 278 16.28 6.18 18.32
CA ALA D 278 16.58 7.24 17.38
C ALA D 278 17.25 8.43 18.06
N ALA D 279 16.74 8.84 19.22
CA ALA D 279 17.37 9.94 19.94
C ALA D 279 18.66 9.50 20.61
N GLY D 280 18.86 8.22 20.82
CA GLY D 280 20.05 7.73 21.47
C GLY D 280 21.26 7.57 20.57
N ILE D 281 21.14 6.83 19.47
CA ILE D 281 22.33 6.57 18.65
C ILE D 281 22.73 7.73 17.77
N SER D 282 21.87 8.73 17.62
CA SER D 282 22.17 9.87 16.78
C SER D 282 23.13 10.86 17.43
N GLN D 283 23.31 10.78 18.74
CA GLN D 283 24.12 11.74 19.47
C GLN D 283 25.57 11.32 19.61
N GLY D 284 25.87 10.03 19.51
CA GLY D 284 27.22 9.57 19.72
C GLY D 284 27.69 9.64 21.15
N ARG D 285 26.77 9.73 22.11
CA ARG D 285 27.09 9.78 23.53
C ARG D 285 26.12 8.90 24.28
N SER D 286 26.47 8.56 25.51
CA SER D 286 25.60 7.75 26.36
C SER D 286 24.81 8.58 27.35
N THR D 287 25.47 9.50 28.06
CA THR D 287 24.97 10.52 28.99
C THR D 287 24.49 9.89 30.31
N SER D 288 24.38 8.57 30.34
CA SER D 288 24.13 7.80 31.55
C SER D 288 25.33 6.94 31.92
N LEU D 289 26.28 6.78 31.01
CA LEU D 289 27.40 5.87 31.18
C LEU D 289 28.75 6.58 31.07
N LYS D 290 28.75 7.90 30.83
CA LYS D 290 29.94 8.72 30.59
C LYS D 290 30.78 8.13 29.45
N ARG D 291 30.17 8.19 28.27
CA ARG D 291 30.83 7.78 27.03
C ARG D 291 30.69 8.91 26.03
N ASP D 292 31.82 9.39 25.53
CA ASP D 292 31.83 10.43 24.50
C ASP D 292 32.57 9.86 23.30
N PHE D 293 31.82 9.30 22.37
CA PHE D 293 32.40 8.79 21.13
C PHE D 293 32.64 9.98 20.23
N LYS D 294 33.81 10.04 19.60
CA LYS D 294 34.17 11.21 18.78
C LYS D 294 33.76 10.95 17.34
N ILE D 295 32.45 10.74 17.14
CA ILE D 295 32.03 10.30 15.82
C ILE D 295 31.14 11.30 15.09
N PHE D 296 29.96 11.65 15.64
CA PHE D 296 29.08 12.52 14.86
C PHE D 296 29.26 13.97 15.25
N GLU D 297 28.84 14.33 16.47
CA GLU D 297 29.06 15.63 17.15
C GLU D 297 28.33 16.81 16.46
N TYR D 298 27.86 16.63 15.24
CA TYR D 298 27.16 17.66 14.48
C TYR D 298 25.67 17.60 14.69
N PHE D 299 25.15 16.49 15.19
CA PHE D 299 23.74 16.19 15.28
C PHE D 299 23.19 16.46 16.67
N ARG D 300 23.92 17.20 17.49
CA ARG D 300 23.60 17.43 18.89
C ARG D 300 22.85 18.74 19.08
N ARG D 301 21.92 19.03 18.17
CA ARG D 301 20.98 20.13 18.27
C ARG D 301 19.56 19.58 18.18
N ASP D 302 18.57 20.39 18.52
CA ASP D 302 17.18 19.89 18.58
C ASP D 302 16.55 19.71 17.20
N THR D 303 17.13 20.30 16.16
CA THR D 303 16.61 20.11 14.81
C THR D 303 16.81 18.67 14.36
N GLU D 304 18.06 18.21 14.45
CA GLU D 304 18.41 16.86 14.04
C GLU D 304 17.71 15.83 14.92
N LYS D 305 17.56 16.11 16.22
CA LYS D 305 16.92 15.16 17.12
C LYS D 305 15.45 14.96 16.80
N ARG D 306 14.71 16.05 16.56
CA ARG D 306 13.31 15.91 16.20
C ARG D 306 13.14 15.22 14.86
N ASP D 307 14.07 15.46 13.93
CA ASP D 307 14.03 14.74 12.65
C ASP D 307 14.28 13.25 12.81
N PHE D 308 15.28 12.88 13.61
CA PHE D 308 15.58 11.47 13.79
C PHE D 308 14.52 10.74 14.63
N VAL D 309 13.93 11.42 15.62
CA VAL D 309 12.84 10.81 16.40
C VAL D 309 11.61 10.61 15.53
N SER D 310 11.36 11.51 14.58
CA SER D 310 10.33 11.28 13.57
C SER D 310 10.61 10.01 12.76
N ALA D 311 11.87 9.83 12.35
CA ALA D 311 12.26 8.60 11.64
C ALA D 311 12.08 7.34 12.50
N GLY D 312 12.45 7.42 13.79
CA GLY D 312 12.34 6.27 14.66
C GLY D 312 10.91 5.91 14.99
N ALA D 313 10.03 6.89 15.12
CA ALA D 313 8.61 6.65 15.31
C ALA D 313 7.99 5.99 14.08
N ALA D 314 8.40 6.42 12.88
CA ALA D 314 7.93 5.77 11.66
C ALA D 314 8.42 4.32 11.58
N ALA D 315 9.68 4.09 11.95
CA ALA D 315 10.23 2.73 11.99
C ALA D 315 9.51 1.86 13.02
N GLY D 316 9.07 2.46 14.12
CA GLY D 316 8.31 1.71 15.11
C GLY D 316 6.93 1.30 14.63
N VAL D 317 6.21 2.23 13.97
CA VAL D 317 4.92 1.88 13.35
C VAL D 317 5.10 0.80 12.29
N SER D 318 6.19 0.90 11.52
CA SER D 318 6.45 -0.02 10.43
C SER D 318 6.79 -1.41 10.92
N ALA D 319 7.50 -1.49 12.06
CA ALA D 319 7.77 -2.78 12.68
C ALA D 319 6.54 -3.34 13.37
N ALA D 320 5.68 -2.48 13.92
CA ALA D 320 4.51 -2.96 14.65
C ALA D 320 3.48 -3.56 13.72
N PHE D 321 3.19 -2.92 12.60
CA PHE D 321 2.07 -3.38 11.79
C PHE D 321 2.46 -3.90 10.42
N GLY D 322 3.71 -3.79 10.03
CA GLY D 322 4.08 -4.11 8.66
C GLY D 322 3.66 -3.04 7.68
N ALA D 323 3.67 -1.78 8.08
CA ALA D 323 3.10 -0.67 7.32
C ALA D 323 4.08 0.48 7.30
N PRO D 324 4.96 0.54 6.30
CA PRO D 324 5.97 1.61 6.28
C PRO D 324 5.41 2.97 5.89
N VAL D 325 4.52 3.02 4.89
CA VAL D 325 3.98 4.30 4.44
C VAL D 325 3.03 4.86 5.49
N GLY D 326 2.33 3.99 6.21
CA GLY D 326 1.54 4.42 7.35
C GLY D 326 2.38 4.99 8.47
N GLY D 327 3.60 4.47 8.64
CA GLY D 327 4.54 5.06 9.58
C GLY D 327 5.03 6.42 9.13
N VAL D 328 5.27 6.59 7.83
CA VAL D 328 5.68 7.89 7.30
C VAL D 328 4.57 8.93 7.49
N LEU D 329 3.33 8.54 7.20
CA LEU D 329 2.21 9.45 7.38
C LEU D 329 1.93 9.74 8.84
N PHE D 330 2.18 8.76 9.73
CA PHE D 330 2.12 9.02 11.17
C PHE D 330 3.14 10.08 11.58
N SER D 331 4.36 9.97 11.09
CA SER D 331 5.38 10.96 11.40
C SER D 331 5.11 12.32 10.75
N LEU D 332 4.36 12.36 9.65
CA LEU D 332 4.07 13.64 9.01
C LEU D 332 2.86 14.33 9.61
N GLU D 333 1.91 13.56 10.16
CA GLU D 333 0.78 14.16 10.88
C GLU D 333 1.26 14.82 12.16
N GLU D 334 1.89 14.05 13.03
CA GLU D 334 2.44 14.56 14.29
C GLU D 334 3.85 15.04 14.02
N GLY D 335 4.05 16.35 14.13
CA GLY D 335 5.23 16.95 13.53
C GLY D 335 4.85 17.52 12.19
N ALA D 336 3.80 18.34 12.19
CA ALA D 336 3.17 18.86 10.97
C ALA D 336 3.93 20.09 10.49
N SER D 337 5.01 19.85 9.79
CA SER D 337 5.92 20.91 9.38
C SER D 337 5.71 21.29 7.92
N PHE D 338 6.60 22.14 7.42
CA PHE D 338 6.74 22.36 5.99
C PHE D 338 7.14 21.06 5.29
N TRP D 339 6.93 21.01 3.98
CA TRP D 339 7.31 19.82 3.24
C TRP D 339 8.82 19.80 3.06
N ASN D 340 9.46 18.75 3.54
CA ASN D 340 10.90 18.55 3.46
C ASN D 340 11.09 17.24 2.71
N GLN D 341 11.53 17.34 1.45
CA GLN D 341 11.61 16.19 0.56
C GLN D 341 12.66 15.19 1.03
N PHE D 342 13.81 15.68 1.47
CA PHE D 342 14.91 14.80 1.85
C PHE D 342 14.65 14.14 3.18
N LEU D 343 14.00 14.85 4.10
CA LEU D 343 13.65 14.26 5.38
C LEU D 343 12.59 13.17 5.24
N THR D 344 11.54 13.43 4.45
CA THR D 344 10.53 12.40 4.20
C THR D 344 11.12 11.21 3.49
N TRP D 345 12.11 11.42 2.63
CA TRP D 345 12.73 10.29 1.95
C TRP D 345 13.63 9.49 2.90
N ARG D 346 14.34 10.15 3.82
CA ARG D 346 15.11 9.43 4.83
C ARG D 346 14.21 8.68 5.81
N ILE D 347 13.08 9.28 6.20
CA ILE D 347 12.12 8.63 7.10
C ILE D 347 11.52 7.39 6.45
N PHE D 348 11.20 7.48 5.15
CA PHE D 348 10.71 6.32 4.43
C PHE D 348 11.77 5.23 4.32
N PHE D 349 13.03 5.64 4.16
CA PHE D 349 14.15 4.70 4.09
C PHE D 349 14.30 3.92 5.40
N ALA D 350 14.25 4.63 6.52
CA ALA D 350 14.34 3.99 7.83
C ALA D 350 13.15 3.06 8.09
N SER D 351 11.98 3.46 7.59
CA SER D 351 10.77 2.69 7.80
C SER D 351 10.80 1.36 7.04
N MET D 352 11.27 1.40 5.79
CA MET D 352 11.47 0.17 5.03
C MET D 352 12.55 -0.72 5.64
N ILE D 353 13.66 -0.11 6.08
CA ILE D 353 14.74 -0.85 6.75
C ILE D 353 14.22 -1.62 7.96
N SER D 354 13.36 -0.99 8.76
CA SER D 354 12.88 -1.65 9.98
C SER D 354 11.92 -2.80 9.67
N THR D 355 11.03 -2.61 8.69
CA THR D 355 10.14 -3.71 8.29
C THR D 355 10.94 -4.90 7.76
N PHE D 356 11.91 -4.63 6.88
CA PHE D 356 12.72 -5.70 6.30
C PHE D 356 13.58 -6.39 7.35
N THR D 357 14.10 -5.65 8.33
CA THR D 357 14.95 -6.24 9.35
C THR D 357 14.15 -7.17 10.28
N LEU D 358 12.96 -6.72 10.69
CA LEU D 358 12.07 -7.58 11.47
C LEU D 358 11.71 -8.86 10.73
N ASN D 359 11.32 -8.73 9.46
CA ASN D 359 10.90 -9.87 8.66
C ASN D 359 12.05 -10.85 8.42
N PHE D 360 13.25 -10.31 8.18
CA PHE D 360 14.40 -11.15 7.86
C PHE D 360 14.91 -11.88 9.09
N VAL D 361 14.89 -11.25 10.26
CA VAL D 361 15.36 -11.97 11.43
C VAL D 361 14.31 -12.95 11.94
N LEU D 362 13.02 -12.65 11.77
CA LEU D 362 12.02 -13.63 12.19
C LEU D 362 11.91 -14.81 11.24
N SER D 363 12.23 -14.63 9.95
CA SER D 363 12.21 -15.78 9.06
C SER D 363 13.41 -16.69 9.25
N ILE D 364 14.53 -16.17 9.75
CA ILE D 364 15.64 -17.03 10.13
C ILE D 364 15.27 -17.84 11.37
N TYR D 365 14.59 -17.20 12.33
CA TYR D 365 14.20 -17.87 13.56
C TYR D 365 13.11 -18.91 13.33
N HIS D 366 12.21 -18.68 12.37
CA HIS D 366 11.21 -19.68 12.06
C HIS D 366 11.76 -20.84 11.23
N GLY D 367 13.03 -20.78 10.83
CA GLY D 367 13.68 -21.91 10.23
C GLY D 367 13.59 -22.01 8.72
N ASN D 368 13.16 -20.95 8.03
CA ASN D 368 13.08 -21.01 6.58
C ASN D 368 14.05 -20.07 5.91
N MET D 369 13.96 -18.76 6.17
CA MET D 369 14.79 -17.65 5.67
C MET D 369 14.51 -17.31 4.20
N TRP D 370 13.75 -18.16 3.50
CA TRP D 370 13.34 -17.85 2.14
C TRP D 370 11.89 -17.41 2.04
N ASP D 371 11.13 -17.48 3.13
CA ASP D 371 9.76 -16.95 3.17
C ASP D 371 9.75 -15.72 4.06
N LEU D 372 9.83 -14.54 3.43
CA LEU D 372 9.66 -13.27 4.11
C LEU D 372 8.17 -13.04 4.30
N SER D 373 7.62 -13.66 5.34
CA SER D 373 6.19 -13.81 5.50
C SER D 373 5.60 -13.07 6.69
N SER D 374 6.41 -12.53 7.60
CA SER D 374 5.92 -11.82 8.77
C SER D 374 6.49 -10.41 8.79
N PRO D 375 5.87 -9.48 8.06
CA PRO D 375 6.43 -8.11 8.00
C PRO D 375 6.22 -7.29 9.26
N GLY D 376 5.18 -7.57 10.04
CA GLY D 376 4.90 -6.80 11.23
C GLY D 376 4.91 -7.65 12.48
N LEU D 377 4.51 -7.08 13.60
CA LEU D 377 4.25 -7.87 14.79
C LEU D 377 2.84 -8.44 14.80
N ILE D 378 1.97 -7.91 13.95
CA ILE D 378 0.68 -8.51 13.65
C ILE D 378 0.58 -8.59 12.13
N ASN D 379 0.01 -9.67 11.63
CA ASN D 379 -0.03 -9.97 10.20
C ASN D 379 -1.45 -10.36 9.83
N PHE D 380 -2.18 -9.45 9.18
CA PHE D 380 -3.62 -9.62 8.97
C PHE D 380 -3.99 -10.76 8.03
N GLY D 381 -3.05 -11.27 7.25
CA GLY D 381 -3.35 -12.31 6.30
C GLY D 381 -3.64 -11.77 4.92
N ARG D 382 -4.27 -12.60 4.09
CA ARG D 382 -4.53 -12.29 2.69
C ARG D 382 -6.03 -12.09 2.49
N PHE D 383 -6.39 -10.93 1.95
CA PHE D 383 -7.78 -10.58 1.66
C PHE D 383 -8.05 -10.52 0.16
N ASP D 384 -7.43 -11.40 -0.61
CA ASP D 384 -7.66 -11.47 -2.05
C ASP D 384 -8.67 -12.54 -2.43
N SER D 385 -9.43 -13.04 -1.46
CA SER D 385 -10.31 -14.18 -1.68
C SER D 385 -11.54 -13.76 -2.46
N GLU D 386 -12.33 -14.77 -2.83
CA GLU D 386 -13.59 -14.53 -3.52
C GLU D 386 -14.69 -14.13 -2.54
N LYS D 387 -14.64 -14.65 -1.32
CA LYS D 387 -15.64 -14.32 -0.29
C LYS D 387 -15.42 -12.96 0.32
N MET D 388 -14.25 -12.35 0.09
CA MET D 388 -13.88 -11.10 0.73
C MET D 388 -14.31 -9.87 -0.06
N ALA D 389 -14.85 -10.05 -1.27
CA ALA D 389 -15.18 -8.92 -2.12
C ALA D 389 -16.42 -8.19 -1.61
N TYR D 390 -16.43 -6.87 -1.76
CA TYR D 390 -17.58 -6.07 -1.40
C TYR D 390 -18.25 -5.51 -2.65
N THR D 391 -19.45 -4.97 -2.44
CA THR D 391 -20.25 -4.38 -3.49
C THR D 391 -20.70 -3.01 -3.01
N ILE D 392 -21.15 -2.17 -3.93
CA ILE D 392 -21.55 -0.80 -3.60
C ILE D 392 -22.84 -0.75 -2.77
N HIS D 393 -23.65 -1.81 -2.77
CA HIS D 393 -24.92 -1.73 -2.05
C HIS D 393 -24.76 -1.87 -0.54
N GLU D 394 -23.61 -2.35 -0.08
CA GLU D 394 -23.35 -2.47 1.36
C GLU D 394 -22.41 -1.40 1.88
N ILE D 395 -22.32 -0.27 1.19
CA ILE D 395 -21.64 0.92 1.69
C ILE D 395 -22.38 1.54 2.89
N PRO D 396 -23.72 1.75 2.89
CA PRO D 396 -24.35 2.27 4.12
C PRO D 396 -24.37 1.27 5.28
N VAL D 397 -24.22 -0.02 5.01
CA VAL D 397 -23.99 -0.98 6.08
C VAL D 397 -22.68 -0.68 6.80
N PHE D 398 -21.65 -0.33 6.02
CA PHE D 398 -20.37 0.06 6.58
C PHE D 398 -20.47 1.40 7.30
N ILE D 399 -21.32 2.31 6.81
CA ILE D 399 -21.52 3.58 7.51
C ILE D 399 -22.21 3.36 8.85
N ALA D 400 -23.16 2.41 8.90
CA ALA D 400 -23.81 2.08 10.16
C ALA D 400 -22.83 1.43 11.13
N MET D 401 -21.91 0.61 10.62
CA MET D 401 -20.88 0.05 11.48
C MET D 401 -19.93 1.11 12.00
N GLY D 402 -19.66 2.14 11.20
CA GLY D 402 -18.87 3.26 11.69
C GLY D 402 -19.61 4.09 12.73
N VAL D 403 -20.92 4.18 12.62
CA VAL D 403 -21.72 4.83 13.67
C VAL D 403 -21.63 4.05 14.98
N VAL D 404 -21.74 2.71 14.90
CA VAL D 404 -21.64 1.86 16.07
C VAL D 404 -20.24 1.92 16.68
N GLY D 405 -19.21 1.92 15.85
CA GLY D 405 -17.85 2.04 16.35
C GLY D 405 -17.56 3.40 16.93
N GLY D 406 -18.25 4.44 16.46
CA GLY D 406 -18.08 5.75 17.05
C GLY D 406 -18.70 5.91 18.42
N VAL D 407 -19.83 5.25 18.66
CA VAL D 407 -20.51 5.38 19.95
C VAL D 407 -19.95 4.40 21.00
N LEU D 408 -19.42 3.25 20.59
CA LEU D 408 -18.79 2.37 21.57
C LEU D 408 -17.43 2.88 22.00
N GLY D 409 -16.69 3.52 21.09
CA GLY D 409 -15.44 4.15 21.48
C GLY D 409 -15.64 5.35 22.38
N ALA D 410 -16.78 6.03 22.25
CA ALA D 410 -17.08 7.13 23.15
C ALA D 410 -17.40 6.64 24.55
N VAL D 411 -18.10 5.50 24.65
CA VAL D 411 -18.36 4.88 25.94
C VAL D 411 -17.06 4.39 26.58
N PHE D 412 -16.19 3.78 25.76
CA PHE D 412 -14.87 3.34 26.20
C PHE D 412 -14.06 4.50 26.76
N ASN D 413 -14.02 5.62 26.03
CA ASN D 413 -13.24 6.78 26.46
C ASN D 413 -13.85 7.46 27.69
N ALA D 414 -15.18 7.50 27.80
CA ALA D 414 -15.79 8.15 28.96
C ALA D 414 -15.61 7.34 30.23
N LEU D 415 -15.79 6.01 30.13
CA LEU D 415 -15.55 5.14 31.28
C LEU D 415 -14.09 5.14 31.68
N ASN D 416 -13.18 5.34 30.72
CA ASN D 416 -11.78 5.43 31.11
C ASN D 416 -11.43 6.80 31.64
N TYR D 417 -12.14 7.85 31.22
CA TYR D 417 -11.94 9.18 31.79
C TYR D 417 -12.33 9.23 33.26
N TRP D 418 -13.50 8.66 33.60
CA TRP D 418 -13.88 8.67 34.99
C TRP D 418 -13.07 7.68 35.83
N LEU D 419 -12.50 6.65 35.20
CA LEU D 419 -11.60 5.75 35.92
C LEU D 419 -10.24 6.38 36.14
N THR D 420 -9.76 7.18 35.18
CA THR D 420 -8.48 7.87 35.35
C THR D 420 -8.59 8.97 36.39
N MET D 421 -9.75 9.61 36.48
CA MET D 421 -9.95 10.69 37.43
C MET D 421 -9.99 10.19 38.87
N PHE D 422 -10.49 8.97 39.08
CA PHE D 422 -10.43 8.34 40.40
C PHE D 422 -8.99 8.05 40.80
N ARG D 423 -8.18 7.60 39.86
CA ARG D 423 -6.83 7.12 40.16
C ARG D 423 -5.85 8.24 40.45
N ILE D 424 -6.00 9.40 39.79
CA ILE D 424 -5.08 10.51 40.03
C ILE D 424 -5.28 11.08 41.44
N ARG D 425 -6.48 10.99 41.97
CA ARG D 425 -6.76 11.52 43.30
C ARG D 425 -6.53 10.51 44.41
N TYR D 426 -6.67 9.21 44.13
CA TYR D 426 -6.55 8.21 45.17
C TYR D 426 -5.43 7.22 44.97
N ILE D 427 -5.34 6.57 43.82
CA ILE D 427 -4.32 5.53 43.59
C ILE D 427 -3.14 6.23 42.92
N HIS D 428 -2.34 6.92 43.72
CA HIS D 428 -1.25 7.69 43.15
C HIS D 428 0.05 7.55 43.93
N ARG D 429 0.10 6.70 44.93
CA ARG D 429 1.32 6.28 45.56
C ARG D 429 1.89 5.09 44.79
N PRO D 430 3.22 4.96 44.70
CA PRO D 430 3.80 3.88 43.88
C PRO D 430 3.52 2.49 44.41
N CYS D 431 3.48 2.30 45.73
CA CYS D 431 3.11 1.01 46.28
C CYS D 431 1.63 0.72 46.09
N LEU D 432 0.82 1.77 46.02
CA LEU D 432 -0.62 1.60 45.92
C LEU D 432 -1.06 1.32 44.49
N GLN D 433 -0.24 1.68 43.51
CA GLN D 433 -0.57 1.41 42.13
C GLN D 433 0.14 0.17 41.60
N VAL D 434 1.07 -0.40 42.35
CA VAL D 434 1.54 -1.76 42.07
C VAL D 434 0.47 -2.77 42.45
N ILE D 435 -0.18 -2.55 43.59
CA ILE D 435 -1.19 -3.47 44.11
C ILE D 435 -2.42 -3.49 43.21
N GLU D 436 -2.73 -2.36 42.57
CA GLU D 436 -3.88 -2.31 41.66
C GLU D 436 -3.65 -3.16 40.42
N ALA D 437 -2.43 -3.17 39.88
CA ALA D 437 -2.15 -3.93 38.67
C ALA D 437 -2.17 -5.44 38.92
N VAL D 438 -1.67 -5.86 40.09
CA VAL D 438 -1.68 -7.26 40.48
C VAL D 438 -3.11 -7.77 40.63
N LEU D 439 -4.00 -6.93 41.19
CA LEU D 439 -5.38 -7.32 41.36
C LEU D 439 -6.12 -7.41 40.03
N VAL D 440 -5.82 -6.49 39.09
CA VAL D 440 -6.38 -6.60 37.74
C VAL D 440 -5.89 -7.87 37.06
N ALA D 441 -4.64 -8.26 37.31
CA ALA D 441 -4.10 -9.49 36.73
C ALA D 441 -4.82 -10.74 37.25
N ALA D 442 -5.01 -10.80 38.57
CA ALA D 442 -5.72 -11.93 39.17
C ALA D 442 -7.19 -11.96 38.75
N VAL D 443 -7.81 -10.79 38.56
CA VAL D 443 -9.21 -10.76 38.18
C VAL D 443 -9.39 -11.12 36.70
N THR D 444 -8.43 -10.77 35.83
CA THR D 444 -8.51 -11.23 34.45
C THR D 444 -8.34 -12.75 34.35
N ALA D 445 -7.42 -13.30 35.15
CA ALA D 445 -7.29 -14.76 35.25
C ALA D 445 -8.58 -15.41 35.72
N THR D 446 -9.21 -14.82 36.75
CA THR D 446 -10.37 -15.44 37.36
C THR D 446 -11.59 -15.36 36.45
N VAL D 447 -11.79 -14.22 35.80
CA VAL D 447 -12.95 -14.05 34.92
C VAL D 447 -12.79 -14.92 33.68
N ALA D 448 -11.57 -15.05 33.16
CA ALA D 448 -11.30 -15.99 32.07
C ALA D 448 -11.63 -17.42 32.48
N PHE D 449 -11.16 -17.85 33.66
CA PHE D 449 -11.42 -19.21 34.13
C PHE D 449 -12.92 -19.45 34.37
N VAL D 450 -13.64 -18.44 34.85
CA VAL D 450 -15.07 -18.59 35.12
C VAL D 450 -15.85 -18.71 33.82
N LEU D 451 -15.49 -17.92 32.80
CA LEU D 451 -16.15 -18.08 31.50
C LEU D 451 -15.77 -19.40 30.83
N ILE D 452 -14.55 -19.90 31.06
CA ILE D 452 -14.13 -21.17 30.47
C ILE D 452 -14.83 -22.34 31.14
N TYR D 453 -14.92 -22.31 32.47
CA TYR D 453 -15.47 -23.41 33.26
C TYR D 453 -16.95 -23.62 32.98
N SER D 454 -17.71 -22.54 32.90
CA SER D 454 -19.16 -22.62 32.77
C SER D 454 -19.61 -22.61 31.31
N SER D 455 -18.72 -22.84 30.36
CA SER D 455 -19.06 -22.84 28.96
C SER D 455 -19.46 -24.25 28.53
N ARG D 456 -20.29 -24.33 27.49
CA ARG D 456 -20.85 -25.59 27.07
C ARG D 456 -20.49 -26.02 25.65
N ASP D 457 -20.15 -25.10 24.75
CA ASP D 457 -19.87 -25.51 23.39
C ASP D 457 -18.46 -26.07 23.26
N CYS D 458 -18.34 -27.10 22.44
CA CYS D 458 -17.09 -27.79 22.21
C CYS D 458 -16.86 -27.93 20.72
N GLN D 459 -15.62 -28.22 20.34
CA GLN D 459 -15.26 -28.13 18.94
C GLN D 459 -14.02 -28.97 18.68
N PRO D 460 -13.96 -29.71 17.56
CA PRO D 460 -12.74 -30.43 17.21
C PRO D 460 -11.70 -29.51 16.58
N LEU D 461 -10.53 -30.07 16.29
CA LEU D 461 -9.45 -29.28 15.69
C LEU D 461 -9.73 -28.97 14.22
N GLN D 462 -9.40 -27.75 13.83
CA GLN D 462 -9.50 -27.31 12.44
C GLN D 462 -8.16 -26.80 11.93
N GLY D 463 -7.08 -27.53 12.25
CA GLY D 463 -5.79 -27.22 11.68
C GLY D 463 -4.98 -26.17 12.42
N GLY D 464 -4.70 -26.42 13.70
CA GLY D 464 -3.88 -25.50 14.46
C GLY D 464 -4.59 -24.25 14.92
N SER D 465 -5.92 -24.25 14.91
CA SER D 465 -6.71 -23.08 15.28
C SER D 465 -6.78 -22.84 16.79
N MET D 466 -6.19 -23.71 17.61
CA MET D 466 -6.15 -23.47 19.04
C MET D 466 -4.74 -23.31 19.58
N SER D 467 -3.86 -24.30 19.32
CA SER D 467 -2.43 -24.37 19.68
C SER D 467 -2.20 -24.57 21.19
N TYR D 468 -3.24 -24.42 21.99
CA TYR D 468 -3.32 -25.05 23.32
C TYR D 468 -4.73 -25.61 23.46
N PRO D 469 -5.00 -26.76 22.81
CA PRO D 469 -6.36 -27.30 22.88
C PRO D 469 -6.69 -27.85 24.25
N LEU D 470 -7.51 -27.14 24.99
CA LEU D 470 -7.88 -27.50 26.35
C LEU D 470 -9.19 -28.27 26.29
N GLN D 471 -9.12 -29.56 26.58
CA GLN D 471 -10.31 -30.37 26.83
C GLN D 471 -10.63 -30.26 28.32
N LEU D 472 -11.71 -29.58 28.65
CA LEU D 472 -12.05 -29.55 30.07
C LEU D 472 -13.16 -30.54 30.35
N PHE D 473 -14.33 -30.31 29.78
CA PHE D 473 -15.50 -31.14 30.04
C PHE D 473 -16.11 -31.64 28.74
N CYS D 474 -15.38 -31.55 27.64
CA CYS D 474 -15.88 -31.89 26.32
C CYS D 474 -15.85 -33.40 26.13
N ALA D 475 -16.27 -33.84 24.95
CA ALA D 475 -16.63 -35.23 24.69
C ALA D 475 -15.50 -36.03 24.07
N ASP D 476 -14.26 -35.76 24.48
CA ASP D 476 -13.04 -36.54 24.31
C ASP D 476 -12.48 -36.48 22.88
N GLY D 477 -13.19 -35.91 21.92
CA GLY D 477 -12.60 -35.61 20.64
C GLY D 477 -12.64 -34.13 20.36
N GLU D 478 -13.48 -33.43 21.11
CA GLU D 478 -13.71 -32.00 20.97
C GLU D 478 -12.98 -31.23 22.07
N TYR D 479 -12.97 -29.91 21.95
CA TYR D 479 -12.21 -29.05 22.84
C TYR D 479 -12.99 -27.79 23.17
N ASN D 480 -12.73 -27.23 24.35
CA ASN D 480 -13.49 -26.09 24.84
C ASN D 480 -13.12 -24.83 24.05
N SER D 481 -14.12 -24.23 23.42
CA SER D 481 -13.90 -23.14 22.49
C SER D 481 -13.89 -21.77 23.14
N MET D 482 -14.50 -21.61 24.32
CA MET D 482 -14.25 -20.42 25.12
C MET D 482 -12.81 -20.38 25.61
N ALA D 483 -12.24 -21.55 25.89
CA ALA D 483 -10.83 -21.64 26.28
C ALA D 483 -9.88 -21.27 25.15
N ALA D 484 -10.35 -21.32 23.90
CA ALA D 484 -9.55 -20.88 22.76
C ALA D 484 -9.66 -19.38 22.51
N ALA D 485 -10.68 -18.72 23.04
CA ALA D 485 -10.71 -17.25 22.98
C ALA D 485 -9.66 -16.65 23.90
N PHE D 486 -9.48 -17.25 25.08
CA PHE D 486 -8.31 -17.03 25.91
C PHE D 486 -7.25 -18.02 25.45
N PHE D 487 -6.10 -18.13 26.14
CA PHE D 487 -5.02 -19.07 25.85
C PHE D 487 -4.35 -18.88 24.49
N ASN D 488 -4.80 -17.90 23.71
CA ASN D 488 -4.19 -17.47 22.46
C ASN D 488 -3.57 -16.11 22.68
N THR D 489 -2.68 -15.74 21.78
CA THR D 489 -2.35 -14.34 21.65
C THR D 489 -3.57 -13.60 21.11
N PRO D 490 -3.78 -12.35 21.51
CA PRO D 490 -4.84 -11.56 20.89
C PRO D 490 -4.63 -11.31 19.40
N GLU D 491 -3.39 -11.37 18.94
CA GLU D 491 -3.08 -11.24 17.50
C GLU D 491 -3.67 -12.38 16.71
N LYS D 492 -3.50 -13.61 17.21
CA LYS D 492 -4.06 -14.78 16.56
C LYS D 492 -5.58 -14.79 16.63
N SER D 493 -6.15 -14.22 17.69
CA SER D 493 -7.60 -14.08 17.76
C SER D 493 -8.13 -13.05 16.77
N VAL D 494 -7.37 -11.98 16.52
CA VAL D 494 -7.77 -11.01 15.49
C VAL D 494 -7.69 -11.65 14.12
N VAL D 495 -6.63 -12.42 13.86
CA VAL D 495 -6.46 -13.07 12.56
C VAL D 495 -7.50 -14.19 12.36
N SER D 496 -7.95 -14.82 13.45
CA SER D 496 -8.92 -15.91 13.32
C SER D 496 -10.37 -15.43 13.24
N LEU D 497 -10.70 -14.25 13.77
CA LEU D 497 -12.01 -13.69 13.49
C LEU D 497 -12.10 -13.22 12.04
N PHE D 498 -10.98 -12.74 11.51
CA PHE D 498 -10.80 -12.63 10.08
C PHE D 498 -10.68 -14.06 9.50
N HIS D 499 -10.92 -14.19 8.21
CA HIS D 499 -10.46 -15.33 7.41
C HIS D 499 -11.07 -16.70 7.75
N ASP D 500 -11.87 -16.82 8.81
CA ASP D 500 -12.48 -18.13 9.06
C ASP D 500 -13.77 -18.30 8.26
N PRO D 501 -14.07 -19.52 7.83
CA PRO D 501 -15.33 -19.77 7.10
C PRO D 501 -16.52 -19.66 8.03
N PRO D 502 -17.71 -19.38 7.49
CA PRO D 502 -18.88 -19.20 8.36
C PRO D 502 -19.29 -20.46 9.10
N GLY D 503 -19.93 -20.27 10.24
CA GLY D 503 -20.23 -21.36 11.15
C GLY D 503 -19.13 -21.68 12.14
N SER D 504 -18.05 -20.91 12.16
CA SER D 504 -16.90 -21.22 12.99
C SER D 504 -17.04 -20.71 14.42
N TYR D 505 -17.99 -19.82 14.68
CA TYR D 505 -18.13 -19.21 15.99
C TYR D 505 -19.55 -19.36 16.50
N ASN D 506 -19.66 -19.50 17.82
CA ASN D 506 -20.95 -19.55 18.49
C ASN D 506 -21.35 -18.14 18.89
N PRO D 507 -22.53 -17.66 18.51
CA PRO D 507 -22.93 -16.30 18.89
C PRO D 507 -23.09 -16.06 20.39
N LEU D 508 -23.31 -17.11 21.20
CA LEU D 508 -23.38 -16.88 22.63
C LEU D 508 -21.99 -16.68 23.22
N THR D 509 -21.03 -17.53 22.87
CA THR D 509 -19.72 -17.45 23.49
C THR D 509 -18.89 -16.30 22.94
N LEU D 510 -19.03 -16.01 21.64
CA LEU D 510 -18.35 -14.86 21.08
C LEU D 510 -18.97 -13.56 21.59
N GLY D 511 -20.29 -13.54 21.78
CA GLY D 511 -20.93 -12.37 22.34
C GLY D 511 -20.58 -12.15 23.80
N LEU D 512 -20.41 -13.24 24.55
CA LEU D 512 -20.07 -13.12 25.96
C LEU D 512 -18.59 -12.83 26.16
N PHE D 513 -17.73 -13.29 25.25
CA PHE D 513 -16.32 -12.90 25.27
C PHE D 513 -16.15 -11.43 24.95
N THR D 514 -16.97 -10.90 24.03
CA THR D 514 -16.80 -9.52 23.58
C THR D 514 -17.18 -8.53 24.67
N LEU D 515 -18.27 -8.79 25.37
CA LEU D 515 -18.74 -7.94 26.47
C LEU D 515 -17.72 -7.86 27.60
N VAL D 516 -17.12 -9.00 27.94
CA VAL D 516 -16.20 -9.06 29.08
C VAL D 516 -14.87 -8.38 28.74
N TYR D 517 -14.34 -8.66 27.55
CA TYR D 517 -13.04 -8.15 27.15
C TYR D 517 -13.06 -6.63 26.99
N PHE D 518 -14.23 -6.07 26.67
CA PHE D 518 -14.43 -4.63 26.60
C PHE D 518 -14.10 -3.97 27.93
N PHE D 519 -14.71 -4.46 29.01
CA PHE D 519 -14.49 -3.87 30.32
C PHE D 519 -13.11 -4.23 30.88
N LEU D 520 -12.58 -5.39 30.52
CA LEU D 520 -11.23 -5.73 30.95
C LEU D 520 -10.18 -4.87 30.29
N ALA D 521 -10.40 -4.50 29.02
CA ALA D 521 -9.45 -3.66 28.32
C ALA D 521 -9.63 -2.19 28.67
N CYS D 522 -10.84 -1.77 29.05
CA CYS D 522 -11.04 -0.42 29.53
C CYS D 522 -10.47 -0.25 30.93
N TRP D 523 -10.58 -1.28 31.75
CA TRP D 523 -10.04 -1.24 33.09
C TRP D 523 -8.54 -1.43 33.12
N THR D 524 -7.96 -2.01 32.06
CA THR D 524 -6.51 -2.09 31.89
C THR D 524 -6.06 -1.04 30.85
N TYR D 525 -6.20 0.22 31.18
CA TYR D 525 -5.45 1.13 30.32
C TYR D 525 -4.64 2.15 31.10
N GLY D 526 -5.16 2.67 32.19
CA GLY D 526 -4.35 3.59 32.96
C GLY D 526 -3.48 2.96 34.03
N LEU D 527 -3.30 1.63 34.00
CA LEU D 527 -2.45 0.98 34.98
C LEU D 527 -0.99 1.37 34.78
N THR D 528 -0.21 1.22 35.84
CA THR D 528 1.19 1.63 35.83
C THR D 528 2.06 0.48 35.31
N VAL D 529 1.80 0.12 34.05
CA VAL D 529 2.60 -0.82 33.29
C VAL D 529 2.80 -0.21 31.92
N SER D 530 3.78 -0.73 31.18
CA SER D 530 3.92 -0.38 29.78
C SER D 530 3.12 -1.38 28.96
N ALA D 531 2.31 -0.85 28.05
CA ALA D 531 1.19 -1.60 27.49
C ALA D 531 0.57 -0.83 26.34
N GLY D 532 0.14 -1.54 25.31
CA GLY D 532 -0.54 -0.94 24.17
C GLY D 532 -2.04 -1.17 24.18
N VAL D 533 -2.73 -0.45 23.28
CA VAL D 533 -4.18 -0.49 23.22
C VAL D 533 -4.72 -0.67 21.81
N PHE D 534 -3.86 -0.74 20.78
CA PHE D 534 -4.33 -1.03 19.41
C PHE D 534 -4.95 -2.40 19.29
N ILE D 535 -4.25 -3.42 19.78
CA ILE D 535 -4.66 -4.82 19.67
C ILE D 535 -5.86 -5.15 20.56
N PRO D 536 -6.03 -4.57 21.77
CA PRO D 536 -7.37 -4.66 22.38
C PRO D 536 -8.49 -4.04 21.55
N SER D 537 -8.24 -2.89 20.90
CA SER D 537 -9.29 -2.23 20.12
C SER D 537 -9.64 -3.03 18.87
N LEU D 538 -8.63 -3.58 18.20
CA LEU D 538 -8.87 -4.42 17.02
C LEU D 538 -9.53 -5.74 17.39
N LEU D 539 -9.30 -6.24 18.60
CA LEU D 539 -9.95 -7.49 18.99
C LEU D 539 -11.40 -7.24 19.42
N ILE D 540 -11.67 -6.12 20.10
CA ILE D 540 -13.04 -5.76 20.42
C ILE D 540 -13.85 -5.56 19.15
N GLY D 541 -13.29 -4.81 18.19
CA GLY D 541 -14.03 -4.49 16.99
C GLY D 541 -14.26 -5.66 16.05
N ALA D 542 -13.24 -6.51 15.88
CA ALA D 542 -13.39 -7.69 15.06
C ALA D 542 -14.32 -8.71 15.69
N ALA D 543 -14.49 -8.67 17.00
CA ALA D 543 -15.43 -9.57 17.65
C ALA D 543 -16.88 -9.14 17.41
N TRP D 544 -17.22 -7.87 17.65
CA TRP D 544 -18.59 -7.49 17.33
C TRP D 544 -18.79 -7.24 15.85
N GLY D 545 -17.71 -7.05 15.09
CA GLY D 545 -17.84 -7.09 13.64
C GLY D 545 -18.19 -8.48 13.13
N ARG D 546 -17.64 -9.51 13.74
CA ARG D 546 -17.96 -10.88 13.36
C ARG D 546 -19.39 -11.23 13.71
N LEU D 547 -19.88 -10.76 14.87
CA LEU D 547 -21.24 -11.05 15.31
C LEU D 547 -22.28 -10.35 14.43
N PHE D 548 -21.94 -9.18 13.90
CA PHE D 548 -22.79 -8.52 12.93
C PHE D 548 -22.87 -9.34 11.64
N GLY D 549 -21.79 -10.04 11.29
CA GLY D 549 -21.81 -10.91 10.12
C GLY D 549 -22.62 -12.19 10.32
N ILE D 550 -22.67 -12.72 11.55
CA ILE D 550 -23.53 -13.87 11.82
C ILE D 550 -25.00 -13.49 11.65
N SER D 551 -25.41 -12.31 12.15
CA SER D 551 -26.79 -11.88 11.99
C SER D 551 -27.12 -11.54 10.53
N LEU D 552 -26.17 -10.97 9.78
CA LEU D 552 -26.38 -10.75 8.35
C LEU D 552 -26.50 -12.06 7.57
N SER D 553 -25.67 -13.05 7.91
CA SER D 553 -25.78 -14.35 7.27
C SER D 553 -26.97 -15.15 7.77
N TYR D 554 -27.60 -14.74 8.86
CA TYR D 554 -28.85 -15.37 9.27
C TYR D 554 -30.04 -14.76 8.55
N LEU D 555 -30.08 -13.43 8.46
CA LEU D 555 -31.26 -12.75 7.94
C LEU D 555 -31.38 -12.78 6.42
N THR D 556 -30.33 -13.21 5.69
CA THR D 556 -30.39 -13.29 4.24
C THR D 556 -30.06 -14.68 3.73
N GLY D 557 -30.04 -15.70 4.58
CA GLY D 557 -29.49 -16.97 4.19
C GLY D 557 -27.98 -16.88 4.03
N ALA D 558 -27.40 -17.94 3.48
CA ALA D 558 -25.95 -17.99 3.29
C ALA D 558 -25.54 -17.25 2.01
N ALA D 559 -25.86 -15.95 1.98
CA ALA D 559 -25.50 -15.11 0.85
C ALA D 559 -23.99 -14.87 0.83
N ILE D 560 -23.46 -14.68 -0.38
CA ILE D 560 -22.01 -14.61 -0.55
C ILE D 560 -21.48 -13.27 -0.04
N TRP D 561 -22.25 -12.20 -0.19
CA TRP D 561 -21.83 -10.89 0.27
C TRP D 561 -21.91 -10.73 1.77
N ALA D 562 -22.59 -11.64 2.47
CA ALA D 562 -22.77 -11.56 3.91
C ALA D 562 -21.71 -12.35 4.68
N ASP D 563 -20.50 -12.44 4.14
CA ASP D 563 -19.42 -13.18 4.77
C ASP D 563 -18.99 -12.53 6.07
N PRO D 564 -19.07 -13.24 7.20
CA PRO D 564 -18.82 -12.58 8.49
C PRO D 564 -17.36 -12.24 8.76
N GLY D 565 -16.42 -12.84 8.03
CA GLY D 565 -15.03 -12.44 8.16
C GLY D 565 -14.72 -11.11 7.52
N LYS D 566 -15.54 -10.68 6.56
CA LYS D 566 -15.38 -9.37 5.95
C LYS D 566 -15.83 -8.27 6.90
N TYR D 567 -16.84 -8.54 7.72
CA TYR D 567 -17.37 -7.54 8.62
C TYR D 567 -16.55 -7.43 9.90
N ALA D 568 -15.71 -8.41 10.19
CA ALA D 568 -14.77 -8.26 11.30
C ALA D 568 -13.71 -7.20 10.99
N LEU D 569 -13.34 -7.06 9.72
CA LEU D 569 -12.37 -6.04 9.33
C LEU D 569 -12.93 -4.64 9.51
N MET D 570 -14.16 -4.40 9.01
CA MET D 570 -14.79 -3.10 9.15
C MET D 570 -15.11 -2.78 10.60
N GLY D 571 -15.47 -3.79 11.40
CA GLY D 571 -15.73 -3.56 12.80
C GLY D 571 -14.47 -3.25 13.60
N ALA D 572 -13.36 -3.92 13.26
CA ALA D 572 -12.09 -3.62 13.91
C ALA D 572 -11.62 -2.22 13.58
N ALA D 573 -11.77 -1.81 12.31
CA ALA D 573 -11.49 -0.44 11.90
C ALA D 573 -12.39 0.55 12.63
N ALA D 574 -13.68 0.24 12.78
CA ALA D 574 -14.61 1.15 13.44
C ALA D 574 -14.30 1.32 14.92
N GLN D 575 -13.94 0.24 15.62
CA GLN D 575 -13.68 0.37 17.05
C GLN D 575 -12.33 1.04 17.31
N LEU D 576 -11.32 0.68 16.50
CA LEU D 576 -10.03 1.35 16.62
C LEU D 576 -10.13 2.83 16.25
N GLY D 577 -11.03 3.19 15.34
CA GLY D 577 -11.23 4.60 15.03
C GLY D 577 -12.10 5.33 16.02
N GLY D 578 -13.01 4.62 16.69
CA GLY D 578 -13.82 5.23 17.72
C GLY D 578 -13.10 5.43 19.03
N ILE D 579 -12.05 4.67 19.30
CA ILE D 579 -11.32 4.89 20.55
C ILE D 579 -10.23 5.93 20.34
N VAL D 580 -9.29 5.68 19.44
CA VAL D 580 -8.33 6.69 19.03
C VAL D 580 -8.73 7.20 17.64
N ARG D 581 -8.69 8.50 17.46
CA ARG D 581 -9.35 9.03 16.25
C ARG D 581 -8.35 9.30 15.14
N MET D 582 -7.60 8.26 14.78
CA MET D 582 -6.67 8.36 13.67
C MET D 582 -7.39 8.05 12.36
N THR D 583 -7.21 8.92 11.37
CA THR D 583 -7.90 8.74 10.10
C THR D 583 -6.94 8.46 8.95
N LEU D 584 -6.00 9.35 8.68
CA LEU D 584 -5.23 9.27 7.45
C LEU D 584 -4.10 8.25 7.54
N SER D 585 -3.38 8.22 8.66
CA SER D 585 -2.33 7.21 8.80
C SER D 585 -2.94 5.83 9.04
N LEU D 586 -4.06 5.76 9.78
CA LEU D 586 -4.65 4.47 10.10
C LEU D 586 -5.33 3.82 8.90
N THR D 587 -5.88 4.63 7.98
CA THR D 587 -6.45 4.07 6.75
C THR D 587 -5.38 3.40 5.91
N VAL D 588 -4.20 4.03 5.82
CA VAL D 588 -3.11 3.48 5.04
C VAL D 588 -2.51 2.27 5.74
N ILE D 589 -2.48 2.27 7.08
CA ILE D 589 -2.02 1.09 7.84
C ILE D 589 -2.94 -0.09 7.61
N MET D 590 -4.25 0.13 7.68
CA MET D 590 -5.22 -0.94 7.47
C MET D 590 -5.21 -1.42 6.03
N MET D 591 -5.06 -0.51 5.08
CA MET D 591 -5.04 -0.86 3.67
C MET D 591 -3.73 -1.53 3.28
N GLU D 592 -2.66 -1.31 4.04
CA GLU D 592 -1.36 -1.85 3.73
C GLU D 592 -1.09 -3.16 4.45
N ALA D 593 -1.77 -3.41 5.56
CA ALA D 593 -1.67 -4.69 6.24
C ALA D 593 -2.59 -5.74 5.63
N THR D 594 -3.70 -5.32 5.03
CA THR D 594 -4.61 -6.24 4.36
C THR D 594 -4.21 -6.53 2.93
N SER D 595 -3.21 -5.80 2.40
CA SER D 595 -2.68 -5.96 1.03
C SER D 595 -3.75 -5.82 -0.05
N ASN D 596 -4.77 -5.02 0.21
CA ASN D 596 -5.87 -4.84 -0.72
C ASN D 596 -6.13 -3.35 -0.84
N VAL D 597 -5.89 -2.80 -2.03
CA VAL D 597 -6.01 -1.37 -2.20
C VAL D 597 -7.46 -0.92 -2.31
N THR D 598 -8.36 -1.81 -2.69
CA THR D 598 -9.76 -1.42 -2.86
C THR D 598 -10.50 -1.37 -1.54
N TYR D 599 -9.92 -1.94 -0.49
CA TYR D 599 -10.52 -1.85 0.84
C TYR D 599 -10.37 -0.50 1.49
N GLY D 600 -9.50 0.37 0.97
CA GLY D 600 -9.29 1.65 1.61
C GLY D 600 -10.44 2.61 1.45
N PHE D 601 -11.34 2.35 0.54
CA PHE D 601 -12.52 3.19 0.35
C PHE D 601 -13.58 2.90 1.42
N PRO D 602 -14.00 1.64 1.67
CA PRO D 602 -14.88 1.44 2.84
C PRO D 602 -14.18 1.66 4.18
N ILE D 603 -12.87 1.39 4.29
CA ILE D 603 -12.16 1.66 5.54
C ILE D 603 -12.11 3.15 5.84
N MET D 604 -11.89 3.98 4.82
CA MET D 604 -11.85 5.41 5.11
C MET D 604 -13.24 5.97 5.37
N LEU D 605 -14.29 5.39 4.76
CA LEU D 605 -15.65 5.83 5.11
C LEU D 605 -15.98 5.47 6.56
N VAL D 606 -15.57 4.27 7.00
CA VAL D 606 -15.81 3.82 8.36
C VAL D 606 -15.03 4.67 9.36
N LEU D 607 -13.79 5.05 9.02
CA LEU D 607 -13.00 5.86 9.94
C LEU D 607 -13.47 7.31 10.00
N MET D 608 -13.94 7.88 8.87
CA MET D 608 -14.61 9.20 8.89
C MET D 608 -15.83 9.18 9.80
N THR D 609 -16.67 8.16 9.63
CA THR D 609 -17.91 8.08 10.39
C THR D 609 -17.65 7.87 11.87
N ALA D 610 -16.65 7.04 12.20
CA ALA D 610 -16.31 6.79 13.59
C ALA D 610 -15.68 8.01 14.24
N LYS D 611 -14.90 8.80 13.49
CA LYS D 611 -14.35 10.03 14.06
C LYS D 611 -15.43 11.06 14.34
N ILE D 612 -16.39 11.21 13.43
CA ILE D 612 -17.45 12.21 13.61
C ILE D 612 -18.36 11.83 14.80
N VAL D 613 -18.85 10.58 14.80
CA VAL D 613 -19.72 10.11 15.87
C VAL D 613 -18.97 9.98 17.19
N GLY D 614 -17.65 9.82 17.17
CA GLY D 614 -16.93 9.84 18.41
C GLY D 614 -16.71 11.23 18.95
N ASP D 615 -16.30 12.15 18.08
CA ASP D 615 -15.98 13.51 18.49
C ASP D 615 -17.20 14.32 18.90
N VAL D 616 -18.41 13.87 18.56
CA VAL D 616 -19.56 14.60 19.11
C VAL D 616 -19.66 14.38 20.63
N PHE D 617 -19.17 13.26 21.15
CA PHE D 617 -19.33 12.96 22.58
C PHE D 617 -18.09 13.29 23.41
N ILE D 618 -16.92 12.78 23.03
CA ILE D 618 -15.75 12.74 23.89
C ILE D 618 -14.52 12.96 23.01
N GLU D 619 -13.38 13.19 23.65
CA GLU D 619 -12.21 13.74 22.95
C GLU D 619 -11.43 12.67 22.20
N GLY D 620 -11.28 11.48 22.75
CA GLY D 620 -10.42 10.51 22.10
C GLY D 620 -9.25 10.17 22.99
N LEU D 621 -8.85 8.89 23.02
CA LEU D 621 -8.11 8.34 24.15
C LEU D 621 -6.71 8.92 24.26
N TYR D 622 -6.07 9.17 23.12
CA TYR D 622 -4.70 9.69 23.15
C TYR D 622 -4.68 11.17 23.52
N ASP D 623 -5.62 11.95 22.99
CA ASP D 623 -5.69 13.37 23.32
C ASP D 623 -6.17 13.61 24.73
N MET D 624 -6.96 12.68 25.27
CA MET D 624 -7.56 12.84 26.59
C MET D 624 -6.51 12.74 27.68
N HIS D 625 -5.54 11.84 27.54
CA HIS D 625 -4.49 11.72 28.54
C HIS D 625 -3.44 12.81 28.40
N ILE D 626 -3.25 13.31 27.17
CA ILE D 626 -2.47 14.53 26.95
C ILE D 626 -3.11 15.70 27.68
N GLN D 627 -4.43 15.81 27.63
CA GLN D 627 -5.13 16.89 28.31
C GLN D 627 -5.13 16.70 29.83
N LEU D 628 -5.18 15.46 30.31
CA LEU D 628 -5.14 15.23 31.75
C LEU D 628 -3.74 15.41 32.33
N GLN D 629 -2.69 15.24 31.55
CA GLN D 629 -1.36 15.54 32.04
C GLN D 629 -0.97 17.00 31.86
N SER D 630 -1.86 17.82 31.29
CA SER D 630 -1.76 19.29 31.25
C SER D 630 -0.54 19.78 30.46
N VAL D 631 -0.26 19.15 29.33
CA VAL D 631 0.86 19.63 28.51
C VAL D 631 0.27 20.65 27.55
N PRO D 632 1.06 21.59 27.02
CA PRO D 632 0.50 22.61 26.10
C PRO D 632 -0.11 22.07 24.81
N PHE D 633 0.66 21.39 23.96
CA PHE D 633 0.15 20.60 22.82
C PHE D 633 -0.67 21.42 21.81
N LEU D 634 0.04 22.11 20.93
CA LEU D 634 -0.58 22.75 19.78
C LEU D 634 -1.38 21.76 18.93
N HIS D 635 -2.59 22.15 18.54
CA HIS D 635 -3.36 21.34 17.62
C HIS D 635 -3.04 21.69 16.17
N TRP D 636 -3.82 21.11 15.25
CA TRP D 636 -3.57 21.27 13.82
C TRP D 636 -3.82 22.70 13.35
N GLU D 637 -4.87 23.34 13.85
CA GLU D 637 -5.25 24.68 13.46
C GLU D 637 -5.65 25.47 14.69
N ALA D 638 -5.89 26.76 14.47
CA ALA D 638 -6.53 27.60 15.47
C ALA D 638 -8.00 27.18 15.63
N PRO D 639 -8.60 27.45 16.78
CA PRO D 639 -10.03 27.10 16.97
C PRO D 639 -10.94 27.85 16.00
N VAL D 640 -12.11 27.24 15.74
CA VAL D 640 -12.96 27.66 14.64
C VAL D 640 -13.61 29.00 14.93
N THR D 641 -14.14 29.17 16.14
CA THR D 641 -14.67 30.46 16.55
C THR D 641 -13.59 31.35 17.15
N SER D 642 -12.45 31.45 16.46
CA SER D 642 -11.38 32.33 16.91
C SER D 642 -10.62 32.98 15.75
N HIS D 643 -11.30 33.22 14.62
CA HIS D 643 -10.64 33.92 13.52
C HIS D 643 -10.63 35.43 13.72
N SER D 644 -11.46 35.95 14.62
CA SER D 644 -11.55 37.38 14.83
C SER D 644 -10.47 37.93 15.74
N LEU D 645 -9.60 37.08 16.30
CA LEU D 645 -8.52 37.58 17.14
C LEU D 645 -7.33 37.98 16.29
N THR D 646 -6.59 38.96 16.78
CA THR D 646 -5.33 39.36 16.18
C THR D 646 -4.19 38.87 17.06
N ALA D 647 -2.96 39.25 16.71
CA ALA D 647 -1.81 38.85 17.52
C ALA D 647 -1.75 39.61 18.83
N ARG D 648 -2.34 40.81 18.89
CA ARG D 648 -2.18 41.63 20.08
C ARG D 648 -3.05 41.15 21.24
N GLU D 649 -4.05 40.31 20.99
CA GLU D 649 -4.74 39.65 22.09
C GLU D 649 -3.88 38.58 22.73
N VAL D 650 -3.46 37.60 21.92
CA VAL D 650 -2.67 36.47 22.44
C VAL D 650 -1.20 36.84 22.25
N MET D 651 -0.69 37.64 23.17
CA MET D 651 0.75 37.91 23.23
C MET D 651 1.07 38.38 24.64
N SER D 652 2.35 38.28 24.99
CA SER D 652 2.84 38.65 26.32
C SER D 652 3.46 40.03 26.22
N THR D 653 2.73 41.04 26.70
CA THR D 653 3.04 42.42 26.33
C THR D 653 4.21 43.11 27.05
N PRO D 654 4.49 42.92 28.37
CA PRO D 654 5.73 43.49 28.89
C PRO D 654 6.92 42.59 28.63
N VAL D 655 7.52 42.70 27.44
CA VAL D 655 8.60 41.78 27.07
C VAL D 655 9.87 42.18 27.81
N THR D 656 10.53 41.20 28.41
CA THR D 656 11.86 41.40 28.96
C THR D 656 12.88 41.30 27.83
N CYS D 657 13.62 42.37 27.60
CA CYS D 657 14.57 42.46 26.50
C CYS D 657 15.97 42.78 27.02
N LEU D 658 16.94 42.48 26.17
CA LEU D 658 18.34 42.79 26.40
C LEU D 658 18.80 43.70 25.25
N ARG D 659 20.05 44.13 25.28
CA ARG D 659 20.56 44.96 24.20
C ARG D 659 21.74 44.26 23.54
N ARG D 660 22.21 44.84 22.42
CA ARG D 660 23.35 44.26 21.71
C ARG D 660 24.59 44.26 22.58
N ARG D 661 24.85 45.36 23.27
CA ARG D 661 25.97 45.50 24.19
C ARG D 661 25.36 45.73 25.57
N GLU D 662 25.06 44.64 26.26
CA GLU D 662 24.36 44.69 27.53
C GLU D 662 25.37 44.52 28.66
N LYS D 663 25.14 45.24 29.76
CA LYS D 663 25.96 45.07 30.96
C LYS D 663 25.72 43.69 31.57
N VAL D 664 26.77 43.14 32.18
CA VAL D 664 26.72 41.75 32.64
C VAL D 664 25.90 41.61 33.93
N GLY D 665 25.92 42.61 34.80
CA GLY D 665 25.20 42.54 36.07
C GLY D 665 23.69 42.60 35.95
N VAL D 666 23.16 42.98 34.78
CA VAL D 666 21.72 42.90 34.56
C VAL D 666 21.34 41.74 33.66
N ILE D 667 22.31 41.06 33.05
CA ILE D 667 22.03 39.78 32.41
C ILE D 667 21.83 38.69 33.45
N VAL D 668 22.69 38.66 34.48
CA VAL D 668 22.49 37.70 35.55
C VAL D 668 21.31 38.05 36.44
N ASP D 669 20.86 39.31 36.39
CA ASP D 669 19.70 39.76 37.16
C ASP D 669 18.40 39.34 36.48
N VAL D 670 18.37 39.33 35.15
CA VAL D 670 17.20 38.88 34.41
C VAL D 670 17.04 37.37 34.55
N LEU D 671 18.15 36.63 34.49
CA LEU D 671 18.09 35.17 34.57
C LEU D 671 17.83 34.66 35.99
N SER D 672 17.88 35.53 37.00
CA SER D 672 17.63 35.16 38.39
C SER D 672 16.44 35.99 38.86
N ASP D 673 15.23 35.48 38.65
CA ASP D 673 14.06 36.26 39.05
C ASP D 673 13.07 35.41 39.83
N THR D 674 13.08 34.09 39.60
CA THR D 674 12.32 33.06 40.32
C THR D 674 10.80 33.20 40.20
N ALA D 675 10.31 34.16 39.42
CA ALA D 675 8.90 34.30 39.10
C ALA D 675 8.64 34.37 37.60
N SER D 676 9.68 34.53 36.79
CA SER D 676 9.57 34.83 35.37
C SER D 676 10.54 33.94 34.59
N ASN D 677 10.41 32.62 34.77
CA ASN D 677 11.36 31.66 34.20
C ASN D 677 11.19 31.62 32.69
N HIS D 678 11.89 32.52 32.02
CA HIS D 678 11.80 32.72 30.58
C HIS D 678 13.07 32.17 29.94
N ASN D 679 12.94 31.68 28.71
CA ASN D 679 14.08 31.13 28.01
C ASN D 679 14.40 31.87 26.72
N GLY D 680 13.58 32.83 26.31
CA GLY D 680 13.80 33.54 25.08
C GLY D 680 13.78 35.03 25.30
N PHE D 681 14.80 35.73 24.82
CA PHE D 681 14.96 37.16 25.07
C PHE D 681 15.31 37.86 23.77
N PRO D 682 14.42 38.68 23.22
CA PRO D 682 14.80 39.50 22.08
C PRO D 682 15.76 40.59 22.50
N VAL D 683 16.79 40.81 21.67
CA VAL D 683 17.81 41.81 21.94
C VAL D 683 17.55 43.02 21.06
N VAL D 684 17.45 44.18 21.69
CA VAL D 684 16.92 45.36 21.01
C VAL D 684 17.96 46.47 20.90
N ALA D 693 13.61 51.10 20.89
CA ALA D 693 14.16 49.75 21.01
C ALA D 693 13.79 48.91 19.80
N ARG D 694 14.59 49.01 18.75
CA ARG D 694 14.34 48.26 17.53
C ARG D 694 14.87 46.85 17.67
N LEU D 695 14.11 45.89 17.15
CA LEU D 695 14.49 44.49 17.22
C LEU D 695 15.75 44.22 16.40
N GLN D 696 16.76 43.66 17.06
CA GLN D 696 17.99 43.25 16.40
C GLN D 696 18.10 41.74 16.25
N GLY D 697 17.47 40.98 17.14
CA GLY D 697 17.56 39.53 17.07
C GLY D 697 16.96 38.92 18.31
N LEU D 698 17.29 37.64 18.52
CA LEU D 698 16.83 36.96 19.73
C LEU D 698 17.93 36.07 20.27
N ILE D 699 18.02 36.01 21.60
CA ILE D 699 19.01 35.20 22.30
C ILE D 699 18.25 34.24 23.22
N LEU D 700 18.85 33.08 23.46
CA LEU D 700 18.27 32.08 24.34
C LEU D 700 18.97 32.07 25.69
N ARG D 701 18.31 31.45 26.67
CA ARG D 701 18.85 31.37 28.02
C ARG D 701 20.06 30.44 28.09
N SER D 702 20.05 29.36 27.32
CA SER D 702 21.15 28.41 27.37
C SER D 702 22.42 28.98 26.73
N GLN D 703 22.25 29.66 25.60
CA GLN D 703 23.37 30.33 24.92
C GLN D 703 24.01 31.35 25.84
N LEU D 704 23.20 32.22 26.42
CA LEU D 704 23.66 33.30 27.27
C LEU D 704 24.10 32.83 28.66
N ILE D 705 23.89 31.56 29.00
CA ILE D 705 24.59 30.95 30.13
C ILE D 705 25.95 30.39 29.69
N VAL D 706 26.04 29.83 28.48
CA VAL D 706 27.32 29.40 27.95
C VAL D 706 28.23 30.62 27.66
N LEU D 707 27.64 31.78 27.34
CA LEU D 707 28.42 33.00 27.18
C LEU D 707 29.03 33.47 28.50
N LEU D 708 28.30 33.32 29.61
CA LEU D 708 28.80 33.76 30.90
C LEU D 708 29.77 32.77 31.52
N LYS D 709 29.71 31.51 31.12
CA LYS D 709 30.59 30.49 31.71
C LYS D 709 32.02 30.65 31.22
N HIS D 710 32.20 30.94 29.94
CA HIS D 710 33.52 31.14 29.38
C HIS D 710 34.00 32.58 29.48
N LYS D 711 33.22 33.44 30.16
CA LYS D 711 33.54 34.85 30.43
C LYS D 711 33.82 35.63 29.16
N VAL D 712 32.90 35.53 28.20
CA VAL D 712 33.09 36.17 26.90
C VAL D 712 32.68 37.62 27.04
N PHE D 713 33.62 38.48 27.42
CA PHE D 713 33.36 39.87 27.73
C PHE D 713 34.06 40.75 26.68
N VAL D 714 34.05 42.05 26.91
CA VAL D 714 34.74 43.00 26.04
C VAL D 714 35.92 43.49 26.88
N GLU D 715 36.40 42.63 27.77
CA GLU D 715 37.59 42.93 28.56
C GLU D 715 38.60 41.79 28.47
N LEU D 726 35.55 30.01 20.87
CA LEU D 726 34.11 29.82 20.77
C LEU D 726 33.72 29.67 19.32
N ARG D 727 33.54 28.43 18.85
CA ARG D 727 33.22 28.21 17.45
C ARG D 727 32.14 27.14 17.29
N LEU D 728 31.10 27.23 18.12
CA LEU D 728 29.83 26.48 18.11
C LEU D 728 30.04 25.03 18.58
N LYS D 729 31.29 24.64 18.82
CA LYS D 729 31.58 23.42 19.57
C LYS D 729 31.16 23.57 21.02
N ASP D 730 31.34 24.77 21.58
CA ASP D 730 31.13 25.01 23.00
C ASP D 730 29.66 25.17 23.35
N PHE D 731 28.85 25.69 22.44
CA PHE D 731 27.41 25.78 22.63
C PHE D 731 26.70 24.46 22.43
N ARG D 732 27.43 23.43 22.03
CA ARG D 732 26.90 22.11 21.80
C ARG D 732 27.62 21.10 22.67
N ASP D 733 28.62 21.56 23.43
CA ASP D 733 29.36 20.71 24.37
C ASP D 733 28.50 20.33 25.56
N ALA D 734 27.86 21.31 26.19
CA ALA D 734 27.06 21.12 27.38
C ALA D 734 25.59 20.92 27.05
N TYR D 735 25.32 20.22 25.94
CA TYR D 735 24.03 20.39 25.27
C TYR D 735 22.85 19.74 26.02
N PRO D 736 22.89 18.48 26.45
CA PRO D 736 21.80 18.04 27.32
C PRO D 736 22.03 18.63 28.71
N ARG D 737 20.98 19.25 29.26
CA ARG D 737 20.94 19.76 30.63
C ARG D 737 22.01 20.82 30.86
N PHE D 738 21.79 21.96 30.21
CA PHE D 738 22.58 23.16 30.45
C PHE D 738 22.51 23.55 31.93
N PRO D 739 23.60 24.09 32.50
CA PRO D 739 23.61 24.35 33.93
C PRO D 739 22.77 25.57 34.28
N PRO D 740 22.26 25.66 35.50
CA PRO D 740 21.43 26.81 35.88
C PRO D 740 22.27 28.05 36.10
N ILE D 741 21.57 29.16 36.32
CA ILE D 741 22.23 30.40 36.70
C ILE D 741 22.69 30.34 38.16
N GLN D 742 22.12 29.46 38.96
CA GLN D 742 22.64 29.17 40.30
C GLN D 742 23.69 28.07 40.28
N SER D 743 24.65 28.18 39.37
CA SER D 743 25.83 27.32 39.34
C SER D 743 27.04 28.07 38.83
N ILE D 744 26.92 29.37 38.60
CA ILE D 744 27.90 30.17 37.88
C ILE D 744 28.11 31.47 38.65
N HIS D 745 29.37 31.77 38.96
CA HIS D 745 29.70 32.83 39.91
C HIS D 745 30.32 33.99 39.16
N VAL D 746 29.66 35.16 39.25
CA VAL D 746 30.14 36.39 38.66
C VAL D 746 30.55 37.31 39.81
N SER D 747 31.79 37.77 39.78
CA SER D 747 32.27 38.68 40.80
C SER D 747 31.65 40.06 40.61
N GLN D 748 31.77 40.89 41.65
CA GLN D 748 31.21 42.24 41.62
C GLN D 748 31.94 43.12 40.61
N ASP D 749 33.22 42.84 40.36
CA ASP D 749 33.96 43.58 39.35
C ASP D 749 33.54 43.20 37.94
N GLU D 750 33.05 41.97 37.76
CA GLU D 750 32.61 41.50 36.46
C GLU D 750 31.15 41.81 36.17
N ARG D 751 30.44 42.40 37.10
CA ARG D 751 29.05 42.79 36.84
C ARG D 751 28.94 44.17 36.22
N GLU D 752 30.06 44.86 36.02
CA GLU D 752 30.05 46.17 35.38
C GLU D 752 30.60 46.15 33.96
N CYS D 753 31.11 45.02 33.50
CA CYS D 753 31.62 44.96 32.14
C CYS D 753 30.47 44.64 31.18
N THR D 754 30.80 44.53 29.89
CA THR D 754 29.82 44.46 28.82
C THR D 754 29.96 43.12 28.10
N MET D 755 28.84 42.55 27.65
CA MET D 755 28.85 41.32 26.89
C MET D 755 28.14 41.59 25.56
N ASP D 756 28.91 41.70 24.49
CA ASP D 756 28.34 41.94 23.16
C ASP D 756 27.69 40.65 22.65
N LEU D 757 26.39 40.72 22.37
CA LEU D 757 25.60 39.58 21.94
C LEU D 757 25.38 39.55 20.43
N SER D 758 26.19 40.30 19.69
CA SER D 758 25.89 40.58 18.28
C SER D 758 26.19 39.40 17.37
N GLU D 759 27.14 38.55 17.75
CA GLU D 759 27.49 37.39 16.94
C GLU D 759 26.96 36.09 17.50
N PHE D 760 26.28 36.14 18.64
CA PHE D 760 25.74 34.94 19.25
C PHE D 760 24.23 34.85 19.18
N MET D 761 23.56 35.93 18.78
CA MET D 761 22.11 35.99 18.66
C MET D 761 21.66 35.48 17.31
N ASN D 762 20.42 35.03 17.26
CA ASN D 762 19.71 34.76 16.02
C ASN D 762 19.41 36.09 15.35
N PRO D 763 20.09 36.46 14.26
CA PRO D 763 19.94 37.82 13.73
C PRO D 763 18.63 38.04 12.99
N SER D 764 17.97 36.97 12.54
CA SER D 764 16.71 37.09 11.81
C SER D 764 15.65 36.21 12.45
N PRO D 765 15.07 36.62 13.57
CA PRO D 765 13.94 35.89 14.13
C PRO D 765 12.67 36.16 13.34
N TYR D 766 11.73 35.25 13.46
CA TYR D 766 10.44 35.40 12.80
C TYR D 766 9.59 36.41 13.55
N THR D 767 8.94 37.30 12.80
CA THR D 767 8.08 38.33 13.37
C THR D 767 6.72 38.30 12.69
N VAL D 768 5.70 38.73 13.44
CA VAL D 768 4.39 39.02 12.88
C VAL D 768 4.05 40.46 13.23
N PRO D 769 3.26 41.15 12.41
CA PRO D 769 2.76 42.45 12.82
C PRO D 769 1.72 42.32 13.91
N GLN D 770 1.44 43.45 14.55
CA GLN D 770 0.50 43.50 15.66
C GLN D 770 -0.94 43.26 15.20
N GLU D 771 -1.22 43.45 13.91
CA GLU D 771 -2.55 43.32 13.34
C GLU D 771 -2.75 41.99 12.62
N ALA D 772 -1.77 41.09 12.67
CA ALA D 772 -1.89 39.80 12.00
C ALA D 772 -2.91 38.93 12.71
N SER D 773 -3.74 38.24 11.92
CA SER D 773 -4.78 37.41 12.48
C SER D 773 -4.18 36.16 13.13
N LEU D 774 -4.95 35.58 14.04
CA LEU D 774 -4.54 34.38 14.78
C LEU D 774 -4.35 33.14 13.90
N PRO D 775 -5.15 32.86 12.85
CA PRO D 775 -4.74 31.76 11.95
C PRO D 775 -3.47 32.03 11.17
N ARG D 776 -3.12 33.28 10.91
CA ARG D 776 -1.84 33.56 10.25
C ARG D 776 -0.68 33.31 11.20
N VAL D 777 -0.82 33.66 12.48
CA VAL D 777 0.27 33.46 13.42
C VAL D 777 0.30 32.04 13.98
N PHE D 778 -0.80 31.29 13.91
CA PHE D 778 -0.78 29.89 14.34
C PHE D 778 0.01 29.03 13.38
N LYS D 779 -0.02 29.36 12.09
CA LYS D 779 0.55 28.48 11.08
C LYS D 779 2.01 28.77 10.77
N LEU D 780 2.50 29.97 11.03
CA LEU D 780 3.94 30.15 11.09
C LEU D 780 4.55 29.43 12.27
N PHE D 781 3.81 29.37 13.38
CA PHE D 781 4.37 28.82 14.60
C PHE D 781 4.44 27.30 14.54
N ARG D 782 3.35 26.65 14.11
CA ARG D 782 3.25 25.20 14.10
C ARG D 782 4.09 24.57 12.99
N ALA D 783 4.05 25.15 11.78
CA ALA D 783 4.70 24.50 10.63
C ALA D 783 6.21 24.64 10.71
N LEU D 784 6.72 25.86 10.60
CA LEU D 784 8.11 26.12 10.97
C LEU D 784 8.14 26.14 12.48
N GLY D 785 8.57 25.04 13.10
CA GLY D 785 8.28 24.85 14.51
C GLY D 785 9.04 25.78 15.46
N LEU D 786 8.34 26.79 15.95
CA LEU D 786 8.97 27.89 16.65
C LEU D 786 8.92 27.67 18.15
N ARG D 787 9.70 28.48 18.85
CA ARG D 787 9.61 28.54 20.30
C ARG D 787 9.21 29.93 20.79
N HIS D 788 9.74 30.98 20.18
CA HIS D 788 9.42 32.35 20.56
C HIS D 788 9.18 33.17 19.30
N LEU D 789 7.99 33.76 19.18
CA LEU D 789 7.59 34.56 18.02
C LEU D 789 7.38 36.00 18.45
N VAL D 790 8.14 36.91 17.88
CA VAL D 790 8.14 38.31 18.28
C VAL D 790 7.04 39.06 17.53
N VAL D 791 6.29 39.89 18.25
CA VAL D 791 5.30 40.78 17.67
C VAL D 791 5.86 42.18 17.68
N VAL D 792 5.82 42.85 16.51
CA VAL D 792 6.44 44.15 16.33
C VAL D 792 5.40 45.17 15.86
N ASP D 793 5.75 46.44 16.03
CA ASP D 793 5.05 47.57 15.44
C ASP D 793 5.39 47.71 13.96
N ASN D 794 4.86 48.76 13.34
CA ASN D 794 5.34 49.21 12.04
C ASN D 794 6.51 50.19 12.17
N ARG D 795 7.04 50.35 13.38
CA ARG D 795 8.27 51.06 13.67
C ARG D 795 9.40 50.07 13.96
N ASN D 796 9.12 48.77 13.81
CA ASN D 796 9.96 47.64 14.21
C ASN D 796 10.27 47.71 15.71
N GLN D 797 9.29 48.13 16.50
CA GLN D 797 9.40 48.25 17.94
C GLN D 797 8.77 47.02 18.58
N VAL D 798 9.50 46.36 19.47
CA VAL D 798 9.05 45.10 20.07
C VAL D 798 7.89 45.36 21.01
N VAL D 799 6.72 44.81 20.68
CA VAL D 799 5.54 44.88 21.54
C VAL D 799 4.89 43.50 21.53
N GLY D 800 5.21 42.68 22.52
CA GLY D 800 4.58 41.38 22.67
C GLY D 800 5.49 40.25 22.23
N LEU D 801 5.18 39.06 22.75
CA LEU D 801 5.95 37.85 22.46
C LEU D 801 4.98 36.67 22.50
N VAL D 802 5.11 35.75 21.55
CA VAL D 802 4.18 34.64 21.39
C VAL D 802 4.94 33.33 21.52
N THR D 803 4.49 32.47 22.42
CA THR D 803 5.03 31.12 22.52
C THR D 803 3.90 30.09 22.58
N ARG D 804 4.25 28.83 22.89
CA ARG D 804 3.31 27.72 22.84
C ARG D 804 2.17 27.85 23.85
N LYS D 805 2.45 28.39 25.04
CA LYS D 805 1.41 28.51 26.06
C LYS D 805 0.41 29.61 25.70
N ASP D 806 0.89 30.70 25.11
CA ASP D 806 0.08 31.83 24.70
C ASP D 806 -0.83 31.52 23.53
N LEU D 807 -0.70 30.34 22.95
CA LEU D 807 -1.19 30.06 21.62
C LEU D 807 -1.85 28.69 21.55
N ALA D 808 -1.87 27.94 22.65
CA ALA D 808 -2.66 26.72 22.79
C ALA D 808 -3.73 26.82 23.87
N ARG D 809 -3.86 27.97 24.53
CA ARG D 809 -4.86 28.16 25.58
C ARG D 809 -6.21 28.60 25.05
N TYR D 810 -6.34 28.80 23.75
CA TYR D 810 -7.62 29.17 23.16
C TYR D 810 -8.31 27.95 22.57
C1 NAG E . -0.12 -31.48 -29.44
C2 NAG E . -0.63 -30.95 -28.11
C3 NAG E . 0.52 -30.37 -27.29
C4 NAG E . 1.65 -31.38 -27.15
C5 NAG E . 2.07 -31.89 -28.52
C6 NAG E . 3.10 -32.98 -28.47
C7 NAG E . -2.93 -30.09 -27.93
C8 NAG E . -3.85 -28.96 -28.24
N2 NAG E . -1.66 -29.95 -28.32
O3 NAG E . 0.02 -29.98 -26.02
O4 NAG E . 2.78 -30.80 -26.52
O5 NAG E . 0.92 -32.43 -29.21
O6 NAG E . 3.22 -33.65 -29.72
O7 NAG E . -3.31 -31.09 -27.34
C1 NAG E . 2.90 -31.19 -25.14
C2 NAG E . 4.37 -31.34 -24.77
C3 NAG E . 4.52 -31.65 -23.28
C4 NAG E . 3.81 -30.57 -22.45
C5 NAG E . 2.35 -30.49 -22.88
C6 NAG E . 1.60 -29.38 -22.18
C7 NAG E . 6.18 -32.22 -26.19
C8 NAG E . 6.69 -33.39 -26.96
N2 NAG E . 5.01 -32.38 -25.56
O3 NAG E . 5.90 -31.68 -22.93
O4 NAG E . 3.89 -30.89 -21.07
O5 NAG E . 2.29 -30.21 -24.29
O6 NAG E . 0.71 -28.72 -23.06
O7 NAG E . 6.79 -31.15 -26.14
C1 NAG F . -14.97 -38.23 12.76
C2 NAG F . -14.20 -37.42 11.72
C3 NAG F . -15.01 -36.19 11.29
C4 NAG F . -16.40 -36.61 10.80
C5 NAG F . -17.08 -37.41 11.91
C6 NAG F . -18.43 -37.95 11.52
C7 NAG F . -11.76 -37.59 11.88
C8 NAG F . -10.51 -37.05 12.52
N2 NAG F . -12.90 -37.01 12.23
O3 NAG F . -14.28 -35.50 10.28
O4 NAG F . -17.20 -35.46 10.54
O5 NAG F . -16.27 -38.55 12.25
O6 NAG F . -18.79 -39.07 12.30
O7 NAG F . -11.72 -38.51 11.07
C1 NAG F . -17.29 -35.02 9.18
C2 NAG F . -18.38 -33.96 9.13
C3 NAG F . -18.45 -33.29 7.76
C4 NAG F . -17.08 -32.78 7.33
C5 NAG F . -16.08 -33.93 7.38
C6 NAG F . -14.66 -33.48 7.06
C7 NAG F . -20.27 -34.33 10.66
C8 NAG F . -21.61 -34.98 10.83
N2 NAG F . -19.67 -34.53 9.49
O3 NAG F . -19.36 -32.21 7.82
O4 NAG F . -17.15 -32.26 6.01
O5 NAG F . -16.05 -34.48 8.70
O6 NAG F . -14.10 -32.75 8.15
O7 NAG F . -19.76 -33.65 11.54
PG ATP G . 5.38 37.15 -10.93
O1G ATP G . 5.68 37.51 -12.37
O2G ATP G . 6.44 36.27 -10.33
O3G ATP G . 4.00 36.61 -10.75
PB ATP G . 5.47 40.06 -10.54
O1B ATP G . 4.58 40.25 -11.71
O2B ATP G . 5.27 40.89 -9.33
O3B ATP G . 5.44 38.52 -10.11
PA ATP G . 7.65 40.69 -12.40
O1A ATP G . 7.54 42.17 -12.50
O2A ATP G . 7.08 39.85 -13.50
O3A ATP G . 6.99 40.21 -11.02
O5' ATP G . 9.19 40.29 -12.16
C5' ATP G . 10.21 41.05 -12.84
C4' ATP G . 11.20 41.58 -11.83
O4' ATP G . 10.63 42.75 -11.19
C3' ATP G . 11.59 40.63 -10.69
O3' ATP G . 12.99 40.66 -10.45
C2' ATP G . 10.78 41.14 -9.51
O2' ATP G . 11.41 40.88 -8.26
C1' ATP G . 10.72 42.63 -9.79
N9 ATP G . 9.57 43.29 -9.20
C8 ATP G . 8.31 42.76 -9.00
N7 ATP G . 7.50 43.62 -8.43
C5 ATP G . 8.25 44.76 -8.23
C6 ATP G . 7.96 46.01 -7.67
N6 ATP G . 6.77 46.35 -7.18
N1 ATP G . 8.96 46.93 -7.64
C2 ATP G . 10.16 46.59 -8.14
N3 ATP G . 10.55 45.44 -8.68
C4 ATP G . 9.54 44.57 -8.70
CL CL H . 2.12 6.73 -20.17
CL CL I . 4.17 10.78 -19.11
PG ATP J . 8.88 27.46 26.80
O1G ATP J . 7.46 27.64 26.34
O2G ATP J . 8.98 27.33 28.30
O3G ATP J . 9.57 26.34 26.07
PB ATP J . 9.75 30.26 27.03
O1B ATP J . 10.70 30.23 28.17
O2B ATP J . 9.97 31.24 25.90
O3B ATP J . 9.65 28.80 26.40
PA ATP J . 7.83 30.61 29.20
O1A ATP J . 8.47 31.85 29.71
O2A ATP J . 8.04 29.37 29.98
O3A ATP J . 8.30 30.40 27.67
O5' ATP J . 6.26 30.87 29.01
C5' ATP J . 5.48 31.41 30.10
C4' ATP J . 5.04 32.82 29.76
O4' ATP J . 6.20 33.69 29.68
C3' ATP J . 4.29 33.00 28.43
O3' ATP J . 3.17 33.86 28.61
C2' ATP J . 5.34 33.67 27.55
O2' ATP J . 4.83 34.39 26.46
C1' ATP J . 6.06 34.54 28.57
N9 ATP J . 7.38 34.95 28.13
C8 ATP J . 8.36 34.16 27.60
N7 ATP J . 9.45 34.83 27.31
C5 ATP J . 9.16 36.14 27.68
C6 ATP J . 9.91 37.33 27.62
N6 ATP J . 11.15 37.40 27.18
N1 ATP J . 9.31 38.45 28.08
C2 ATP J . 8.05 38.38 28.53
N3 ATP J . 7.26 37.31 28.63
C4 ATP J . 7.88 36.22 28.18
CL CL K . -1.39 2.10 22.12
CL CL L . -0.86 -2.22 20.74
#